data_1COU
#
_entry.id   1COU
#
_cell.length_a   1.000
_cell.length_b   1.000
_cell.length_c   1.000
_cell.angle_alpha   90.00
_cell.angle_beta   90.00
_cell.angle_gamma   90.00
#
_symmetry.space_group_name_H-M   'P 1'
#
_entity_poly.entity_id   1
_entity_poly.type   'polypeptide(L)'
_entity_poly.pdbx_seq_one_letter_code
;KATMQCGENEKYDSCGSKECDKKCKYDGVEEEDDEEPNVPCLVRVCHQDCVCEEGFYRNKDDKCVSAEDCELDNMDFIYP
GTRNP
;
_entity_poly.pdbx_strand_id   A
#
# COMPACT_ATOMS: atom_id res chain seq x y z
N LYS A 1 -10.40 11.72 5.60
CA LYS A 1 -9.24 10.82 5.64
C LYS A 1 -8.79 10.44 4.23
N ALA A 2 -7.46 10.41 4.01
CA ALA A 2 -6.84 10.29 2.70
C ALA A 2 -7.50 11.17 1.62
N THR A 3 -7.90 12.38 2.02
CA THR A 3 -8.35 13.47 1.16
C THR A 3 -7.26 14.54 1.30
N MET A 4 -6.05 14.21 0.85
CA MET A 4 -4.86 14.99 1.12
C MET A 4 -4.59 14.97 2.64
N GLN A 5 -4.99 13.87 3.30
CA GLN A 5 -4.91 13.64 4.74
C GLN A 5 -4.62 12.15 4.96
N CYS A 6 -3.51 11.65 4.42
CA CYS A 6 -3.13 10.24 4.51
C CYS A 6 -2.48 9.97 5.87
N GLY A 7 -1.80 8.83 6.04
CA GLY A 7 -1.23 8.44 7.32
C GLY A 7 0.05 9.21 7.67
N GLU A 8 -0.01 10.54 7.71
CA GLU A 8 0.97 11.48 8.21
C GLU A 8 2.32 11.42 7.47
N ASN A 9 3.06 10.32 7.60
CA ASN A 9 4.25 10.08 6.77
C ASN A 9 3.79 9.69 5.36
N GLU A 10 3.24 10.69 4.66
CA GLU A 10 2.67 10.61 3.33
C GLU A 10 3.46 11.48 2.35
N LYS A 11 3.05 11.49 1.09
CA LYS A 11 3.65 12.27 0.02
C LYS A 11 2.52 12.63 -0.96
N TYR A 12 2.55 13.85 -1.49
CA TYR A 12 1.66 14.25 -2.57
C TYR A 12 1.93 13.37 -3.79
N ASP A 13 0.89 12.88 -4.47
CA ASP A 13 1.04 12.16 -5.72
C ASP A 13 -0.12 12.49 -6.65
N SER A 14 0.20 12.72 -7.92
CA SER A 14 -0.79 12.93 -8.97
C SER A 14 -1.46 11.62 -9.39
N CYS A 15 -1.86 10.75 -8.44
CA CYS A 15 -2.50 9.49 -8.76
C CYS A 15 -3.17 8.85 -7.54
N GLY A 16 -4.38 9.33 -7.21
CA GLY A 16 -5.24 8.71 -6.23
C GLY A 16 -4.82 9.02 -4.79
N SER A 17 -5.70 8.66 -3.85
CA SER A 17 -5.51 8.73 -2.42
C SER A 17 -4.68 7.56 -1.87
N LYS A 18 -4.25 6.64 -2.75
CA LYS A 18 -3.63 5.38 -2.37
C LYS A 18 -2.65 4.88 -3.43
N GLU A 19 -3.03 4.95 -4.72
CA GLU A 19 -2.38 4.33 -5.89
C GLU A 19 -2.03 2.84 -5.75
N CYS A 20 -2.08 2.23 -4.55
CA CYS A 20 -1.55 0.91 -4.28
C CYS A 20 -0.16 0.71 -4.90
N ASP A 21 0.61 1.80 -4.95
CA ASP A 21 1.94 1.82 -5.55
C ASP A 21 2.84 0.89 -4.74
N LYS A 22 3.19 1.28 -3.52
CA LYS A 22 3.85 0.40 -2.57
C LYS A 22 2.77 -0.26 -1.72
N LYS A 23 1.85 -1.01 -2.34
CA LYS A 23 0.89 -1.82 -1.58
C LYS A 23 1.68 -2.93 -0.89
N CYS A 24 1.38 -3.20 0.39
CA CYS A 24 1.98 -4.32 1.11
C CYS A 24 1.64 -5.64 0.41
N LYS A 25 2.49 -6.03 -0.53
CA LYS A 25 2.32 -7.12 -1.48
C LYS A 25 2.27 -8.55 -0.92
N TYR A 26 1.38 -8.83 0.03
CA TYR A 26 1.09 -10.20 0.44
C TYR A 26 -0.41 -10.39 0.53
N ASP A 27 -0.88 -11.56 0.13
CA ASP A 27 -2.31 -11.88 0.16
C ASP A 27 -2.74 -12.51 1.48
N GLY A 28 -3.16 -11.71 2.47
CA GLY A 28 -3.80 -12.21 3.68
C GLY A 28 -2.80 -12.69 4.72
N VAL A 29 -1.91 -13.59 4.33
CA VAL A 29 -0.85 -14.10 5.16
C VAL A 29 0.47 -13.86 4.44
N GLU A 30 1.45 -13.33 5.18
CA GLU A 30 2.80 -13.00 4.72
C GLU A 30 3.43 -14.06 3.82
N GLU A 31 3.16 -15.34 4.07
CA GLU A 31 3.64 -16.44 3.23
C GLU A 31 3.27 -16.19 1.77
N GLU A 32 2.04 -15.75 1.49
CA GLU A 32 1.55 -15.49 0.15
C GLU A 32 2.04 -14.11 -0.33
N ASP A 33 3.36 -13.89 -0.29
CA ASP A 33 4.01 -12.69 -0.80
C ASP A 33 4.11 -12.81 -2.33
N ASP A 34 2.95 -12.99 -2.98
CA ASP A 34 2.86 -13.35 -4.40
C ASP A 34 2.42 -12.17 -5.25
N GLU A 35 1.24 -11.62 -4.98
CA GLU A 35 0.61 -10.64 -5.85
C GLU A 35 1.49 -9.38 -5.99
N GLU A 36 1.71 -8.93 -7.22
CA GLU A 36 2.35 -7.65 -7.48
C GLU A 36 1.49 -6.55 -6.83
N PRO A 37 2.10 -5.46 -6.35
CA PRO A 37 1.34 -4.30 -5.91
C PRO A 37 0.74 -3.58 -7.13
N ASN A 38 -0.12 -2.58 -6.90
CA ASN A 38 -0.84 -1.81 -7.90
C ASN A 38 -1.77 -2.66 -8.75
N VAL A 39 -1.22 -3.52 -9.63
CA VAL A 39 -1.92 -4.37 -10.59
C VAL A 39 -3.28 -4.92 -10.09
N PRO A 40 -3.36 -5.65 -8.96
CA PRO A 40 -4.63 -6.20 -8.50
C PRO A 40 -5.61 -5.12 -8.02
N CYS A 41 -5.09 -3.99 -7.54
CA CYS A 41 -5.86 -2.95 -6.86
C CYS A 41 -6.38 -1.88 -7.82
N LEU A 42 -5.50 -1.34 -8.67
CA LEU A 42 -5.74 -0.30 -9.66
C LEU A 42 -6.90 0.62 -9.28
N VAL A 43 -6.68 1.55 -8.36
CA VAL A 43 -7.68 2.56 -8.01
C VAL A 43 -7.99 3.44 -9.23
N ARG A 44 -9.07 3.13 -9.95
CA ARG A 44 -9.52 3.86 -11.13
C ARG A 44 -9.59 5.37 -10.85
N VAL A 45 -10.08 5.76 -9.67
CA VAL A 45 -10.20 7.14 -9.24
C VAL A 45 -8.82 7.72 -8.89
N CYS A 46 -7.87 7.67 -9.82
CA CYS A 46 -6.49 8.10 -9.57
C CYS A 46 -6.37 9.62 -9.70
N HIS A 47 -7.26 10.37 -9.03
CA HIS A 47 -7.19 11.82 -8.99
C HIS A 47 -6.04 12.23 -8.09
N GLN A 48 -5.34 13.33 -8.39
CA GLN A 48 -4.26 13.80 -7.54
C GLN A 48 -4.69 13.89 -6.07
N ASP A 49 -3.80 13.51 -5.15
CA ASP A 49 -4.09 13.49 -3.71
C ASP A 49 -2.79 13.20 -2.95
N CYS A 50 -2.89 12.66 -1.74
CA CYS A 50 -1.77 12.14 -0.96
C CYS A 50 -1.70 10.63 -1.16
N VAL A 51 -0.50 10.06 -1.02
CA VAL A 51 -0.24 8.64 -1.05
C VAL A 51 0.81 8.35 0.03
N CYS A 52 0.88 7.10 0.49
CA CYS A 52 1.95 6.60 1.35
C CYS A 52 3.32 7.01 0.79
N GLU A 53 4.12 7.66 1.64
CA GLU A 53 5.42 8.21 1.30
C GLU A 53 6.28 7.23 0.51
N GLU A 54 6.90 7.75 -0.56
CA GLU A 54 7.84 7.04 -1.42
C GLU A 54 9.06 6.64 -0.59
N GLY A 55 8.91 5.56 0.16
CA GLY A 55 9.85 5.13 1.17
C GLY A 55 9.36 3.87 1.88
N PHE A 56 8.06 3.77 2.17
CA PHE A 56 7.51 2.64 2.89
C PHE A 56 6.28 2.09 2.17
N TYR A 57 5.62 1.08 2.74
CA TYR A 57 4.50 0.39 2.14
C TYR A 57 3.19 0.75 2.82
N ARG A 58 2.12 0.93 2.04
CA ARG A 58 0.81 1.05 2.64
C ARG A 58 0.40 -0.35 3.08
N ASN A 59 0.36 -0.55 4.40
CA ASN A 59 -0.21 -1.73 5.00
C ASN A 59 -1.64 -2.00 4.48
N LYS A 60 -2.55 -1.06 4.73
CA LYS A 60 -3.98 -1.18 4.51
C LYS A 60 -4.55 0.21 4.21
N ASP A 61 -5.00 0.94 5.23
CA ASP A 61 -5.66 2.24 5.09
C ASP A 61 -4.63 3.36 4.88
N ASP A 62 -3.80 3.22 3.84
CA ASP A 62 -2.71 4.10 3.48
C ASP A 62 -1.89 4.59 4.68
N LYS A 63 -1.53 3.67 5.59
CA LYS A 63 -0.58 3.95 6.66
C LYS A 63 0.77 3.47 6.13
N CYS A 64 1.60 4.39 5.65
CA CYS A 64 2.93 4.05 5.21
C CYS A 64 3.75 3.52 6.39
N VAL A 65 4.14 2.24 6.32
CA VAL A 65 4.99 1.57 7.30
C VAL A 65 5.87 0.61 6.52
N SER A 66 6.99 0.16 7.08
CA SER A 66 7.80 -0.82 6.38
C SER A 66 7.00 -2.11 6.16
N ALA A 67 7.32 -2.86 5.10
CA ALA A 67 6.78 -4.20 4.93
C ALA A 67 7.04 -5.01 6.21
N GLU A 68 8.20 -4.79 6.84
CA GLU A 68 8.54 -5.37 8.12
C GLU A 68 7.41 -5.19 9.13
N ASP A 69 6.82 -3.99 9.19
CA ASP A 69 5.67 -3.72 10.05
C ASP A 69 4.47 -4.49 9.53
N CYS A 70 4.20 -4.39 8.22
CA CYS A 70 3.04 -5.03 7.61
C CYS A 70 2.97 -6.53 7.94
N GLU A 71 4.11 -7.23 7.89
CA GLU A 71 4.21 -8.64 8.24
C GLU A 71 3.79 -8.94 9.69
N LEU A 72 3.79 -7.94 10.57
CA LEU A 72 3.33 -8.05 11.96
C LEU A 72 1.88 -7.62 12.03
N ASP A 73 1.56 -6.54 11.31
CA ASP A 73 0.20 -6.06 11.07
C ASP A 73 -0.69 -7.17 10.51
N ASN A 74 -0.09 -8.27 10.03
CA ASN A 74 -0.78 -9.51 9.67
C ASN A 74 -1.75 -9.97 10.77
N MET A 75 -1.51 -9.60 12.03
CA MET A 75 -2.50 -9.82 13.09
C MET A 75 -3.89 -9.31 12.66
N ASP A 76 -3.92 -8.17 11.97
CA ASP A 76 -5.08 -7.61 11.30
C ASP A 76 -4.95 -7.83 9.77
N PHE A 77 -4.63 -9.07 9.39
CA PHE A 77 -4.61 -9.65 8.05
C PHE A 77 -4.81 -8.67 6.89
N ILE A 78 -3.73 -8.29 6.22
CA ILE A 78 -3.81 -7.49 5.01
C ILE A 78 -4.30 -8.45 3.92
N TYR A 79 -5.63 -8.57 3.78
CA TYR A 79 -6.31 -9.57 2.96
C TYR A 79 -7.00 -9.06 1.69
N PRO A 80 -6.26 -8.88 0.57
CA PRO A 80 -6.81 -8.64 -0.74
C PRO A 80 -7.94 -9.63 -1.05
N GLY A 81 -7.63 -10.93 -1.04
CA GLY A 81 -8.59 -12.02 -1.14
C GLY A 81 -9.36 -11.98 -2.47
N THR A 82 -10.39 -11.14 -2.53
CA THR A 82 -11.13 -10.83 -3.74
C THR A 82 -10.48 -9.59 -4.36
N ARG A 83 -10.73 -8.44 -3.76
CA ARG A 83 -10.07 -7.18 -4.08
C ARG A 83 -10.29 -6.17 -2.94
N ASN A 84 -9.88 -6.54 -1.72
CA ASN A 84 -9.87 -5.66 -0.55
C ASN A 84 -8.41 -5.38 -0.14
N PRO A 85 -7.66 -4.58 -0.92
CA PRO A 85 -6.23 -4.41 -0.70
C PRO A 85 -5.97 -3.62 0.57
N LYS A 1 -9.27 12.00 4.73
CA LYS A 1 -7.94 12.40 4.21
C LYS A 1 -8.02 13.75 3.48
N ALA A 2 -6.89 14.43 3.36
CA ALA A 2 -6.77 15.62 2.53
C ALA A 2 -6.60 15.18 1.07
N THR A 3 -6.38 16.13 0.15
CA THR A 3 -6.16 15.84 -1.26
C THR A 3 -4.66 15.70 -1.52
N MET A 4 -3.97 16.82 -1.74
CA MET A 4 -2.52 16.84 -1.93
C MET A 4 -1.83 16.83 -0.58
N GLN A 5 -2.25 17.82 0.19
CA GLN A 5 -1.75 18.25 1.49
C GLN A 5 -2.08 17.27 2.62
N CYS A 6 -1.82 15.98 2.41
CA CYS A 6 -1.98 14.94 3.41
C CYS A 6 -0.72 14.96 4.28
N GLY A 7 0.44 14.56 3.72
CA GLY A 7 1.75 14.73 4.33
C GLY A 7 2.06 13.71 5.44
N GLU A 8 1.12 13.51 6.37
CA GLU A 8 1.32 12.70 7.56
C GLU A 8 1.44 11.22 7.16
N ASN A 9 2.63 10.80 6.73
CA ASN A 9 2.96 9.50 6.14
C ASN A 9 2.41 9.42 4.71
N GLU A 10 1.18 9.90 4.51
CA GLU A 10 0.55 10.03 3.22
C GLU A 10 1.22 11.12 2.37
N LYS A 11 2.38 10.83 1.79
CA LYS A 11 3.09 11.80 0.95
C LYS A 11 2.35 12.06 -0.37
N TYR A 12 2.51 13.28 -0.89
CA TYR A 12 1.96 13.70 -2.17
C TYR A 12 2.51 12.84 -3.31
N ASP A 13 1.71 12.62 -4.35
CA ASP A 13 2.17 12.03 -5.61
C ASP A 13 1.17 12.35 -6.72
N SER A 14 1.69 12.42 -7.94
CA SER A 14 0.90 12.54 -9.15
C SER A 14 0.25 11.20 -9.49
N CYS A 15 -0.47 10.57 -8.54
CA CYS A 15 -1.18 9.33 -8.79
C CYS A 15 -2.26 9.00 -7.75
N GLY A 16 -3.28 9.88 -7.63
CA GLY A 16 -4.49 9.59 -6.88
C GLY A 16 -4.33 9.39 -5.37
N SER A 17 -5.47 9.07 -4.75
CA SER A 17 -5.71 8.96 -3.32
C SER A 17 -5.42 7.54 -2.83
N LYS A 18 -4.16 7.25 -2.51
CA LYS A 18 -3.65 5.91 -2.19
C LYS A 18 -3.66 5.00 -3.42
N GLU A 19 -4.87 4.78 -3.97
CA GLU A 19 -5.20 3.91 -5.08
C GLU A 19 -4.42 2.60 -5.05
N CYS A 20 -4.32 2.01 -3.85
CA CYS A 20 -3.59 0.78 -3.59
C CYS A 20 -2.27 0.73 -4.38
N ASP A 21 -1.55 1.87 -4.43
CA ASP A 21 -0.25 1.95 -5.07
C ASP A 21 0.76 1.23 -4.20
N LYS A 22 1.09 1.82 -3.04
CA LYS A 22 1.93 1.17 -2.05
C LYS A 22 1.06 0.24 -1.20
N LYS A 23 0.43 -0.74 -1.84
CA LYS A 23 -0.33 -1.76 -1.14
C LYS A 23 0.62 -2.69 -0.40
N CYS A 24 0.31 -3.03 0.86
CA CYS A 24 1.10 -4.01 1.60
C CYS A 24 0.96 -5.39 0.95
N LYS A 25 2.09 -6.07 0.75
CA LYS A 25 2.16 -7.38 0.13
C LYS A 25 1.86 -8.45 1.20
N TYR A 26 1.24 -9.57 0.81
CA TYR A 26 0.77 -10.58 1.75
C TYR A 26 0.91 -12.04 1.26
N ASP A 27 1.34 -12.26 0.01
CA ASP A 27 1.38 -13.55 -0.71
C ASP A 27 1.30 -14.79 0.19
N GLY A 28 2.36 -15.07 0.95
CA GLY A 28 2.42 -16.05 2.02
C GLY A 28 1.08 -16.46 2.63
N VAL A 29 0.34 -15.47 3.15
CA VAL A 29 -0.99 -15.66 3.73
C VAL A 29 -2.04 -15.45 2.64
N GLU A 30 -1.94 -14.35 1.88
CA GLU A 30 -2.85 -14.07 0.79
C GLU A 30 -2.48 -14.96 -0.40
N GLU A 31 -2.66 -16.27 -0.27
CA GLU A 31 -2.19 -17.24 -1.26
C GLU A 31 -2.86 -17.07 -2.64
N GLU A 32 -3.99 -16.36 -2.68
CA GLU A 32 -4.61 -15.93 -3.94
C GLU A 32 -3.61 -15.13 -4.77
N ASP A 33 -2.73 -14.38 -4.10
CA ASP A 33 -1.69 -13.53 -4.66
C ASP A 33 -2.28 -12.55 -5.68
N ASP A 34 -3.41 -11.95 -5.32
CA ASP A 34 -4.04 -10.89 -6.10
C ASP A 34 -3.23 -9.61 -5.91
N GLU A 35 -3.06 -9.21 -4.65
CA GLU A 35 -2.34 -8.02 -4.23
C GLU A 35 -2.66 -6.79 -5.11
N GLU A 36 -3.95 -6.59 -5.41
CA GLU A 36 -4.48 -5.41 -6.08
C GLU A 36 -3.71 -5.02 -7.35
N PRO A 37 -3.96 -5.72 -8.49
CA PRO A 37 -3.33 -5.44 -9.77
C PRO A 37 -3.44 -3.96 -10.16
N ASN A 38 -2.33 -3.22 -10.07
CA ASN A 38 -2.30 -1.77 -10.20
C ASN A 38 -2.86 -1.22 -11.51
N VAL A 39 -2.82 -1.96 -12.62
CA VAL A 39 -3.41 -1.47 -13.87
C VAL A 39 -4.84 -0.92 -13.63
N PRO A 40 -5.79 -1.72 -13.14
CA PRO A 40 -7.07 -1.21 -12.67
C PRO A 40 -6.94 -0.53 -11.29
N CYS A 41 -6.24 -1.13 -10.32
CA CYS A 41 -6.24 -0.68 -8.92
C CYS A 41 -5.81 0.79 -8.75
N LEU A 42 -4.86 1.29 -9.57
CA LEU A 42 -4.45 2.69 -9.55
C LEU A 42 -5.60 3.64 -9.87
N VAL A 43 -6.65 3.13 -10.53
CA VAL A 43 -7.80 3.91 -11.02
C VAL A 43 -7.36 4.78 -12.20
N ARG A 44 -8.26 4.94 -13.19
CA ARG A 44 -7.96 5.76 -14.36
C ARG A 44 -7.61 7.20 -13.96
N VAL A 45 -8.42 7.81 -13.09
CA VAL A 45 -8.18 9.15 -12.58
C VAL A 45 -7.10 9.14 -11.49
N CYS A 46 -5.90 8.66 -11.82
CA CYS A 46 -4.76 8.70 -10.91
C CYS A 46 -4.23 10.14 -10.85
N HIS A 47 -5.02 11.05 -10.28
CA HIS A 47 -4.77 12.48 -10.34
C HIS A 47 -3.94 12.96 -9.15
N GLN A 48 -3.12 13.98 -9.36
CA GLN A 48 -2.39 14.75 -8.34
C GLN A 48 -3.08 14.76 -6.97
N ASP A 49 -2.55 13.99 -6.02
CA ASP A 49 -3.17 13.79 -4.72
C ASP A 49 -2.13 13.16 -3.78
N CYS A 50 -2.50 12.27 -2.86
CA CYS A 50 -1.56 11.71 -1.88
C CYS A 50 -1.60 10.18 -1.84
N VAL A 51 -0.41 9.58 -1.85
CA VAL A 51 -0.15 8.14 -1.73
C VAL A 51 0.44 7.93 -0.34
N CYS A 52 1.58 7.22 -0.21
CA CYS A 52 2.30 7.10 1.04
C CYS A 52 3.80 7.21 0.82
N GLU A 53 4.53 7.44 1.93
CA GLU A 53 5.95 7.72 1.92
C GLU A 53 6.74 6.68 1.14
N GLU A 54 7.88 7.10 0.59
CA GLU A 54 8.76 6.32 -0.26
C GLU A 54 9.39 5.15 0.51
N GLY A 55 8.60 4.10 0.74
CA GLY A 55 8.99 2.90 1.47
C GLY A 55 7.97 2.51 2.54
N PHE A 56 6.91 3.31 2.73
CA PHE A 56 5.81 2.98 3.63
C PHE A 56 4.69 2.40 2.78
N TYR A 57 4.02 1.37 3.28
CA TYR A 57 2.99 0.63 2.54
C TYR A 57 1.74 0.59 3.39
N ARG A 58 0.56 0.77 2.78
CA ARG A 58 -0.68 0.78 3.52
C ARG A 58 -0.98 -0.62 4.06
N ASN A 59 -0.50 -0.93 5.26
CA ASN A 59 -0.80 -2.18 5.92
C ASN A 59 -2.24 -2.13 6.42
N LYS A 60 -3.05 -3.16 6.09
CA LYS A 60 -4.43 -3.32 6.51
C LYS A 60 -5.23 -2.01 6.54
N ASP A 61 -5.50 -1.48 7.74
CA ASP A 61 -6.37 -0.32 7.96
C ASP A 61 -5.63 0.99 7.65
N ASP A 62 -5.20 1.16 6.40
CA ASP A 62 -4.37 2.26 5.92
C ASP A 62 -3.23 2.62 6.89
N LYS A 63 -2.63 1.61 7.53
CA LYS A 63 -1.46 1.83 8.37
C LYS A 63 -0.25 1.94 7.45
N CYS A 64 -0.08 3.13 6.86
CA CYS A 64 1.11 3.44 6.08
C CYS A 64 2.30 3.59 7.01
N VAL A 65 2.99 2.48 7.23
CA VAL A 65 4.28 2.43 7.92
C VAL A 65 5.23 1.64 7.02
N SER A 66 6.52 1.68 7.36
CA SER A 66 7.61 1.09 6.60
C SER A 66 7.32 -0.35 6.19
N ALA A 67 7.73 -0.73 4.97
CA ALA A 67 7.65 -2.09 4.42
C ALA A 67 7.86 -3.16 5.48
N GLU A 68 8.89 -2.96 6.29
CA GLU A 68 9.27 -3.77 7.43
C GLU A 68 8.05 -4.24 8.23
N ASP A 69 7.18 -3.30 8.65
CA ASP A 69 6.00 -3.62 9.45
C ASP A 69 5.06 -4.52 8.64
N CYS A 70 4.69 -4.06 7.44
CA CYS A 70 3.84 -4.80 6.51
C CYS A 70 4.32 -6.25 6.37
N GLU A 71 5.62 -6.41 6.13
CA GLU A 71 6.25 -7.72 5.96
C GLU A 71 6.13 -8.53 7.24
N LEU A 72 6.70 -8.04 8.35
CA LEU A 72 6.66 -8.76 9.62
C LEU A 72 5.23 -9.19 9.97
N ASP A 73 4.28 -8.28 9.85
CA ASP A 73 2.88 -8.49 10.18
C ASP A 73 2.26 -9.67 9.41
N ASN A 74 2.81 -10.01 8.24
CA ASN A 74 2.34 -11.13 7.45
C ASN A 74 2.66 -12.48 8.11
N MET A 75 3.67 -12.54 8.98
CA MET A 75 4.09 -13.71 9.76
C MET A 75 4.83 -14.73 8.90
N ASP A 76 4.25 -15.11 7.77
CA ASP A 76 4.90 -15.94 6.76
C ASP A 76 6.03 -15.17 6.09
N PHE A 77 5.80 -13.88 5.84
CA PHE A 77 6.72 -12.90 5.27
C PHE A 77 6.70 -12.91 3.75
N ILE A 78 5.50 -13.05 3.17
CA ILE A 78 5.19 -12.88 1.77
C ILE A 78 5.84 -13.95 0.89
N TYR A 79 7.14 -13.81 0.67
CA TYR A 79 7.91 -14.56 -0.30
C TYR A 79 7.67 -16.07 -0.25
N PRO A 80 7.69 -16.73 0.93
CA PRO A 80 7.46 -18.15 1.03
C PRO A 80 6.12 -18.64 0.46
N GLY A 81 5.15 -17.75 0.21
CA GLY A 81 3.95 -18.12 -0.54
C GLY A 81 4.34 -18.77 -1.87
N THR A 82 5.49 -18.37 -2.42
CA THR A 82 6.16 -19.01 -3.54
C THR A 82 6.77 -20.35 -3.09
N ARG A 83 5.93 -21.27 -2.61
CA ARG A 83 6.26 -22.59 -2.09
C ARG A 83 7.04 -22.55 -0.77
N ASN A 84 8.21 -21.89 -0.75
CA ASN A 84 9.14 -21.94 0.38
C ASN A 84 10.10 -20.74 0.42
N PRO A 85 10.90 -20.45 -0.63
CA PRO A 85 11.73 -19.26 -0.65
C PRO A 85 10.84 -18.01 -0.72
N LYS A 1 -10.31 14.47 -6.55
CA LYS A 1 -9.17 15.36 -6.27
C LYS A 1 -9.16 15.78 -4.79
N ALA A 2 -8.57 14.95 -3.93
CA ALA A 2 -8.49 15.23 -2.51
C ALA A 2 -7.32 16.19 -2.24
N THR A 3 -7.47 17.41 -2.75
CA THR A 3 -6.58 18.55 -2.65
C THR A 3 -5.12 18.17 -2.34
N MET A 4 -4.76 18.19 -1.05
CA MET A 4 -3.50 17.70 -0.51
C MET A 4 -3.83 16.90 0.75
N GLN A 5 -4.52 15.77 0.55
CA GLN A 5 -5.13 14.92 1.57
C GLN A 5 -4.33 14.71 2.87
N CYS A 6 -2.99 14.72 2.83
CA CYS A 6 -2.13 14.44 3.97
C CYS A 6 -0.66 14.69 3.57
N GLY A 7 0.26 14.72 4.55
CA GLY A 7 1.65 15.08 4.33
C GLY A 7 2.55 14.64 5.48
N GLU A 8 2.65 13.32 5.70
CA GLU A 8 3.50 12.68 6.69
C GLU A 8 4.11 11.41 6.04
N ASN A 9 4.03 10.25 6.70
CA ASN A 9 4.36 8.95 6.12
C ASN A 9 3.46 8.71 4.91
N GLU A 10 2.15 8.88 5.12
CA GLU A 10 1.18 8.94 4.05
C GLU A 10 1.34 10.36 3.52
N LYS A 11 1.45 10.57 2.21
CA LYS A 11 1.81 11.87 1.64
C LYS A 11 1.01 12.15 0.37
N TYR A 12 0.55 13.38 0.20
CA TYR A 12 -0.06 13.87 -1.04
C TYR A 12 0.85 13.61 -2.25
N ASP A 13 0.26 13.09 -3.32
CA ASP A 13 0.86 12.97 -4.64
C ASP A 13 -0.24 13.09 -5.69
N SER A 14 0.12 13.54 -6.88
CA SER A 14 -0.82 13.78 -7.97
C SER A 14 -1.31 12.49 -8.63
N CYS A 15 -1.72 11.46 -7.87
CA CYS A 15 -2.14 10.21 -8.51
C CYS A 15 -3.00 9.24 -7.68
N GLY A 16 -4.22 9.67 -7.35
CA GLY A 16 -5.25 8.80 -6.78
C GLY A 16 -4.98 8.24 -5.38
N SER A 17 -6.03 7.63 -4.84
CA SER A 17 -6.12 7.11 -3.48
C SER A 17 -5.16 5.93 -3.28
N LYS A 18 -3.88 6.21 -3.05
CA LYS A 18 -2.84 5.20 -2.86
C LYS A 18 -2.79 4.23 -4.04
N GLU A 19 -3.02 4.75 -5.26
CA GLU A 19 -3.16 4.03 -6.54
C GLU A 19 -2.05 2.99 -6.70
N CYS A 20 -2.28 1.78 -6.18
CA CYS A 20 -1.32 0.70 -6.00
C CYS A 20 0.07 1.19 -5.56
N ASP A 21 0.13 2.29 -4.81
CA ASP A 21 1.39 2.86 -4.39
C ASP A 21 1.88 2.08 -3.17
N LYS A 22 2.97 1.34 -3.35
CA LYS A 22 3.55 0.46 -2.34
C LYS A 22 2.47 -0.31 -1.56
N LYS A 23 1.68 -1.09 -2.30
CA LYS A 23 0.77 -2.05 -1.72
C LYS A 23 1.61 -3.22 -1.18
N CYS A 24 1.42 -3.57 0.09
CA CYS A 24 2.03 -4.77 0.66
C CYS A 24 1.35 -6.01 0.04
N LYS A 25 1.85 -7.23 0.28
CA LYS A 25 1.21 -8.47 -0.13
C LYS A 25 1.40 -9.53 0.97
N TYR A 26 0.30 -9.91 1.62
CA TYR A 26 0.27 -10.82 2.77
C TYR A 26 -1.16 -11.22 3.11
N ASP A 27 -2.08 -10.26 3.00
CA ASP A 27 -3.52 -10.33 3.24
C ASP A 27 -3.95 -11.31 4.34
N GLY A 28 -4.15 -12.60 4.04
CA GLY A 28 -4.68 -13.55 5.01
C GLY A 28 -6.13 -13.22 5.35
N VAL A 29 -6.33 -12.33 6.31
CA VAL A 29 -7.61 -11.77 6.71
C VAL A 29 -7.74 -10.33 6.21
N GLU A 30 -6.63 -9.61 6.02
CA GLU A 30 -6.65 -8.21 5.60
C GLU A 30 -7.07 -8.11 4.14
N GLU A 31 -8.37 -8.25 3.88
CA GLU A 31 -8.98 -8.22 2.55
C GLU A 31 -8.51 -7.02 1.72
N GLU A 32 -8.35 -5.87 2.39
CA GLU A 32 -7.86 -4.64 1.80
C GLU A 32 -6.54 -4.82 1.03
N ASP A 33 -5.77 -5.85 1.37
CA ASP A 33 -4.46 -6.12 0.83
C ASP A 33 -4.50 -7.15 -0.32
N ASP A 34 -5.69 -7.66 -0.69
CA ASP A 34 -5.85 -8.47 -1.89
C ASP A 34 -7.14 -8.14 -2.64
N GLU A 35 -8.31 -8.48 -2.08
CA GLU A 35 -9.58 -8.32 -2.78
C GLU A 35 -10.07 -6.88 -2.62
N GLU A 36 -9.29 -5.93 -3.14
CA GLU A 36 -9.60 -4.50 -3.14
C GLU A 36 -9.06 -3.92 -4.45
N PRO A 37 -9.89 -3.26 -5.27
CA PRO A 37 -9.52 -2.67 -6.55
C PRO A 37 -8.16 -1.95 -6.59
N ASN A 38 -7.78 -1.28 -5.49
CA ASN A 38 -6.49 -0.59 -5.42
C ASN A 38 -5.32 -1.54 -5.66
N VAL A 39 -5.40 -2.77 -5.14
CA VAL A 39 -4.27 -3.69 -5.15
C VAL A 39 -3.79 -3.94 -6.59
N PRO A 40 -4.61 -4.44 -7.53
CA PRO A 40 -4.25 -4.53 -8.94
C PRO A 40 -4.39 -3.17 -9.66
N CYS A 41 -4.04 -2.06 -9.00
CA CYS A 41 -4.06 -0.70 -9.53
C CYS A 41 -5.30 -0.34 -10.37
N LEU A 42 -6.47 -0.88 -10.02
CA LEU A 42 -7.67 -0.72 -10.85
C LEU A 42 -8.22 0.71 -10.72
N VAL A 43 -8.00 1.34 -9.55
CA VAL A 43 -8.50 2.68 -9.26
C VAL A 43 -7.76 3.75 -10.07
N ARG A 44 -8.01 3.80 -11.39
CA ARG A 44 -7.31 4.67 -12.34
C ARG A 44 -7.61 6.18 -12.16
N VAL A 45 -8.17 6.58 -11.01
CA VAL A 45 -8.49 7.97 -10.71
C VAL A 45 -7.21 8.69 -10.27
N CYS A 46 -6.26 8.84 -11.19
CA CYS A 46 -4.95 9.45 -10.95
C CYS A 46 -5.09 10.96 -10.77
N HIS A 47 -5.79 11.37 -9.72
CA HIS A 47 -5.98 12.76 -9.34
C HIS A 47 -5.44 12.92 -7.93
N GLN A 48 -4.76 14.03 -7.68
CA GLN A 48 -4.30 14.51 -6.38
C GLN A 48 -5.03 13.87 -5.18
N ASP A 49 -4.29 13.08 -4.40
CA ASP A 49 -4.77 12.41 -3.19
C ASP A 49 -3.51 11.91 -2.48
N CYS A 50 -3.62 11.12 -1.42
CA CYS A 50 -2.44 10.58 -0.76
C CYS A 50 -1.98 9.27 -1.36
N VAL A 51 -0.67 9.04 -1.21
CA VAL A 51 0.05 7.81 -1.47
C VAL A 51 0.94 7.59 -0.25
N CYS A 52 1.90 6.66 -0.28
CA CYS A 52 2.88 6.49 0.78
C CYS A 52 4.21 7.06 0.32
N GLU A 53 4.96 7.72 1.21
CA GLU A 53 6.33 8.06 0.91
C GLU A 53 7.06 6.72 0.72
N GLU A 54 7.75 6.57 -0.41
CA GLU A 54 8.34 5.33 -0.93
C GLU A 54 8.82 4.32 0.12
N GLY A 55 9.53 4.75 1.16
CA GLY A 55 10.05 3.86 2.20
C GLY A 55 8.97 3.02 2.89
N PHE A 56 7.71 3.48 2.84
CA PHE A 56 6.58 2.91 3.55
C PHE A 56 5.61 2.23 2.58
N TYR A 57 4.88 1.22 3.06
CA TYR A 57 3.89 0.48 2.29
C TYR A 57 2.53 0.65 2.95
N ARG A 58 1.48 0.87 2.17
CA ARG A 58 0.12 0.93 2.73
C ARG A 58 -0.27 -0.49 3.15
N ASN A 59 -0.10 -0.79 4.44
CA ASN A 59 -0.29 -2.14 4.97
C ASN A 59 -1.69 -2.65 4.66
N LYS A 60 -2.70 -1.80 4.79
CA LYS A 60 -4.08 -2.18 4.49
C LYS A 60 -4.98 -0.95 4.30
N ASP A 61 -4.93 -0.01 5.24
CA ASP A 61 -5.86 1.11 5.31
C ASP A 61 -5.06 2.42 5.39
N ASP A 62 -4.42 2.77 4.27
CA ASP A 62 -3.42 3.84 4.19
C ASP A 62 -2.42 3.81 5.36
N LYS A 63 -2.19 2.62 5.92
CA LYS A 63 -1.26 2.41 7.02
C LYS A 63 0.14 2.36 6.43
N CYS A 64 0.63 3.53 6.02
CA CYS A 64 1.92 3.67 5.36
C CYS A 64 3.05 3.42 6.34
N VAL A 65 3.49 2.16 6.47
CA VAL A 65 4.70 1.79 7.19
C VAL A 65 5.37 0.66 6.41
N SER A 66 6.69 0.52 6.49
CA SER A 66 7.47 -0.35 5.62
C SER A 66 6.97 -1.80 5.60
N ALA A 67 7.30 -2.56 4.54
CA ALA A 67 6.94 -3.96 4.40
C ALA A 67 7.37 -4.77 5.63
N GLU A 68 8.51 -4.39 6.22
CA GLU A 68 8.97 -4.91 7.51
C GLU A 68 7.85 -4.82 8.56
N ASP A 69 7.26 -3.63 8.69
CA ASP A 69 6.18 -3.37 9.62
C ASP A 69 4.94 -4.15 9.20
N CYS A 70 4.59 -4.10 7.91
CA CYS A 70 3.38 -4.71 7.34
C CYS A 70 3.05 -6.09 7.90
N GLU A 71 4.05 -6.95 8.03
CA GLU A 71 3.85 -8.27 8.60
C GLU A 71 3.52 -8.15 10.10
N LEU A 72 4.42 -7.57 10.87
CA LEU A 72 4.30 -7.39 12.32
C LEU A 72 2.99 -6.68 12.69
N ASP A 73 2.52 -5.77 11.82
CA ASP A 73 1.29 -5.01 11.95
C ASP A 73 0.08 -5.93 12.15
N ASN A 74 0.14 -7.19 11.69
CA ASN A 74 -1.02 -8.06 11.64
C ASN A 74 -0.68 -9.49 12.09
N MET A 75 0.35 -10.09 11.47
CA MET A 75 0.77 -11.47 11.70
C MET A 75 -0.35 -12.48 11.46
N ASP A 76 -1.38 -12.10 10.71
CA ASP A 76 -2.56 -12.90 10.47
C ASP A 76 -2.28 -13.93 9.38
N PHE A 77 -1.48 -14.94 9.72
CA PHE A 77 -1.14 -16.08 8.87
C PHE A 77 -0.11 -15.72 7.79
N ILE A 78 -0.25 -14.56 7.14
CA ILE A 78 0.62 -14.10 6.07
C ILE A 78 0.44 -15.06 4.89
N TYR A 79 -0.70 -14.94 4.21
CA TYR A 79 -1.10 -15.83 3.12
C TYR A 79 -1.47 -14.99 1.89
N PRO A 80 -0.53 -14.72 0.97
CA PRO A 80 -0.79 -14.16 -0.33
C PRO A 80 -2.02 -14.78 -1.03
N GLY A 81 -3.09 -14.01 -1.16
CA GLY A 81 -4.34 -14.47 -1.76
C GLY A 81 -5.11 -15.41 -0.83
N THR A 82 -4.94 -15.24 0.48
CA THR A 82 -5.57 -15.97 1.57
C THR A 82 -5.45 -17.49 1.41
N ARG A 83 -6.27 -18.23 2.16
CA ARG A 83 -6.37 -19.69 2.18
C ARG A 83 -5.12 -20.38 2.72
N ASN A 84 -3.96 -20.22 2.07
CA ASN A 84 -2.70 -20.85 2.46
C ASN A 84 -1.48 -20.33 1.69
N PRO A 85 -1.51 -20.18 0.35
CA PRO A 85 -0.32 -19.78 -0.41
C PRO A 85 0.17 -18.39 0.02
N LYS A 1 -10.37 16.34 -2.19
CA LYS A 1 -9.08 15.65 -2.43
C LYS A 1 -7.95 16.38 -1.69
N ALA A 2 -6.97 15.63 -1.16
CA ALA A 2 -5.90 16.21 -0.38
C ALA A 2 -4.75 16.57 -1.32
N THR A 3 -4.55 17.87 -1.55
CA THR A 3 -3.40 18.39 -2.28
C THR A 3 -2.13 18.27 -1.43
N MET A 4 -1.02 18.88 -1.86
CA MET A 4 0.26 18.82 -1.18
C MET A 4 0.25 19.66 0.11
N GLN A 5 -0.48 19.17 1.12
CA GLN A 5 -0.70 19.81 2.42
C GLN A 5 -0.42 18.86 3.58
N CYS A 6 -0.43 17.55 3.32
CA CYS A 6 -0.36 16.51 4.35
C CYS A 6 1.07 16.36 4.88
N GLY A 7 1.57 17.38 5.59
CA GLY A 7 2.89 17.40 6.20
C GLY A 7 2.94 16.52 7.45
N GLU A 8 2.55 15.26 7.30
CA GLU A 8 2.70 14.19 8.26
C GLU A 8 3.55 13.12 7.57
N ASN A 9 3.33 11.83 7.82
CA ASN A 9 4.02 10.78 7.08
C ASN A 9 3.40 10.59 5.68
N GLU A 10 3.16 11.68 4.96
CA GLU A 10 2.55 11.64 3.64
C GLU A 10 3.32 12.54 2.67
N LYS A 11 3.07 12.33 1.38
CA LYS A 11 3.66 13.04 0.25
C LYS A 11 2.56 13.15 -0.81
N TYR A 12 2.60 14.19 -1.63
CA TYR A 12 1.70 14.34 -2.76
C TYR A 12 2.06 13.31 -3.83
N ASP A 13 1.08 12.51 -4.26
CA ASP A 13 1.23 11.57 -5.37
C ASP A 13 0.30 11.98 -6.51
N SER A 14 0.71 11.63 -7.73
CA SER A 14 -0.05 11.72 -8.96
C SER A 14 -1.02 10.53 -8.99
N CYS A 15 -0.65 9.47 -9.71
CA CYS A 15 -1.50 8.31 -9.96
C CYS A 15 -1.86 7.55 -8.67
N GLY A 16 -2.74 8.10 -7.82
CA GLY A 16 -3.15 7.30 -6.68
C GLY A 16 -3.84 8.01 -5.52
N SER A 17 -5.18 7.95 -5.50
CA SER A 17 -5.93 8.36 -4.32
C SER A 17 -5.88 7.15 -3.38
N LYS A 18 -4.69 6.88 -2.85
CA LYS A 18 -4.34 5.66 -2.11
C LYS A 18 -4.52 4.45 -3.04
N GLU A 19 -3.77 4.45 -4.15
CA GLU A 19 -3.73 3.35 -5.09
C GLU A 19 -3.09 2.10 -4.47
N CYS A 20 -3.06 1.03 -5.27
CA CYS A 20 -2.32 -0.20 -4.98
C CYS A 20 -0.81 0.05 -4.86
N ASP A 21 -0.35 1.18 -5.37
CA ASP A 21 1.00 1.71 -5.18
C ASP A 21 1.44 1.45 -3.74
N LYS A 22 2.46 0.63 -3.53
CA LYS A 22 2.99 0.26 -2.23
C LYS A 22 1.91 -0.04 -1.16
N LYS A 23 0.86 -0.79 -1.51
CA LYS A 23 -0.24 -1.12 -0.58
C LYS A 23 0.08 -2.09 0.56
N CYS A 24 1.32 -2.58 0.70
CA CYS A 24 1.70 -3.56 1.73
C CYS A 24 3.16 -3.99 1.58
N LYS A 25 3.45 -4.76 0.52
CA LYS A 25 4.67 -5.48 0.23
C LYS A 25 5.10 -6.35 1.42
N TYR A 26 4.74 -7.62 1.40
CA TYR A 26 5.18 -8.56 2.43
C TYR A 26 6.69 -8.75 2.32
N ASP A 27 7.13 -9.47 1.29
CA ASP A 27 8.50 -9.89 1.05
C ASP A 27 8.50 -10.83 -0.15
N GLY A 28 8.16 -12.10 0.10
CA GLY A 28 8.13 -13.15 -0.91
C GLY A 28 6.69 -13.58 -1.17
N VAL A 29 5.94 -13.89 -0.11
CA VAL A 29 4.56 -14.36 -0.22
C VAL A 29 3.65 -13.16 -0.52
N GLU A 30 3.77 -12.64 -1.75
CA GLU A 30 2.91 -11.58 -2.23
C GLU A 30 1.52 -12.15 -2.52
N GLU A 31 0.67 -12.17 -1.48
CA GLU A 31 -0.75 -12.51 -1.61
C GLU A 31 -1.37 -11.76 -2.80
N GLU A 32 -1.00 -10.48 -2.97
CA GLU A 32 -1.33 -9.75 -4.17
C GLU A 32 -0.43 -10.30 -5.30
N ASP A 33 -0.89 -11.38 -5.94
CA ASP A 33 -0.15 -12.12 -6.97
C ASP A 33 0.00 -11.28 -8.25
N ASP A 34 0.88 -10.29 -8.16
CA ASP A 34 1.13 -9.19 -9.10
C ASP A 34 2.19 -8.25 -8.51
N GLU A 35 2.25 -8.18 -7.18
CA GLU A 35 3.01 -7.23 -6.39
C GLU A 35 2.25 -5.90 -6.41
N GLU A 36 2.96 -4.77 -6.37
CA GLU A 36 2.36 -3.46 -6.16
C GLU A 36 2.90 -2.43 -7.17
N PRO A 37 2.83 -2.72 -8.48
CA PRO A 37 3.30 -1.85 -9.54
C PRO A 37 2.36 -0.67 -9.81
N ASN A 38 1.21 -0.58 -9.13
CA ASN A 38 0.22 0.48 -9.28
C ASN A 38 -0.51 0.39 -10.62
N VAL A 39 0.19 0.70 -11.72
CA VAL A 39 -0.37 0.88 -13.05
C VAL A 39 -1.34 -0.25 -13.47
N PRO A 40 -0.88 -1.51 -13.61
CA PRO A 40 -1.78 -2.60 -13.98
C PRO A 40 -2.70 -3.01 -12.82
N CYS A 41 -2.22 -2.89 -11.58
CA CYS A 41 -2.97 -3.25 -10.37
C CYS A 41 -4.29 -2.48 -10.31
N LEU A 42 -4.21 -1.17 -10.62
CA LEU A 42 -5.30 -0.24 -10.85
C LEU A 42 -6.48 -0.32 -9.88
N VAL A 43 -6.40 0.40 -8.76
CA VAL A 43 -7.51 0.64 -7.84
C VAL A 43 -8.40 1.76 -8.40
N ARG A 44 -8.60 1.80 -9.72
CA ARG A 44 -9.35 2.82 -10.46
C ARG A 44 -8.75 4.23 -10.32
N VAL A 45 -8.79 4.81 -9.12
CA VAL A 45 -8.48 6.21 -8.85
C VAL A 45 -6.98 6.53 -8.92
N CYS A 46 -6.43 6.45 -10.14
CA CYS A 46 -5.10 6.94 -10.51
C CYS A 46 -5.21 8.46 -10.58
N HIS A 47 -5.53 9.05 -9.44
CA HIS A 47 -5.92 10.44 -9.32
C HIS A 47 -5.13 11.10 -8.19
N GLN A 48 -4.56 12.26 -8.53
CA GLN A 48 -3.76 13.11 -7.65
C GLN A 48 -4.31 13.15 -6.23
N ASP A 49 -3.45 12.94 -5.23
CA ASP A 49 -3.84 12.99 -3.83
C ASP A 49 -2.62 12.86 -2.93
N CYS A 50 -2.68 13.34 -1.70
CA CYS A 50 -1.65 13.05 -0.70
C CYS A 50 -1.82 11.59 -0.25
N VAL A 51 -0.70 10.88 -0.11
CA VAL A 51 -0.68 9.49 0.30
C VAL A 51 0.53 9.27 1.20
N CYS A 52 0.55 8.14 1.90
CA CYS A 52 1.68 7.63 2.67
C CYS A 52 3.02 7.89 1.97
N GLU A 53 4.00 8.41 2.73
CA GLU A 53 5.30 8.81 2.21
C GLU A 53 5.87 7.71 1.29
N GLU A 54 6.20 8.09 0.06
CA GLU A 54 6.72 7.21 -0.97
C GLU A 54 8.06 6.59 -0.53
N GLY A 55 7.95 5.51 0.23
CA GLY A 55 9.04 4.84 0.91
C GLY A 55 8.43 3.87 1.90
N PHE A 56 7.48 4.36 2.70
CA PHE A 56 6.65 3.52 3.54
C PHE A 56 5.57 2.90 2.65
N TYR A 57 5.08 1.73 3.05
CA TYR A 57 3.96 1.05 2.43
C TYR A 57 2.69 1.43 3.17
N ARG A 58 1.61 1.65 2.43
CA ARG A 58 0.30 1.99 2.99
C ARG A 58 -0.45 0.68 3.25
N ASN A 59 -0.08 -0.01 4.32
CA ASN A 59 -0.65 -1.32 4.64
C ASN A 59 -2.15 -1.17 4.97
N LYS A 60 -2.96 -2.09 4.46
CA LYS A 60 -4.40 -2.16 4.70
C LYS A 60 -5.09 -0.79 4.74
N ASP A 61 -5.52 -0.36 5.93
CA ASP A 61 -6.26 0.89 6.12
C ASP A 61 -5.29 2.08 6.11
N ASP A 62 -4.65 2.31 4.96
CA ASP A 62 -3.65 3.34 4.72
C ASP A 62 -2.65 3.53 5.87
N LYS A 63 -2.24 2.42 6.50
CA LYS A 63 -1.27 2.46 7.58
C LYS A 63 0.12 2.60 6.97
N CYS A 64 0.66 3.83 6.98
CA CYS A 64 2.06 4.10 6.64
C CYS A 64 3.04 3.34 7.53
N VAL A 65 3.48 2.17 7.08
CA VAL A 65 4.39 1.28 7.79
C VAL A 65 5.52 0.85 6.86
N SER A 66 6.45 0.03 7.34
CA SER A 66 7.45 -0.59 6.48
C SER A 66 6.86 -1.89 5.91
N ALA A 67 7.40 -2.35 4.78
CA ALA A 67 7.13 -3.66 4.21
C ALA A 67 7.18 -4.73 5.30
N GLU A 68 8.18 -4.62 6.18
CA GLU A 68 8.41 -5.49 7.32
C GLU A 68 7.13 -5.71 8.14
N ASP A 69 6.39 -4.63 8.44
CA ASP A 69 5.15 -4.74 9.18
C ASP A 69 4.17 -5.62 8.41
N CYS A 70 4.06 -5.38 7.11
CA CYS A 70 3.15 -6.16 6.29
C CYS A 70 3.61 -7.62 6.19
N GLU A 71 4.93 -7.86 6.16
CA GLU A 71 5.46 -9.22 6.24
C GLU A 71 4.90 -9.90 7.48
N LEU A 72 5.13 -9.29 8.65
CA LEU A 72 4.66 -9.80 9.92
C LEU A 72 3.16 -10.10 9.86
N ASP A 73 2.37 -9.09 9.45
CA ASP A 73 0.91 -9.07 9.36
C ASP A 73 0.20 -10.27 9.98
N ASN A 74 0.14 -11.39 9.26
CA ASN A 74 -0.63 -12.54 9.70
C ASN A 74 0.23 -13.48 10.56
N MET A 75 1.39 -13.93 10.06
CA MET A 75 2.22 -14.93 10.70
C MET A 75 3.71 -14.77 10.37
N ASP A 76 4.14 -13.67 9.75
CA ASP A 76 5.48 -13.49 9.18
C ASP A 76 5.70 -14.47 8.02
N PHE A 77 5.77 -15.76 8.33
CA PHE A 77 5.76 -16.84 7.37
C PHE A 77 4.32 -16.95 6.85
N ILE A 78 3.87 -15.93 6.10
CA ILE A 78 2.48 -15.74 5.70
C ILE A 78 1.80 -17.04 5.28
N TYR A 79 2.50 -17.78 4.43
CA TYR A 79 2.26 -19.15 4.01
C TYR A 79 3.68 -19.72 3.86
N PRO A 80 3.87 -21.04 3.62
CA PRO A 80 5.18 -21.61 3.38
C PRO A 80 5.94 -20.81 2.30
N GLY A 81 6.96 -20.07 2.72
CA GLY A 81 7.64 -19.08 1.90
C GLY A 81 8.35 -18.11 2.84
N THR A 82 8.77 -16.96 2.32
CA THR A 82 9.64 -16.01 3.00
C THR A 82 10.91 -16.74 3.47
N ARG A 83 11.22 -16.70 4.77
CA ARG A 83 12.39 -17.35 5.35
C ARG A 83 12.10 -18.85 5.55
N ASN A 84 11.62 -19.53 4.51
CA ASN A 84 11.13 -20.89 4.65
C ASN A 84 12.26 -21.83 5.04
N PRO A 85 12.09 -22.71 6.04
CA PRO A 85 13.05 -23.76 6.36
C PRO A 85 13.51 -24.54 5.13
N LYS A 1 7.14 16.37 -2.14
CA LYS A 1 6.41 17.45 -1.46
C LYS A 1 5.08 16.95 -0.90
N ALA A 2 4.50 17.68 0.06
CA ALA A 2 3.15 17.46 0.53
C ALA A 2 2.22 18.33 -0.31
N THR A 3 1.10 17.79 -0.78
CA THR A 3 0.05 18.53 -1.47
C THR A 3 -1.23 17.74 -1.26
N MET A 4 -2.41 18.36 -1.36
CA MET A 4 -3.67 17.74 -0.97
C MET A 4 -3.64 17.40 0.52
N GLN A 5 -4.46 16.43 0.96
CA GLN A 5 -4.66 16.17 2.38
C GLN A 5 -3.39 15.67 3.06
N CYS A 6 -2.81 14.57 2.56
CA CYS A 6 -1.71 13.82 3.18
C CYS A 6 -2.09 13.26 4.54
N GLY A 7 -2.25 14.12 5.55
CA GLY A 7 -2.68 13.76 6.89
C GLY A 7 -1.57 13.06 7.67
N GLU A 8 -1.20 11.86 7.24
CA GLU A 8 -0.17 11.04 7.87
C GLU A 8 1.17 11.23 7.14
N ASN A 9 2.11 10.31 7.35
CA ASN A 9 3.46 10.35 6.78
C ASN A 9 3.42 10.05 5.28
N GLU A 10 2.84 10.99 4.50
CA GLU A 10 2.56 10.86 3.09
C GLU A 10 3.29 11.92 2.27
N LYS A 11 3.48 11.65 0.97
CA LYS A 11 4.05 12.51 -0.04
C LYS A 11 3.12 12.50 -1.26
N TYR A 12 3.13 13.59 -2.02
CA TYR A 12 2.41 13.74 -3.26
C TYR A 12 2.75 12.61 -4.25
N ASP A 13 1.77 12.10 -4.99
CA ASP A 13 1.98 11.13 -6.05
C ASP A 13 0.87 11.26 -7.11
N SER A 14 1.22 11.05 -8.38
CA SER A 14 0.37 11.36 -9.54
C SER A 14 -0.51 10.22 -10.09
N CYS A 15 -1.17 9.40 -9.27
CA CYS A 15 -2.14 8.40 -9.78
C CYS A 15 -2.85 7.65 -8.65
N GLY A 16 -3.89 8.26 -8.08
CA GLY A 16 -4.76 7.67 -7.07
C GLY A 16 -4.79 8.55 -5.82
N SER A 17 -5.76 8.29 -4.94
CA SER A 17 -5.83 8.93 -3.64
C SER A 17 -4.73 8.32 -2.76
N LYS A 18 -5.10 7.39 -1.89
CA LYS A 18 -4.15 6.58 -1.15
C LYS A 18 -3.78 5.45 -2.09
N GLU A 19 -2.99 5.80 -3.10
CA GLU A 19 -2.64 4.98 -4.23
C GLU A 19 -2.39 3.53 -3.83
N CYS A 20 -3.06 2.61 -4.55
CA CYS A 20 -2.79 1.18 -4.46
C CYS A 20 -1.29 0.90 -4.55
N ASP A 21 -0.57 1.78 -5.26
CA ASP A 21 0.88 1.87 -5.32
C ASP A 21 1.54 1.47 -3.99
N LYS A 22 1.14 2.12 -2.90
CA LYS A 22 1.74 1.92 -1.59
C LYS A 22 1.04 0.86 -0.75
N LYS A 23 0.17 0.02 -1.31
CA LYS A 23 -0.55 -0.98 -0.51
C LYS A 23 0.43 -1.97 0.12
N CYS A 24 -0.02 -2.70 1.15
CA CYS A 24 0.78 -3.74 1.78
C CYS A 24 1.05 -4.87 0.78
N LYS A 25 2.12 -4.72 0.01
CA LYS A 25 2.66 -5.67 -0.96
C LYS A 25 3.90 -6.28 -0.31
N TYR A 26 3.98 -7.61 -0.24
CA TYR A 26 5.01 -8.27 0.55
C TYR A 26 5.40 -9.64 0.02
N ASP A 27 4.54 -10.64 0.21
CA ASP A 27 4.86 -12.03 -0.03
C ASP A 27 4.45 -12.47 -1.42
N GLY A 28 5.43 -12.71 -2.29
CA GLY A 28 5.16 -13.25 -3.62
C GLY A 28 4.34 -14.54 -3.51
N VAL A 29 4.85 -15.53 -2.79
CA VAL A 29 4.23 -16.85 -2.66
C VAL A 29 3.10 -16.82 -1.62
N GLU A 30 2.16 -15.91 -1.80
CA GLU A 30 0.93 -15.77 -1.02
C GLU A 30 0.04 -14.78 -1.77
N GLU A 31 0.63 -13.64 -2.15
CA GLU A 31 -0.02 -12.63 -2.96
C GLU A 31 -0.36 -13.21 -4.34
N GLU A 32 0.65 -13.78 -5.02
CA GLU A 32 0.54 -14.46 -6.31
C GLU A 32 -0.45 -13.78 -7.27
N ASP A 33 -0.33 -12.47 -7.45
CA ASP A 33 -1.31 -11.70 -8.22
C ASP A 33 -0.73 -10.36 -8.65
N ASP A 34 -0.78 -9.36 -7.76
CA ASP A 34 -0.46 -7.98 -8.09
C ASP A 34 1.03 -7.82 -8.43
N GLU A 35 1.88 -8.06 -7.42
CA GLU A 35 3.33 -7.99 -7.50
C GLU A 35 3.84 -6.56 -7.73
N GLU A 36 3.54 -5.96 -8.88
CA GLU A 36 3.78 -4.56 -9.18
C GLU A 36 2.49 -3.80 -8.90
N PRO A 37 2.43 -2.87 -7.93
CA PRO A 37 1.19 -2.24 -7.54
C PRO A 37 0.78 -1.08 -8.45
N ASN A 38 -0.42 -0.54 -8.19
CA ASN A 38 -1.06 0.55 -8.93
C ASN A 38 -1.46 0.17 -10.35
N VAL A 39 -0.50 -0.21 -11.20
CA VAL A 39 -0.73 -0.46 -12.61
C VAL A 39 -1.73 -1.60 -12.84
N PRO A 40 -1.40 -2.88 -12.58
CA PRO A 40 -2.37 -3.98 -12.71
C PRO A 40 -3.53 -3.81 -11.73
N CYS A 41 -3.29 -3.12 -10.62
CA CYS A 41 -4.32 -2.78 -9.64
C CYS A 41 -5.37 -1.82 -10.20
N LEU A 42 -5.08 -1.16 -11.34
CA LEU A 42 -5.96 -0.28 -12.09
C LEU A 42 -6.17 1.06 -11.41
N VAL A 43 -6.65 1.05 -10.17
CA VAL A 43 -7.11 2.22 -9.41
C VAL A 43 -8.43 2.76 -9.99
N ARG A 44 -8.44 3.08 -11.29
CA ARG A 44 -9.54 3.71 -12.01
C ARG A 44 -9.60 5.19 -11.64
N VAL A 45 -9.73 5.50 -10.34
CA VAL A 45 -9.68 6.85 -9.81
C VAL A 45 -8.24 7.38 -9.80
N CYS A 46 -7.54 7.30 -10.93
CA CYS A 46 -6.14 7.70 -11.09
C CYS A 46 -6.03 9.22 -11.16
N HIS A 47 -6.49 9.91 -10.11
CA HIS A 47 -6.26 11.33 -9.92
C HIS A 47 -5.07 11.47 -9.00
N GLN A 48 -4.13 12.36 -9.30
CA GLN A 48 -3.06 12.73 -8.40
C GLN A 48 -3.57 13.05 -7.00
N ASP A 49 -2.77 12.75 -5.96
CA ASP A 49 -3.08 13.03 -4.57
C ASP A 49 -1.83 12.86 -3.71
N CYS A 50 -1.97 12.39 -2.46
CA CYS A 50 -0.88 12.15 -1.51
C CYS A 50 -1.07 10.76 -0.91
N VAL A 51 0.03 10.02 -0.74
CA VAL A 51 0.02 8.65 -0.24
C VAL A 51 1.30 8.44 0.56
N CYS A 52 1.36 7.42 1.44
CA CYS A 52 2.51 7.10 2.28
C CYS A 52 3.84 7.35 1.57
N GLU A 53 4.78 8.00 2.25
CA GLU A 53 6.08 8.34 1.66
C GLU A 53 6.73 7.12 1.01
N GLU A 54 7.52 7.35 -0.05
CA GLU A 54 8.27 6.29 -0.72
C GLU A 54 9.11 5.51 0.30
N GLY A 55 8.91 4.18 0.37
CA GLY A 55 9.55 3.31 1.36
C GLY A 55 8.58 2.91 2.48
N PHE A 56 7.52 3.70 2.68
CA PHE A 56 6.44 3.46 3.62
C PHE A 56 5.23 2.97 2.83
N TYR A 57 4.37 2.16 3.46
CA TYR A 57 3.25 1.48 2.79
C TYR A 57 1.97 1.72 3.59
N ARG A 58 0.85 1.96 2.91
CA ARG A 58 -0.45 2.10 3.56
C ARG A 58 -0.95 0.72 3.98
N ASN A 59 -0.28 0.13 4.99
CA ASN A 59 -0.77 -1.11 5.57
C ASN A 59 -2.09 -0.82 6.30
N LYS A 60 -2.96 -1.84 6.37
CA LYS A 60 -4.31 -1.80 6.88
C LYS A 60 -5.09 -0.59 6.35
N ASP A 61 -5.03 0.54 7.04
CA ASP A 61 -5.60 1.80 6.62
C ASP A 61 -4.58 2.90 6.92
N ASP A 62 -3.84 3.32 5.89
CA ASP A 62 -2.77 4.32 5.95
C ASP A 62 -1.87 4.17 7.18
N LYS A 63 -1.57 2.93 7.60
CA LYS A 63 -0.56 2.72 8.62
C LYS A 63 0.79 2.85 7.92
N CYS A 64 1.19 4.10 7.64
CA CYS A 64 2.38 4.44 6.87
C CYS A 64 3.65 4.06 7.63
N VAL A 65 3.98 2.77 7.64
CA VAL A 65 5.23 2.21 8.13
C VAL A 65 5.86 1.39 7.00
N SER A 66 7.10 0.92 7.18
CA SER A 66 7.87 0.30 6.13
C SER A 66 7.38 -1.11 5.82
N ALA A 67 7.83 -1.64 4.66
CA ALA A 67 7.50 -2.97 4.17
C ALA A 67 7.64 -4.02 5.29
N GLU A 68 8.69 -3.88 6.09
CA GLU A 68 8.98 -4.69 7.27
C GLU A 68 7.72 -4.99 8.10
N ASP A 69 6.89 -3.97 8.35
CA ASP A 69 5.65 -4.15 9.10
C ASP A 69 4.67 -5.00 8.30
N CYS A 70 4.37 -4.58 7.07
CA CYS A 70 3.46 -5.27 6.18
C CYS A 70 3.82 -6.77 6.07
N GLU A 71 5.10 -7.06 5.83
CA GLU A 71 5.69 -8.39 5.76
C GLU A 71 5.31 -9.28 6.95
N LEU A 72 5.14 -8.69 8.15
CA LEU A 72 4.78 -9.39 9.36
C LEU A 72 3.53 -10.26 9.15
N ASP A 73 2.64 -9.86 8.23
CA ASP A 73 1.49 -10.65 7.82
C ASP A 73 1.86 -12.12 7.53
N ASN A 74 3.01 -12.36 6.89
CA ASN A 74 3.50 -13.71 6.61
C ASN A 74 4.73 -14.04 7.46
N MET A 75 5.79 -13.24 7.32
CA MET A 75 7.10 -13.41 7.98
C MET A 75 7.72 -14.80 7.85
N ASP A 76 7.21 -15.67 6.97
CA ASP A 76 7.64 -17.05 6.82
C ASP A 76 8.56 -17.15 5.61
N PHE A 77 7.99 -17.07 4.40
CA PHE A 77 8.73 -17.23 3.15
C PHE A 77 8.99 -15.88 2.52
N ILE A 78 7.93 -15.23 2.02
CA ILE A 78 7.94 -13.91 1.39
C ILE A 78 8.65 -13.88 0.02
N TYR A 79 9.95 -14.18 0.04
CA TYR A 79 10.98 -14.06 -0.98
C TYR A 79 11.90 -12.90 -0.57
N PRO A 80 13.22 -12.99 -0.82
CA PRO A 80 14.14 -11.91 -0.54
C PRO A 80 14.04 -10.82 -1.61
N GLY A 81 12.83 -10.32 -1.87
CA GLY A 81 12.56 -9.22 -2.77
C GLY A 81 12.16 -8.00 -1.94
N THR A 82 11.09 -8.15 -1.19
CA THR A 82 10.60 -7.15 -0.24
C THR A 82 11.40 -7.28 1.06
N ARG A 83 11.34 -8.45 1.69
CA ARG A 83 12.11 -8.76 2.88
C ARG A 83 13.58 -8.99 2.50
N ASN A 84 14.27 -7.90 2.12
CA ASN A 84 15.69 -7.93 1.74
C ASN A 84 16.29 -6.53 1.83
N PRO A 85 15.97 -5.58 0.94
CA PRO A 85 16.45 -4.22 1.06
C PRO A 85 15.91 -3.55 2.33
N LYS A 1 -8.90 12.95 -1.58
CA LYS A 1 -8.52 14.15 -2.34
C LYS A 1 -7.88 15.19 -1.41
N ALA A 2 -6.78 14.83 -0.75
CA ALA A 2 -6.10 15.70 0.21
C ALA A 2 -5.27 16.79 -0.49
N THR A 3 -5.94 17.60 -1.31
CA THR A 3 -5.39 18.61 -2.23
C THR A 3 -4.51 19.66 -1.54
N MET A 4 -3.31 19.25 -1.15
CA MET A 4 -2.33 20.00 -0.38
C MET A 4 -2.83 20.15 1.07
N GLN A 5 -3.37 19.05 1.62
CA GLN A 5 -3.80 18.98 3.02
C GLN A 5 -2.84 18.09 3.82
N CYS A 6 -2.58 16.87 3.35
CA CYS A 6 -1.83 15.90 4.14
C CYS A 6 -0.32 16.13 4.07
N GLY A 7 0.40 15.54 5.03
CA GLY A 7 1.86 15.57 5.09
C GLY A 7 2.34 14.74 6.29
N GLU A 8 2.19 13.41 6.20
CA GLU A 8 2.65 12.48 7.22
C GLU A 8 3.57 11.43 6.56
N ASN A 9 3.31 10.13 6.78
CA ASN A 9 3.97 9.05 6.03
C ASN A 9 3.66 9.17 4.54
N GLU A 10 2.61 9.92 4.22
CA GLU A 10 2.08 10.17 2.90
C GLU A 10 2.03 11.67 2.69
N LYS A 11 2.35 12.14 1.49
CA LYS A 11 2.37 13.56 1.13
C LYS A 11 1.35 13.81 0.02
N TYR A 12 0.82 15.03 -0.08
CA TYR A 12 -0.04 15.36 -1.20
C TYR A 12 0.73 15.17 -2.51
N ASP A 13 0.15 14.43 -3.46
CA ASP A 13 0.69 14.27 -4.80
C ASP A 13 -0.45 13.92 -5.76
N SER A 14 -0.15 13.13 -6.79
CA SER A 14 -0.99 12.85 -7.92
C SER A 14 -1.91 11.64 -7.70
N CYS A 15 -1.52 10.50 -8.29
CA CYS A 15 -2.30 9.27 -8.46
C CYS A 15 -2.97 8.65 -7.22
N GLY A 16 -4.03 9.29 -6.72
CA GLY A 16 -4.88 8.69 -5.71
C GLY A 16 -4.15 8.53 -4.38
N SER A 17 -4.69 7.69 -3.50
CA SER A 17 -4.05 7.34 -2.24
C SER A 17 -2.91 6.35 -2.51
N LYS A 18 -2.02 6.66 -3.45
CA LYS A 18 -1.02 5.74 -3.98
C LYS A 18 -1.73 4.44 -4.40
N GLU A 19 -2.75 4.57 -5.25
CA GLU A 19 -3.71 3.55 -5.62
C GLU A 19 -3.19 2.10 -5.68
N CYS A 20 -3.21 1.38 -4.55
CA CYS A 20 -2.70 0.03 -4.36
C CYS A 20 -1.34 -0.17 -5.04
N ASP A 21 -0.55 0.90 -5.11
CA ASP A 21 0.80 0.89 -5.63
C ASP A 21 1.72 0.65 -4.43
N LYS A 22 2.62 -0.33 -4.53
CA LYS A 22 3.43 -0.81 -3.43
C LYS A 22 2.66 -0.91 -2.10
N LYS A 23 1.58 -1.72 -2.10
CA LYS A 23 0.91 -2.06 -0.87
C LYS A 23 1.81 -3.03 -0.07
N CYS A 24 1.44 -3.36 1.16
CA CYS A 24 2.29 -4.11 2.09
C CYS A 24 3.05 -5.26 1.42
N LYS A 25 4.37 -5.06 1.26
CA LYS A 25 5.21 -5.93 0.46
C LYS A 25 5.63 -7.19 1.22
N TYR A 26 4.93 -8.28 0.93
CA TYR A 26 5.27 -9.64 1.34
C TYR A 26 6.19 -10.28 0.30
N ASP A 27 6.05 -9.86 -0.96
CA ASP A 27 6.66 -10.47 -2.14
C ASP A 27 6.00 -11.83 -2.32
N GLY A 28 6.77 -12.90 -2.53
CA GLY A 28 6.26 -14.26 -2.71
C GLY A 28 5.08 -14.32 -3.68
N VAL A 29 3.87 -14.37 -3.13
CA VAL A 29 2.64 -14.50 -3.91
C VAL A 29 2.37 -13.29 -4.79
N GLU A 30 2.94 -12.13 -4.47
CA GLU A 30 2.88 -10.94 -5.32
C GLU A 30 3.82 -11.11 -6.53
N GLU A 31 3.77 -12.25 -7.23
CA GLU A 31 4.70 -12.65 -8.27
C GLU A 31 6.16 -12.31 -7.91
N GLU A 32 6.51 -12.51 -6.64
CA GLU A 32 7.81 -12.17 -6.06
C GLU A 32 8.31 -10.76 -6.44
N ASP A 33 7.40 -9.80 -6.64
CA ASP A 33 7.74 -8.50 -7.22
C ASP A 33 6.76 -7.39 -6.85
N ASP A 34 5.46 -7.62 -7.03
CA ASP A 34 4.37 -6.64 -6.94
C ASP A 34 4.43 -5.69 -8.13
N GLU A 35 4.01 -6.16 -9.29
CA GLU A 35 3.92 -5.38 -10.52
C GLU A 35 2.70 -4.46 -10.51
N GLU A 36 2.60 -3.61 -9.49
CA GLU A 36 1.65 -2.53 -9.33
C GLU A 36 0.26 -2.81 -9.92
N PRO A 37 -0.56 -3.68 -9.31
CA PRO A 37 -1.85 -4.10 -9.84
C PRO A 37 -2.93 -3.03 -9.59
N ASN A 38 -2.65 -1.76 -9.86
CA ASN A 38 -3.49 -0.62 -9.48
C ASN A 38 -4.93 -0.80 -9.97
N VAL A 39 -5.07 -1.00 -11.29
CA VAL A 39 -6.35 -1.12 -11.96
C VAL A 39 -7.18 -2.30 -11.39
N PRO A 40 -6.71 -3.56 -11.48
CA PRO A 40 -7.47 -4.68 -10.93
C PRO A 40 -7.70 -4.53 -9.42
N CYS A 41 -6.76 -3.98 -8.67
CA CYS A 41 -6.87 -3.80 -7.22
C CYS A 41 -7.82 -2.66 -6.84
N LEU A 42 -9.02 -2.59 -7.45
CA LEU A 42 -10.15 -1.73 -7.10
C LEU A 42 -9.94 -0.23 -7.33
N VAL A 43 -8.87 0.36 -6.79
CA VAL A 43 -8.70 1.80 -6.77
C VAL A 43 -8.24 2.34 -8.12
N ARG A 44 -9.18 2.47 -9.06
CA ARG A 44 -8.93 3.19 -10.32
C ARG A 44 -8.74 4.70 -10.09
N VAL A 45 -9.06 5.20 -8.89
CA VAL A 45 -9.12 6.63 -8.57
C VAL A 45 -7.73 7.31 -8.52
N CYS A 46 -7.07 7.42 -9.69
CA CYS A 46 -5.76 8.05 -9.84
C CYS A 46 -5.86 9.58 -9.77
N HIS A 47 -6.48 10.10 -8.71
CA HIS A 47 -6.79 11.52 -8.59
C HIS A 47 -5.92 12.17 -7.51
N GLN A 48 -5.45 13.39 -7.80
CA GLN A 48 -4.78 14.32 -6.90
C GLN A 48 -5.09 14.06 -5.42
N ASP A 49 -4.18 13.46 -4.65
CA ASP A 49 -4.47 12.99 -3.30
C ASP A 49 -3.17 12.61 -2.57
N CYS A 50 -3.29 12.16 -1.31
CA CYS A 50 -2.20 11.84 -0.42
C CYS A 50 -1.47 10.55 -0.82
N VAL A 51 -0.32 10.66 -1.48
CA VAL A 51 0.50 9.53 -1.92
C VAL A 51 1.52 9.17 -0.84
N CYS A 52 1.54 7.90 -0.45
CA CYS A 52 2.51 7.34 0.48
C CYS A 52 3.95 7.46 -0.01
N GLU A 53 4.88 7.85 0.88
CA GLU A 53 6.30 7.83 0.58
C GLU A 53 6.77 6.37 0.47
N GLU A 54 7.38 6.00 -0.66
CA GLU A 54 7.72 4.63 -1.05
C GLU A 54 8.59 3.86 -0.05
N GLY A 55 9.17 4.54 0.94
CA GLY A 55 9.83 3.89 2.06
C GLY A 55 8.85 2.99 2.82
N PHE A 56 7.59 3.43 2.96
CA PHE A 56 6.55 2.63 3.58
C PHE A 56 5.78 1.85 2.51
N TYR A 57 4.87 0.98 2.95
CA TYR A 57 3.98 0.19 2.13
C TYR A 57 2.59 0.23 2.75
N ARG A 58 1.56 0.26 1.91
CA ARG A 58 0.18 0.43 2.39
C ARG A 58 -0.26 -0.83 3.15
N ASN A 59 -0.42 -0.74 4.48
CA ASN A 59 -1.04 -1.80 5.26
C ASN A 59 -2.45 -2.09 4.74
N LYS A 60 -3.14 -1.03 4.32
CA LYS A 60 -4.41 -1.12 3.59
C LYS A 60 -4.45 -0.05 2.51
N ASP A 61 -4.34 1.21 2.93
CA ASP A 61 -4.45 2.37 2.06
C ASP A 61 -3.63 3.50 2.65
N ASP A 62 -4.28 4.27 3.52
CA ASP A 62 -3.71 5.44 4.18
C ASP A 62 -2.68 4.99 5.21
N LYS A 63 -2.91 3.82 5.80
CA LYS A 63 -2.03 3.26 6.81
C LYS A 63 -0.74 2.76 6.15
N CYS A 64 0.12 3.67 5.70
CA CYS A 64 1.41 3.29 5.15
C CYS A 64 2.39 3.00 6.29
N VAL A 65 2.90 1.78 6.35
CA VAL A 65 3.73 1.27 7.44
C VAL A 65 5.02 0.68 6.85
N SER A 66 6.02 0.42 7.68
CA SER A 66 7.24 -0.23 7.20
C SER A 66 6.94 -1.66 6.75
N ALA A 67 7.79 -2.18 5.86
CA ALA A 67 7.79 -3.60 5.51
C ALA A 67 7.91 -4.43 6.78
N GLU A 68 8.68 -3.91 7.74
CA GLU A 68 8.86 -4.49 9.05
C GLU A 68 7.50 -4.68 9.75
N ASP A 69 6.59 -3.72 9.59
CA ASP A 69 5.24 -3.84 10.10
C ASP A 69 4.49 -4.92 9.31
N CYS A 70 4.50 -4.80 7.97
CA CYS A 70 3.83 -5.73 7.07
C CYS A 70 4.08 -7.18 7.49
N GLU A 71 5.36 -7.52 7.68
CA GLU A 71 5.82 -8.83 8.10
C GLU A 71 5.08 -9.34 9.34
N LEU A 72 4.77 -8.45 10.30
CA LEU A 72 4.06 -8.80 11.52
C LEU A 72 2.56 -8.81 11.25
N ASP A 73 2.05 -7.75 10.63
CA ASP A 73 0.64 -7.53 10.35
C ASP A 73 0.03 -8.71 9.61
N ASN A 74 0.68 -9.16 8.55
CA ASN A 74 0.12 -10.15 7.64
C ASN A 74 1.23 -11.01 7.05
N MET A 75 1.47 -12.17 7.67
CA MET A 75 2.46 -13.15 7.23
C MET A 75 1.96 -13.91 5.99
N ASP A 76 1.68 -13.17 4.90
CA ASP A 76 1.18 -13.71 3.65
C ASP A 76 2.34 -14.38 2.91
N PHE A 77 2.81 -15.51 3.44
CA PHE A 77 3.94 -16.31 2.95
C PHE A 77 5.28 -15.62 3.19
N ILE A 78 5.39 -14.35 2.80
CA ILE A 78 6.56 -13.50 2.99
C ILE A 78 7.72 -13.90 2.07
N TYR A 79 8.84 -13.19 2.21
CA TYR A 79 10.04 -13.27 1.38
C TYR A 79 10.47 -14.71 1.07
N PRO A 80 10.37 -15.16 -0.20
CA PRO A 80 10.94 -16.42 -0.66
C PRO A 80 12.43 -16.47 -0.36
N GLY A 81 13.12 -15.36 -0.62
CA GLY A 81 14.54 -15.19 -0.36
C GLY A 81 14.79 -13.82 0.26
N THR A 82 14.38 -12.77 -0.46
CA THR A 82 14.54 -11.38 -0.02
C THR A 82 13.29 -10.63 -0.44
N ARG A 83 13.34 -9.29 -0.50
CA ARG A 83 12.28 -8.48 -1.11
C ARG A 83 12.51 -8.54 -2.63
N ASN A 84 12.58 -9.78 -3.14
CA ASN A 84 13.00 -10.21 -4.47
C ASN A 84 13.28 -11.72 -4.32
N PRO A 85 13.15 -12.53 -5.38
CA PRO A 85 13.54 -13.94 -5.35
C PRO A 85 15.02 -14.08 -4.97
N LYS A 1 6.68 14.49 10.00
CA LYS A 1 5.52 14.14 9.16
C LYS A 1 5.93 14.02 7.69
N ALA A 2 5.12 13.34 6.88
CA ALA A 2 5.37 13.12 5.47
C ALA A 2 5.10 14.40 4.66
N THR A 3 5.85 15.47 4.96
CA THR A 3 5.70 16.79 4.35
C THR A 3 4.23 17.23 4.36
N MET A 4 3.61 17.35 3.19
CA MET A 4 2.18 17.61 3.04
C MET A 4 1.41 16.33 3.36
N GLN A 5 1.48 15.86 4.60
CA GLN A 5 0.92 14.56 4.98
C GLN A 5 -0.60 14.58 4.83
N CYS A 6 -1.16 13.81 3.88
CA CYS A 6 -2.60 13.74 3.68
C CYS A 6 -3.31 13.10 4.87
N GLY A 7 -2.66 12.12 5.50
CA GLY A 7 -3.30 11.33 6.55
C GLY A 7 -2.26 10.47 7.26
N GLU A 8 -2.07 9.23 6.80
CA GLU A 8 -1.30 8.24 7.53
C GLU A 8 0.07 8.01 6.88
N ASN A 9 0.90 9.04 6.95
CA ASN A 9 2.29 9.01 6.51
C ASN A 9 2.43 8.82 4.99
N GLU A 10 1.57 9.50 4.23
CA GLU A 10 1.64 9.64 2.79
C GLU A 10 1.59 11.13 2.46
N LYS A 11 2.42 11.59 1.52
CA LYS A 11 2.57 12.99 1.17
C LYS A 11 1.67 13.34 -0.01
N TYR A 12 1.05 14.53 -0.02
CA TYR A 12 0.31 15.02 -1.17
C TYR A 12 1.17 14.91 -2.43
N ASP A 13 0.64 14.23 -3.46
CA ASP A 13 1.22 14.10 -4.78
C ASP A 13 0.17 13.42 -5.65
N SER A 14 0.10 13.80 -6.92
CA SER A 14 -0.98 13.41 -7.79
C SER A 14 -0.95 11.93 -8.19
N CYS A 15 -1.28 11.02 -7.27
CA CYS A 15 -1.51 9.61 -7.61
C CYS A 15 -2.53 8.93 -6.70
N GLY A 16 -3.57 9.64 -6.28
CA GLY A 16 -4.75 9.06 -5.61
C GLY A 16 -4.43 7.99 -4.57
N SER A 17 -3.77 8.37 -3.48
CA SER A 17 -3.44 7.45 -2.39
C SER A 17 -2.47 6.37 -2.89
N LYS A 18 -1.45 6.79 -3.63
CA LYS A 18 -0.52 5.94 -4.36
C LYS A 18 -1.27 4.92 -5.23
N GLU A 19 -2.49 5.21 -5.68
CA GLU A 19 -3.43 4.30 -6.32
C GLU A 19 -3.44 2.93 -5.62
N CYS A 20 -3.30 2.93 -4.29
CA CYS A 20 -3.11 1.75 -3.46
C CYS A 20 -2.15 0.74 -4.10
N ASP A 21 -1.08 1.26 -4.70
CA ASP A 21 -0.14 0.52 -5.52
C ASP A 21 0.56 -0.54 -4.66
N LYS A 22 1.56 -0.12 -3.88
CA LYS A 22 2.23 -1.02 -2.96
C LYS A 22 1.39 -1.23 -1.71
N LYS A 23 0.22 -1.83 -1.87
CA LYS A 23 -0.54 -2.27 -0.71
C LYS A 23 0.32 -3.37 -0.04
N CYS A 24 0.14 -3.62 1.25
CA CYS A 24 0.91 -4.66 1.93
C CYS A 24 0.66 -6.04 1.31
N LYS A 25 1.54 -6.47 0.40
CA LYS A 25 1.58 -7.83 -0.11
C LYS A 25 2.05 -8.70 1.06
N TYR A 26 1.14 -8.99 2.00
CA TYR A 26 1.42 -9.67 3.25
C TYR A 26 2.41 -10.82 3.05
N ASP A 27 2.14 -11.69 2.08
CA ASP A 27 2.99 -12.84 1.77
C ASP A 27 3.23 -13.66 3.05
N GLY A 28 4.38 -14.33 3.18
CA GLY A 28 4.73 -15.00 4.43
C GLY A 28 3.71 -16.07 4.82
N VAL A 29 2.76 -15.70 5.68
CA VAL A 29 1.67 -16.55 6.12
C VAL A 29 0.55 -16.54 5.07
N GLU A 30 0.35 -15.40 4.40
CA GLU A 30 -0.51 -15.29 3.24
C GLU A 30 0.16 -16.07 2.10
N GLU A 31 -0.01 -17.39 2.10
CA GLU A 31 0.42 -18.26 1.02
C GLU A 31 -0.10 -17.76 -0.33
N GLU A 32 -1.28 -17.12 -0.32
CA GLU A 32 -1.90 -16.46 -1.45
C GLU A 32 -1.14 -15.16 -1.77
N ASP A 33 0.14 -15.27 -2.09
CA ASP A 33 0.99 -14.14 -2.43
C ASP A 33 0.55 -13.59 -3.78
N ASP A 34 -0.40 -12.66 -3.75
CA ASP A 34 -0.95 -12.01 -4.93
C ASP A 34 0.14 -11.35 -5.80
N GLU A 35 1.20 -10.83 -5.18
CA GLU A 35 2.31 -10.09 -5.81
C GLU A 35 1.89 -8.76 -6.43
N GLU A 36 0.97 -8.79 -7.40
CA GLU A 36 0.60 -7.64 -8.21
C GLU A 36 0.22 -6.43 -7.34
N PRO A 37 0.93 -5.29 -7.45
CA PRO A 37 0.50 -4.06 -6.79
C PRO A 37 -0.65 -3.43 -7.57
N ASN A 38 -1.38 -2.51 -6.91
CA ASN A 38 -2.57 -1.84 -7.44
C ASN A 38 -3.73 -2.80 -7.73
N VAL A 39 -3.57 -3.66 -8.74
CA VAL A 39 -4.55 -4.63 -9.23
C VAL A 39 -5.52 -5.16 -8.15
N PRO A 40 -5.06 -5.75 -7.04
CA PRO A 40 -5.95 -6.18 -5.96
C PRO A 40 -6.77 -5.02 -5.39
N CYS A 41 -6.08 -3.98 -4.92
CA CYS A 41 -6.68 -2.82 -4.29
C CYS A 41 -6.94 -1.77 -5.38
N LEU A 42 -7.76 -2.13 -6.36
CA LEU A 42 -7.95 -1.37 -7.59
C LEU A 42 -8.70 -0.03 -7.46
N VAL A 43 -8.17 0.91 -6.67
CA VAL A 43 -8.67 2.28 -6.66
C VAL A 43 -8.36 2.90 -8.03
N ARG A 44 -7.12 2.72 -8.50
CA ARG A 44 -6.63 3.05 -9.84
C ARG A 44 -6.52 4.55 -10.13
N VAL A 45 -7.53 5.34 -9.76
CA VAL A 45 -7.65 6.75 -10.11
C VAL A 45 -6.54 7.62 -9.52
N CYS A 46 -5.37 7.64 -10.17
CA CYS A 46 -4.30 8.58 -9.88
C CYS A 46 -4.75 9.98 -10.28
N HIS A 47 -5.60 10.56 -9.44
CA HIS A 47 -5.99 11.95 -9.50
C HIS A 47 -4.98 12.73 -8.65
N GLN A 48 -5.45 13.39 -7.60
CA GLN A 48 -4.69 14.19 -6.66
C GLN A 48 -4.25 13.33 -5.47
N ASP A 49 -4.82 13.62 -4.30
CA ASP A 49 -4.47 13.12 -2.98
C ASP A 49 -2.96 12.89 -2.80
N CYS A 50 -2.54 11.77 -2.18
CA CYS A 50 -1.18 11.53 -1.75
C CYS A 50 -0.56 10.26 -2.34
N VAL A 51 0.74 10.10 -2.10
CA VAL A 51 1.52 8.91 -2.36
C VAL A 51 2.41 8.64 -1.15
N CYS A 52 2.91 7.42 -1.00
CA CYS A 52 3.80 7.09 0.10
C CYS A 52 5.20 7.61 -0.17
N GLU A 53 5.94 7.88 0.91
CA GLU A 53 7.35 8.20 0.83
C GLU A 53 8.18 6.91 0.78
N GLU A 54 9.47 7.07 0.45
CA GLU A 54 10.54 6.07 0.52
C GLU A 54 10.08 4.62 0.29
N GLY A 55 9.30 4.39 -0.76
CA GLY A 55 8.82 3.07 -1.16
C GLY A 55 8.19 2.28 0.00
N PHE A 56 7.47 2.94 0.90
CA PHE A 56 6.76 2.24 1.96
C PHE A 56 5.59 1.45 1.38
N TYR A 57 5.10 0.46 2.13
CA TYR A 57 3.89 -0.30 1.79
C TYR A 57 2.75 0.16 2.67
N ARG A 58 1.53 0.17 2.12
CA ARG A 58 0.33 0.52 2.86
C ARG A 58 -0.02 -0.67 3.73
N ASN A 59 0.25 -0.59 5.03
CA ASN A 59 0.18 -1.73 5.95
C ASN A 59 -1.19 -2.44 5.94
N LYS A 60 -2.28 -1.66 6.00
CA LYS A 60 -3.64 -2.15 5.94
C LYS A 60 -4.60 -1.02 5.55
N ASP A 61 -4.46 0.14 6.20
CA ASP A 61 -5.41 1.25 6.11
C ASP A 61 -4.65 2.56 6.02
N ASP A 62 -4.27 2.98 4.81
CA ASP A 62 -3.37 4.09 4.50
C ASP A 62 -2.05 4.21 5.28
N LYS A 63 -1.85 3.58 6.45
CA LYS A 63 -0.61 3.70 7.21
C LYS A 63 0.54 3.17 6.36
N CYS A 64 1.33 4.06 5.76
CA CYS A 64 2.45 3.68 4.92
C CYS A 64 3.74 3.71 5.74
N VAL A 65 4.31 2.54 6.04
CA VAL A 65 5.40 2.41 6.99
C VAL A 65 6.32 1.24 6.63
N SER A 66 7.29 1.51 5.74
CA SER A 66 8.17 0.49 5.18
C SER A 66 7.40 -0.78 4.77
N ALA A 67 8.12 -1.88 4.62
CA ALA A 67 7.60 -3.23 4.46
C ALA A 67 7.47 -3.87 5.83
N GLU A 68 8.35 -3.46 6.75
CA GLU A 68 8.56 -4.08 8.03
C GLU A 68 7.28 -4.02 8.86
N ASP A 69 6.67 -2.84 8.97
CA ASP A 69 5.39 -2.74 9.65
C ASP A 69 4.30 -3.49 8.88
N CYS A 70 4.36 -3.51 7.55
CA CYS A 70 3.45 -4.33 6.75
C CYS A 70 3.54 -5.82 7.15
N GLU A 71 4.75 -6.34 7.40
CA GLU A 71 4.90 -7.70 7.92
C GLU A 71 4.27 -7.86 9.31
N LEU A 72 4.55 -6.94 10.23
CA LEU A 72 4.02 -7.04 11.59
C LEU A 72 2.48 -6.95 11.58
N ASP A 73 2.02 -5.84 11.02
CA ASP A 73 0.66 -5.36 10.80
C ASP A 73 -0.41 -6.00 11.68
N ASN A 74 -1.07 -7.05 11.19
CA ASN A 74 -2.27 -7.59 11.82
C ASN A 74 -1.94 -8.53 13.00
N MET A 75 -1.13 -8.05 13.95
CA MET A 75 -0.84 -8.66 15.25
C MET A 75 -0.01 -9.94 15.14
N ASP A 76 -0.52 -10.93 14.41
CA ASP A 76 0.06 -12.25 14.17
C ASP A 76 1.55 -12.21 13.82
N PHE A 77 1.99 -11.17 13.12
CA PHE A 77 3.30 -11.05 12.51
C PHE A 77 3.36 -12.02 11.33
N ILE A 78 3.11 -11.48 10.14
CA ILE A 78 3.15 -12.22 8.91
C ILE A 78 4.62 -12.54 8.60
N TYR A 79 5.14 -13.59 9.24
CA TYR A 79 6.52 -14.04 9.12
C TYR A 79 6.90 -14.20 7.64
N PRO A 80 7.90 -13.46 7.12
CA PRO A 80 8.28 -13.54 5.71
C PRO A 80 9.15 -14.78 5.44
N GLY A 81 8.74 -15.94 5.96
CA GLY A 81 9.53 -17.16 5.89
C GLY A 81 9.46 -17.78 4.50
N THR A 82 8.27 -17.80 3.92
CA THR A 82 8.02 -18.36 2.60
C THR A 82 8.57 -17.38 1.55
N ARG A 83 8.01 -16.17 1.55
CA ARG A 83 8.51 -15.04 0.80
C ARG A 83 8.06 -13.74 1.47
N ASN A 84 8.83 -12.66 1.27
CA ASN A 84 8.62 -11.34 1.86
C ASN A 84 7.75 -10.46 0.95
N PRO A 85 7.04 -9.46 1.51
CA PRO A 85 6.35 -8.43 0.73
C PRO A 85 7.28 -7.76 -0.27
N LYS A 1 7.45 15.28 0.12
CA LYS A 1 6.91 15.20 1.49
C LYS A 1 5.53 15.83 1.57
N ALA A 2 4.68 15.32 2.47
CA ALA A 2 3.28 15.65 2.69
C ALA A 2 2.87 17.04 2.19
N THR A 3 3.28 18.09 2.93
CA THR A 3 3.00 19.48 2.63
C THR A 3 1.50 19.81 2.74
N MET A 4 0.68 19.32 1.81
CA MET A 4 -0.74 19.64 1.73
C MET A 4 -1.53 18.81 2.74
N GLN A 5 -1.27 19.06 4.03
CA GLN A 5 -1.86 18.38 5.18
C GLN A 5 -1.52 16.88 5.19
N CYS A 6 -2.14 16.10 4.30
CA CYS A 6 -2.05 14.66 4.30
C CYS A 6 -2.48 14.12 5.67
N GLY A 7 -1.67 13.27 6.32
CA GLY A 7 -1.98 12.78 7.66
C GLY A 7 -0.79 12.02 8.23
N GLU A 8 -0.45 10.88 7.62
CA GLU A 8 0.73 10.11 7.97
C GLU A 8 1.95 10.75 7.30
N ASN A 9 3.12 10.09 7.38
CA ASN A 9 4.32 10.49 6.65
C ASN A 9 4.11 10.21 5.15
N GLU A 10 3.31 11.05 4.50
CA GLU A 10 2.90 10.90 3.12
C GLU A 10 3.64 11.88 2.22
N LYS A 11 3.29 11.87 0.93
CA LYS A 11 3.73 12.80 -0.10
C LYS A 11 2.64 12.87 -1.16
N TYR A 12 2.57 13.97 -1.91
CA TYR A 12 1.59 14.12 -2.97
C TYR A 12 1.89 13.15 -4.11
N ASP A 13 0.99 12.20 -4.36
CA ASP A 13 1.07 11.27 -5.47
C ASP A 13 0.10 11.73 -6.55
N SER A 14 0.54 11.81 -7.80
CA SER A 14 -0.30 12.21 -8.91
C SER A 14 -1.23 11.08 -9.35
N CYS A 15 -1.86 10.38 -8.39
CA CYS A 15 -2.85 9.34 -8.59
C CYS A 15 -3.69 9.31 -7.31
N GLY A 16 -4.85 8.63 -7.32
CA GLY A 16 -5.84 8.72 -6.26
C GLY A 16 -5.58 7.87 -5.03
N SER A 17 -6.69 7.48 -4.39
CA SER A 17 -6.87 6.84 -3.08
C SER A 17 -5.97 5.64 -2.75
N LYS A 18 -4.66 5.87 -2.64
CA LYS A 18 -3.65 4.92 -2.21
C LYS A 18 -3.48 3.77 -3.22
N GLU A 19 -4.49 2.89 -3.28
CA GLU A 19 -4.55 1.65 -4.05
C GLU A 19 -3.18 0.99 -4.26
N CYS A 20 -2.58 1.20 -5.43
CA CYS A 20 -1.39 0.49 -5.85
C CYS A 20 -0.11 1.21 -5.45
N ASP A 21 -0.19 2.51 -5.10
CA ASP A 21 0.99 3.29 -4.80
C ASP A 21 1.56 2.87 -3.45
N LYS A 22 2.82 2.44 -3.43
CA LYS A 22 3.46 1.80 -2.28
C LYS A 22 2.54 0.78 -1.61
N LYS A 23 1.92 -0.08 -2.43
CA LYS A 23 1.07 -1.17 -1.94
C LYS A 23 1.83 -2.06 -0.97
N CYS A 24 1.17 -2.48 0.13
CA CYS A 24 1.73 -3.51 0.99
C CYS A 24 1.55 -4.87 0.32
N LYS A 25 2.62 -5.66 0.34
CA LYS A 25 2.82 -6.90 -0.39
C LYS A 25 1.86 -8.02 0.00
N TYR A 26 0.62 -7.93 -0.50
CA TYR A 26 -0.34 -9.03 -0.43
C TYR A 26 -0.07 -10.04 -1.56
N ASP A 27 0.64 -9.59 -2.61
CA ASP A 27 1.13 -10.36 -3.72
C ASP A 27 0.10 -11.40 -4.19
N GLY A 28 0.34 -12.70 -3.94
CA GLY A 28 -0.51 -13.75 -4.49
C GLY A 28 -1.96 -13.66 -4.05
N VAL A 29 -2.25 -12.98 -2.94
CA VAL A 29 -3.62 -12.78 -2.51
C VAL A 29 -4.42 -12.02 -3.59
N GLU A 30 -3.80 -11.03 -4.26
CA GLU A 30 -4.53 -10.13 -5.15
C GLU A 30 -3.70 -9.62 -6.34
N GLU A 31 -2.60 -10.30 -6.66
CA GLU A 31 -1.77 -10.13 -7.85
C GLU A 31 -1.08 -8.76 -7.96
N GLU A 32 -1.17 -7.92 -6.93
CA GLU A 32 -0.69 -6.55 -6.99
C GLU A 32 0.80 -6.51 -6.64
N ASP A 33 1.61 -7.26 -7.39
CA ASP A 33 3.06 -7.19 -7.32
C ASP A 33 3.67 -7.74 -8.60
N ASP A 34 3.71 -9.06 -8.78
CA ASP A 34 4.29 -9.63 -9.99
C ASP A 34 3.51 -9.19 -11.24
N GLU A 35 2.19 -9.40 -11.21
CA GLU A 35 1.34 -9.06 -12.35
C GLU A 35 1.22 -7.55 -12.47
N GLU A 36 0.77 -6.89 -11.38
CA GLU A 36 0.54 -5.44 -11.37
C GLU A 36 1.51 -4.74 -10.41
N PRO A 37 2.79 -4.55 -10.78
CA PRO A 37 3.71 -3.77 -9.98
C PRO A 37 3.37 -2.27 -10.08
N ASN A 38 3.65 -1.54 -8.99
CA ASN A 38 3.26 -0.14 -8.78
C ASN A 38 3.32 0.72 -10.04
N VAL A 39 4.44 0.69 -10.77
CA VAL A 39 4.68 1.60 -11.87
C VAL A 39 3.63 1.43 -12.99
N PRO A 40 3.60 0.31 -13.74
CA PRO A 40 2.58 0.09 -14.76
C PRO A 40 1.18 0.00 -14.15
N CYS A 41 1.05 -0.56 -12.94
CA CYS A 41 -0.23 -0.62 -12.24
C CYS A 41 -0.86 0.77 -12.13
N LEU A 42 -0.02 1.76 -11.78
CA LEU A 42 -0.36 3.18 -11.81
C LEU A 42 -1.65 3.46 -11.05
N VAL A 43 -1.82 2.83 -9.88
CA VAL A 43 -2.88 3.11 -8.90
C VAL A 43 -4.29 2.75 -9.36
N ARG A 44 -4.55 2.64 -10.68
CA ARG A 44 -5.85 2.37 -11.29
C ARG A 44 -6.76 3.60 -11.14
N VAL A 45 -7.11 3.96 -9.90
CA VAL A 45 -7.85 5.18 -9.61
C VAL A 45 -6.91 6.39 -9.69
N CYS A 46 -6.28 6.61 -10.85
CA CYS A 46 -5.21 7.60 -10.94
C CYS A 46 -5.75 9.03 -11.06
N HIS A 47 -6.25 9.59 -9.95
CA HIS A 47 -6.68 10.98 -9.88
C HIS A 47 -6.25 11.66 -8.57
N GLN A 48 -4.96 11.95 -8.43
CA GLN A 48 -4.28 12.75 -7.40
C GLN A 48 -4.72 12.58 -5.92
N ASP A 49 -3.78 12.29 -5.02
CA ASP A 49 -4.02 12.15 -3.60
C ASP A 49 -2.68 12.15 -2.88
N CYS A 50 -2.65 12.46 -1.58
CA CYS A 50 -1.44 12.27 -0.79
C CYS A 50 -1.37 10.81 -0.33
N VAL A 51 -0.20 10.17 -0.42
CA VAL A 51 -0.01 8.75 -0.13
C VAL A 51 1.33 8.57 0.59
N CYS A 52 1.46 7.52 1.40
CA CYS A 52 2.68 7.11 2.10
C CYS A 52 3.97 7.41 1.34
N GLU A 53 4.91 8.08 2.01
CA GLU A 53 6.23 8.42 1.49
C GLU A 53 6.92 7.18 0.90
N GLU A 54 7.47 7.37 -0.31
CA GLU A 54 8.04 6.33 -1.17
C GLU A 54 9.26 5.64 -0.56
N GLY A 55 9.00 4.82 0.45
CA GLY A 55 9.99 4.03 1.16
C GLY A 55 9.29 2.99 2.03
N PHE A 56 8.23 3.41 2.74
CA PHE A 56 7.43 2.52 3.56
C PHE A 56 6.24 2.05 2.72
N TYR A 57 5.19 1.47 3.33
CA TYR A 57 4.05 0.94 2.58
C TYR A 57 2.74 1.52 3.10
N ARG A 58 1.71 1.57 2.24
CA ARG A 58 0.39 2.03 2.62
C ARG A 58 -0.32 0.93 3.43
N ASN A 59 0.19 0.64 4.63
CA ASN A 59 -0.34 -0.43 5.46
C ASN A 59 -1.77 -0.06 5.86
N LYS A 60 -2.74 -0.87 5.44
CA LYS A 60 -4.18 -0.74 5.67
C LYS A 60 -4.74 0.69 5.51
N ASP A 61 -4.50 1.57 6.49
CA ASP A 61 -5.04 2.93 6.53
C ASP A 61 -3.91 3.89 6.17
N ASP A 62 -3.27 3.62 5.03
CA ASP A 62 -2.07 4.28 4.54
C ASP A 62 -1.03 4.54 5.65
N LYS A 63 -0.89 3.59 6.57
CA LYS A 63 0.04 3.71 7.68
C LYS A 63 1.45 3.44 7.15
N CYS A 64 2.20 4.51 6.93
CA CYS A 64 3.57 4.49 6.41
C CYS A 64 4.59 3.83 7.34
N VAL A 65 4.47 2.50 7.52
CA VAL A 65 5.46 1.67 8.19
C VAL A 65 6.07 0.67 7.20
N SER A 66 7.28 0.21 7.53
CA SER A 66 8.16 -0.55 6.67
C SER A 66 7.70 -1.99 6.43
N ALA A 67 8.45 -2.67 5.55
CA ALA A 67 8.19 -4.03 5.08
C ALA A 67 7.83 -4.97 6.22
N GLU A 68 8.65 -4.98 7.28
CA GLU A 68 8.43 -5.72 8.52
C GLU A 68 6.95 -5.70 8.92
N ASP A 69 6.42 -4.50 9.14
CA ASP A 69 5.05 -4.29 9.54
C ASP A 69 4.12 -4.79 8.45
N CYS A 70 4.43 -4.44 7.20
CA CYS A 70 3.63 -4.88 6.06
C CYS A 70 3.42 -6.41 6.03
N GLU A 71 4.44 -7.20 6.35
CA GLU A 71 4.25 -8.65 6.41
C GLU A 71 3.10 -9.03 7.36
N LEU A 72 3.03 -8.33 8.50
CA LEU A 72 1.98 -8.51 9.49
C LEU A 72 0.66 -7.86 9.00
N ASP A 73 0.74 -6.74 8.28
CA ASP A 73 -0.43 -6.14 7.66
C ASP A 73 -1.11 -7.13 6.71
N ASN A 74 -0.30 -7.92 5.99
CA ASN A 74 -0.78 -9.05 5.21
C ASN A 74 -1.31 -10.15 6.14
N MET A 75 -0.40 -10.78 6.91
CA MET A 75 -0.64 -11.97 7.72
C MET A 75 -1.59 -12.96 7.03
N ASP A 76 -1.27 -13.28 5.78
CA ASP A 76 -2.08 -14.07 4.87
C ASP A 76 -1.21 -14.42 3.66
N PHE A 77 -0.25 -15.32 3.90
CA PHE A 77 0.59 -15.99 2.91
C PHE A 77 1.64 -15.13 2.20
N ILE A 78 1.24 -13.97 1.65
CA ILE A 78 2.02 -13.14 0.76
C ILE A 78 2.16 -13.87 -0.59
N TYR A 79 2.93 -14.97 -0.60
CA TYR A 79 3.35 -15.69 -1.79
C TYR A 79 4.29 -14.80 -2.63
N PRO A 80 5.61 -15.08 -2.66
CA PRO A 80 6.60 -14.27 -3.37
C PRO A 80 6.17 -13.83 -4.77
N GLY A 81 5.90 -12.53 -4.96
CA GLY A 81 5.55 -11.97 -6.26
C GLY A 81 4.08 -12.23 -6.59
N THR A 82 3.66 -13.48 -6.52
CA THR A 82 2.30 -13.93 -6.76
C THR A 82 2.12 -15.32 -6.15
N ARG A 83 0.91 -15.87 -6.30
CA ARG A 83 0.50 -17.17 -5.79
C ARG A 83 1.41 -18.28 -6.32
N ASN A 84 1.72 -18.22 -7.62
CA ASN A 84 2.73 -19.06 -8.25
C ASN A 84 3.14 -18.39 -9.56
N PRO A 85 4.39 -18.52 -10.00
CA PRO A 85 4.80 -18.08 -11.32
C PRO A 85 4.15 -18.96 -12.39
N LYS A 1 0.35 23.74 2.21
CA LYS A 1 0.46 22.27 2.31
C LYS A 1 -0.62 21.60 1.45
N ALA A 2 -0.23 20.54 0.73
CA ALA A 2 -1.16 19.67 0.03
C ALA A 2 -2.21 19.23 1.05
N THR A 3 -3.41 19.81 0.95
CA THR A 3 -4.46 19.72 1.94
C THR A 3 -5.17 18.37 1.97
N MET A 4 -4.41 17.31 2.23
CA MET A 4 -4.83 15.96 2.53
C MET A 4 -3.80 15.44 3.54
N GLN A 5 -3.81 14.15 3.88
CA GLN A 5 -3.00 13.59 4.96
C GLN A 5 -1.50 13.42 4.60
N CYS A 6 -0.88 14.46 4.04
CA CYS A 6 0.56 14.53 3.81
C CYS A 6 1.27 14.80 5.15
N GLY A 7 2.60 14.74 5.16
CA GLY A 7 3.38 15.08 6.35
C GLY A 7 3.46 13.90 7.31
N GLU A 8 2.34 13.20 7.53
CA GLU A 8 2.26 11.94 8.26
C GLU A 8 2.97 10.84 7.47
N ASN A 9 4.30 10.96 7.31
CA ASN A 9 5.12 10.15 6.42
C ASN A 9 4.42 9.84 5.10
N GLU A 10 3.92 10.90 4.47
CA GLU A 10 3.21 10.91 3.20
C GLU A 10 3.57 12.20 2.45
N LYS A 11 3.62 12.15 1.11
CA LYS A 11 3.81 13.29 0.23
C LYS A 11 2.82 13.21 -0.93
N TYR A 12 2.53 14.35 -1.58
CA TYR A 12 1.51 14.43 -2.60
C TYR A 12 1.96 13.77 -3.90
N ASP A 13 1.10 12.98 -4.54
CA ASP A 13 1.40 12.32 -5.81
C ASP A 13 0.12 12.11 -6.61
N SER A 14 0.26 12.02 -7.94
CA SER A 14 -0.79 11.67 -8.87
C SER A 14 -1.04 10.16 -8.81
N CYS A 15 -2.30 9.74 -8.90
CA CYS A 15 -2.74 8.35 -8.86
C CYS A 15 -2.54 7.75 -7.45
N GLY A 16 -3.46 8.02 -6.53
CA GLY A 16 -3.38 7.52 -5.18
C GLY A 16 -4.66 6.86 -4.70
N SER A 17 -5.38 7.48 -3.77
CA SER A 17 -6.50 6.88 -3.04
C SER A 17 -5.91 5.88 -2.04
N LYS A 18 -5.14 4.92 -2.55
CA LYS A 18 -4.24 3.97 -1.91
C LYS A 18 -3.67 3.04 -2.96
N GLU A 19 -3.25 3.66 -4.08
CA GLU A 19 -2.69 3.05 -5.27
C GLU A 19 -1.74 1.90 -4.88
N CYS A 20 -2.02 0.74 -5.46
CA CYS A 20 -1.37 -0.54 -5.21
C CYS A 20 0.14 -0.41 -5.16
N ASP A 21 0.68 0.56 -5.89
CA ASP A 21 2.05 1.04 -5.82
C ASP A 21 2.60 0.90 -4.41
N LYS A 22 2.01 1.66 -3.48
CA LYS A 22 2.37 1.63 -2.08
C LYS A 22 1.51 0.69 -1.24
N LYS A 23 0.59 -0.10 -1.80
CA LYS A 23 -0.20 -1.01 -0.99
C LYS A 23 0.63 -2.29 -0.78
N CYS A 24 1.67 -2.12 0.05
CA CYS A 24 2.53 -3.16 0.58
C CYS A 24 3.11 -4.08 -0.49
N LYS A 25 4.25 -3.71 -1.08
CA LYS A 25 4.96 -4.60 -1.98
C LYS A 25 5.40 -5.85 -1.20
N TYR A 26 4.82 -7.00 -1.54
CA TYR A 26 4.95 -8.22 -0.77
C TYR A 26 6.31 -8.87 -1.02
N ASP A 27 7.34 -8.37 -0.34
CA ASP A 27 8.65 -9.01 -0.29
C ASP A 27 8.43 -10.48 0.09
N GLY A 28 8.99 -11.42 -0.68
CA GLY A 28 8.67 -12.84 -0.58
C GLY A 28 7.74 -13.25 -1.73
N VAL A 29 7.42 -12.31 -2.62
CA VAL A 29 6.74 -12.51 -3.89
C VAL A 29 5.22 -12.45 -3.76
N GLU A 30 4.66 -11.93 -4.84
CA GLU A 30 3.26 -11.73 -5.17
C GLU A 30 3.20 -11.98 -6.67
N GLU A 31 2.03 -12.34 -7.19
CA GLU A 31 1.81 -12.54 -8.60
C GLU A 31 1.79 -11.17 -9.30
N GLU A 32 2.99 -10.63 -9.55
CA GLU A 32 3.20 -9.41 -10.31
C GLU A 32 2.71 -9.51 -11.77
N ASP A 33 2.35 -10.73 -12.21
CA ASP A 33 1.71 -11.05 -13.48
C ASP A 33 0.49 -10.15 -13.72
N ASP A 34 0.73 -8.96 -14.28
CA ASP A 34 -0.25 -7.89 -14.41
C ASP A 34 -0.82 -7.52 -13.04
N GLU A 35 0.08 -7.45 -12.05
CA GLU A 35 -0.21 -7.19 -10.64
C GLU A 35 -1.56 -7.74 -10.17
N GLU A 36 -1.64 -9.07 -10.01
CA GLU A 36 -2.86 -9.71 -9.52
C GLU A 36 -3.38 -9.09 -8.20
N PRO A 37 -2.53 -8.68 -7.24
CA PRO A 37 -2.98 -7.96 -6.06
C PRO A 37 -3.93 -6.78 -6.36
N ASN A 38 -3.84 -6.17 -7.55
CA ASN A 38 -4.75 -5.11 -7.97
C ASN A 38 -6.22 -5.55 -7.93
N VAL A 39 -6.50 -6.85 -8.04
CA VAL A 39 -7.87 -7.35 -7.93
C VAL A 39 -8.48 -6.99 -6.57
N PRO A 40 -7.98 -7.47 -5.42
CA PRO A 40 -8.44 -7.01 -4.11
C PRO A 40 -8.08 -5.55 -3.85
N CYS A 41 -6.91 -5.07 -4.30
CA CYS A 41 -6.52 -3.68 -4.15
C CYS A 41 -7.28 -2.81 -5.16
N LEU A 42 -8.59 -2.61 -4.90
CA LEU A 42 -9.57 -1.99 -5.79
C LEU A 42 -9.39 -0.47 -5.95
N VAL A 43 -8.20 0.01 -6.31
CA VAL A 43 -7.89 1.44 -6.38
C VAL A 43 -8.41 2.09 -7.67
N ARG A 44 -9.57 1.68 -8.19
CA ARG A 44 -10.05 2.15 -9.49
C ARG A 44 -10.24 3.67 -9.50
N VAL A 45 -10.60 4.24 -8.35
CA VAL A 45 -10.64 5.68 -8.14
C VAL A 45 -9.33 6.38 -8.54
N CYS A 46 -8.18 5.76 -8.23
CA CYS A 46 -6.81 6.27 -8.31
C CYS A 46 -6.71 7.79 -8.51
N HIS A 47 -7.26 8.58 -7.59
CA HIS A 47 -7.19 10.02 -7.73
C HIS A 47 -5.90 10.49 -7.05
N GLN A 48 -5.32 11.58 -7.55
CA GLN A 48 -4.23 12.29 -6.92
C GLN A 48 -4.46 12.43 -5.40
N ASP A 49 -3.44 12.17 -4.59
CA ASP A 49 -3.57 12.09 -3.14
C ASP A 49 -2.19 12.13 -2.49
N CYS A 50 -2.18 12.32 -1.17
CA CYS A 50 -1.00 12.16 -0.34
C CYS A 50 -0.76 10.66 -0.22
N VAL A 51 0.39 10.17 -0.73
CA VAL A 51 0.78 8.77 -0.75
C VAL A 51 2.03 8.60 0.11
N CYS A 52 2.29 7.38 0.59
CA CYS A 52 3.32 7.12 1.59
C CYS A 52 4.71 7.57 1.16
N GLU A 53 5.49 8.03 2.14
CA GLU A 53 6.91 8.32 2.01
C GLU A 53 7.66 7.07 1.54
N GLU A 54 8.76 7.25 0.81
CA GLU A 54 9.63 6.18 0.35
C GLU A 54 9.93 5.22 1.51
N GLY A 55 9.68 3.92 1.31
CA GLY A 55 9.91 2.90 2.33
C GLY A 55 8.65 2.60 3.17
N PHE A 56 7.70 3.53 3.20
CA PHE A 56 6.41 3.37 3.87
C PHE A 56 5.36 2.91 2.86
N TYR A 57 4.37 2.16 3.33
CA TYR A 57 3.38 1.48 2.52
C TYR A 57 2.00 1.60 3.19
N ARG A 58 0.96 1.71 2.36
CA ARG A 58 -0.44 1.87 2.73
C ARG A 58 -0.96 0.58 3.39
N ASN A 59 -0.44 0.20 4.56
CA ASN A 59 -0.93 -1.02 5.20
C ASN A 59 -2.43 -0.86 5.52
N LYS A 60 -3.18 -1.96 5.49
CA LYS A 60 -4.60 -2.06 5.76
C LYS A 60 -5.46 -1.11 4.92
N ASP A 61 -5.45 0.17 5.27
CA ASP A 61 -6.20 1.24 4.65
C ASP A 61 -5.48 2.56 4.96
N ASP A 62 -4.60 2.99 4.06
CA ASP A 62 -3.72 4.14 4.24
C ASP A 62 -3.10 4.21 5.64
N LYS A 63 -2.65 3.06 6.19
CA LYS A 63 -1.84 3.08 7.39
C LYS A 63 -0.41 3.14 6.85
N CYS A 64 0.09 4.34 6.52
CA CYS A 64 1.43 4.48 5.95
C CYS A 64 2.46 4.10 6.98
N VAL A 65 2.95 2.85 6.91
CA VAL A 65 3.92 2.28 7.83
C VAL A 65 5.09 1.74 7.04
N SER A 66 6.29 1.78 7.61
CA SER A 66 7.49 1.19 7.04
C SER A 66 7.20 -0.26 6.61
N ALA A 67 7.65 -0.65 5.40
CA ALA A 67 7.42 -1.95 4.77
C ALA A 67 7.29 -3.08 5.79
N GLU A 68 8.32 -3.18 6.63
CA GLU A 68 8.43 -4.00 7.83
C GLU A 68 7.08 -4.38 8.44
N ASP A 69 6.25 -3.40 8.79
CA ASP A 69 4.94 -3.63 9.39
C ASP A 69 3.95 -4.12 8.34
N CYS A 70 3.95 -3.49 7.18
CA CYS A 70 3.07 -3.83 6.06
C CYS A 70 3.12 -5.32 5.78
N GLU A 71 4.32 -5.92 5.81
CA GLU A 71 4.51 -7.35 5.56
C GLU A 71 3.55 -8.22 6.39
N LEU A 72 3.14 -7.78 7.59
CA LEU A 72 2.20 -8.52 8.40
C LEU A 72 0.89 -8.76 7.63
N ASP A 73 0.42 -7.77 6.88
CA ASP A 73 -0.79 -7.87 6.06
C ASP A 73 -0.46 -8.61 4.76
N ASN A 74 -0.02 -9.87 4.88
CA ASN A 74 0.53 -10.62 3.76
C ASN A 74 -0.56 -10.95 2.73
N MET A 75 -1.72 -11.43 3.22
CA MET A 75 -2.84 -11.91 2.42
C MET A 75 -2.34 -12.81 1.31
N ASP A 76 -1.81 -13.97 1.72
CA ASP A 76 -1.39 -15.09 0.88
C ASP A 76 -0.04 -14.84 0.21
N PHE A 77 0.18 -13.63 -0.31
CA PHE A 77 1.49 -13.21 -0.79
C PHE A 77 2.53 -13.32 0.34
N ILE A 78 3.81 -13.13 0.02
CA ILE A 78 4.92 -13.40 0.93
C ILE A 78 5.07 -14.91 1.08
N TYR A 79 5.56 -15.53 0.01
CA TYR A 79 5.99 -16.92 0.03
C TYR A 79 7.41 -16.94 0.60
N PRO A 80 7.95 -18.10 1.02
CA PRO A 80 9.33 -18.20 1.44
C PRO A 80 10.24 -17.91 0.24
N GLY A 81 10.52 -16.62 0.00
CA GLY A 81 11.31 -16.15 -1.12
C GLY A 81 10.46 -16.17 -2.38
N THR A 82 9.99 -17.35 -2.78
CA THR A 82 9.19 -17.59 -3.97
C THR A 82 8.39 -18.89 -3.85
N ARG A 83 8.91 -19.89 -3.13
CA ARG A 83 8.36 -21.24 -3.12
C ARG A 83 7.02 -21.30 -2.36
N ASN A 84 5.94 -20.86 -3.01
CA ASN A 84 4.58 -21.04 -2.54
C ASN A 84 4.36 -22.49 -2.09
N PRO A 85 4.12 -22.78 -0.80
CA PRO A 85 3.97 -24.15 -0.32
C PRO A 85 2.66 -24.76 -0.82
N LYS A 1 7.08 12.79 5.08
CA LYS A 1 5.84 13.20 4.41
C LYS A 1 6.05 14.50 3.62
N ALA A 2 5.17 14.78 2.66
CA ALA A 2 5.15 16.08 1.99
C ALA A 2 4.42 17.09 2.88
N THR A 3 4.67 18.38 2.64
CA THR A 3 4.22 19.47 3.48
C THR A 3 2.73 19.76 3.33
N MET A 4 2.14 19.43 2.17
CA MET A 4 0.77 19.80 1.83
C MET A 4 -0.25 18.92 2.55
N GLN A 5 -0.29 19.04 3.89
CA GLN A 5 -1.10 18.29 4.85
C GLN A 5 -0.95 16.77 4.75
N CYS A 6 -1.43 16.16 3.68
CA CYS A 6 -1.32 14.75 3.33
C CYS A 6 -1.95 13.81 4.36
N GLY A 7 -1.37 13.68 5.56
CA GLY A 7 -1.87 12.85 6.64
C GLY A 7 -0.72 12.22 7.42
N GLU A 8 -0.49 10.92 7.21
CA GLU A 8 0.56 10.16 7.88
C GLU A 8 1.90 10.38 7.13
N ASN A 9 2.74 9.35 7.05
CA ASN A 9 3.97 9.36 6.25
C ASN A 9 3.60 9.33 4.78
N GLU A 10 3.00 10.40 4.27
CA GLU A 10 2.39 10.48 2.95
C GLU A 10 3.06 11.58 2.12
N LYS A 11 3.45 11.25 0.90
CA LYS A 11 4.09 12.15 -0.05
C LYS A 11 3.07 12.50 -1.13
N TYR A 12 3.10 13.76 -1.59
CA TYR A 12 2.28 14.19 -2.71
C TYR A 12 2.68 13.41 -3.95
N ASP A 13 1.69 12.88 -4.68
CA ASP A 13 1.92 12.07 -5.87
C ASP A 13 0.85 12.44 -6.90
N SER A 14 1.19 12.38 -8.18
CA SER A 14 0.26 12.69 -9.25
C SER A 14 -0.75 11.56 -9.46
N CYS A 15 -1.36 11.03 -8.40
CA CYS A 15 -2.38 9.99 -8.50
C CYS A 15 -3.21 9.94 -7.22
N GLY A 16 -4.19 9.02 -7.17
CA GLY A 16 -5.21 8.93 -6.14
C GLY A 16 -4.66 8.55 -4.76
N SER A 17 -5.26 9.12 -3.71
CA SER A 17 -4.81 9.09 -2.33
C SER A 17 -4.40 7.73 -1.79
N LYS A 18 -5.13 6.67 -2.13
CA LYS A 18 -4.71 5.30 -1.85
C LYS A 18 -4.94 4.47 -3.11
N GLU A 19 -4.46 4.98 -4.25
CA GLU A 19 -4.48 4.23 -5.49
C GLU A 19 -3.54 3.01 -5.35
N CYS A 20 -3.44 2.20 -6.41
CA CYS A 20 -2.79 0.90 -6.35
C CYS A 20 -1.27 1.01 -6.42
N ASP A 21 -0.69 1.74 -5.46
CA ASP A 21 0.75 1.86 -5.23
C ASP A 21 1.15 0.75 -4.24
N LYS A 22 2.36 0.80 -3.67
CA LYS A 22 2.96 -0.23 -2.85
C LYS A 22 2.05 -0.72 -1.70
N LYS A 23 1.39 -1.87 -1.92
CA LYS A 23 0.66 -2.61 -0.90
C LYS A 23 1.64 -3.46 -0.10
N CYS A 24 1.24 -3.84 1.13
CA CYS A 24 1.99 -4.81 1.88
C CYS A 24 1.77 -6.19 1.27
N LYS A 25 2.83 -7.00 1.20
CA LYS A 25 2.78 -8.42 0.85
C LYS A 25 2.11 -9.27 1.95
N TYR A 26 0.91 -8.88 2.39
CA TYR A 26 0.15 -9.61 3.41
C TYR A 26 -0.35 -10.93 2.83
N ASP A 27 -0.79 -10.91 1.57
CA ASP A 27 -1.48 -12.00 0.87
C ASP A 27 -2.50 -12.71 1.76
N GLY A 28 -2.10 -13.76 2.48
CA GLY A 28 -2.93 -14.41 3.46
C GLY A 28 -3.58 -13.41 4.42
N VAL A 29 -2.78 -12.49 4.96
CA VAL A 29 -3.26 -11.51 5.94
C VAL A 29 -4.15 -10.43 5.29
N GLU A 30 -4.40 -10.50 3.97
CA GLU A 30 -5.39 -9.67 3.29
C GLU A 30 -6.34 -10.55 2.47
N GLU A 31 -6.51 -11.83 2.85
CA GLU A 31 -7.54 -12.70 2.28
C GLU A 31 -8.93 -12.21 2.71
N GLU A 32 -8.99 -11.53 3.86
CA GLU A 32 -10.16 -10.82 4.36
C GLU A 32 -10.45 -9.58 3.50
N ASP A 33 -10.75 -9.82 2.22
CA ASP A 33 -11.14 -8.82 1.25
C ASP A 33 -12.38 -8.04 1.70
N ASP A 34 -13.11 -8.61 2.68
CA ASP A 34 -14.18 -7.97 3.43
C ASP A 34 -13.80 -6.55 3.86
N GLU A 35 -12.50 -6.30 4.09
CA GLU A 35 -11.97 -4.95 4.28
C GLU A 35 -12.17 -4.13 3.00
N GLU A 36 -13.39 -3.66 2.76
CA GLU A 36 -13.80 -3.03 1.52
C GLU A 36 -12.85 -1.93 0.98
N PRO A 37 -12.31 -1.01 1.80
CA PRO A 37 -11.47 0.05 1.27
C PRO A 37 -9.99 -0.32 1.26
N ASN A 38 -9.25 0.18 0.26
CA ASN A 38 -7.78 0.12 0.15
C ASN A 38 -7.24 -1.29 -0.09
N VAL A 39 -7.64 -2.33 0.67
CA VAL A 39 -7.25 -3.69 0.37
C VAL A 39 -7.55 -4.04 -1.10
N PRO A 40 -8.81 -4.00 -1.57
CA PRO A 40 -9.11 -4.19 -2.99
C PRO A 40 -8.81 -2.92 -3.81
N CYS A 41 -7.68 -2.24 -3.54
CA CYS A 41 -7.29 -0.92 -4.04
C CYS A 41 -8.39 0.17 -3.97
N LEU A 42 -9.48 0.02 -4.73
CA LEU A 42 -10.68 0.86 -4.71
C LEU A 42 -10.46 2.24 -5.34
N VAL A 43 -9.49 3.01 -4.82
CA VAL A 43 -9.30 4.42 -5.16
C VAL A 43 -8.57 4.55 -6.51
N ARG A 44 -9.12 3.96 -7.57
CA ARG A 44 -8.58 4.05 -8.92
C ARG A 44 -9.04 5.37 -9.55
N VAL A 45 -8.70 6.48 -8.91
CA VAL A 45 -9.06 7.83 -9.31
C VAL A 45 -7.80 8.67 -9.23
N CYS A 46 -7.07 8.76 -10.35
CA CYS A 46 -5.73 9.34 -10.41
C CYS A 46 -5.73 10.86 -10.35
N HIS A 47 -6.28 11.42 -9.26
CA HIS A 47 -6.58 12.84 -9.12
C HIS A 47 -5.55 13.57 -8.24
N GLN A 48 -4.27 13.19 -8.36
CA GLN A 48 -3.14 13.89 -7.76
C GLN A 48 -3.34 14.36 -6.30
N ASP A 49 -3.26 13.41 -5.36
CA ASP A 49 -3.37 13.64 -3.92
C ASP A 49 -2.05 13.29 -3.24
N CYS A 50 -2.05 12.87 -1.96
CA CYS A 50 -0.87 12.31 -1.31
C CYS A 50 -1.10 10.83 -1.03
N VAL A 51 -0.05 10.02 -1.14
CA VAL A 51 -0.08 8.58 -0.96
C VAL A 51 1.04 8.21 0.02
N CYS A 52 0.97 7.04 0.68
CA CYS A 52 2.04 6.62 1.58
C CYS A 52 3.38 6.73 0.86
N GLU A 53 4.31 7.45 1.48
CA GLU A 53 5.58 7.88 0.90
C GLU A 53 6.42 6.69 0.43
N GLU A 54 7.34 6.94 -0.50
CA GLU A 54 8.28 5.93 -0.98
C GLU A 54 9.01 5.30 0.20
N GLY A 55 9.01 3.97 0.30
CA GLY A 55 9.56 3.23 1.42
C GLY A 55 8.48 2.82 2.43
N PHE A 56 7.36 3.55 2.45
CA PHE A 56 6.19 3.26 3.27
C PHE A 56 5.16 2.56 2.39
N TYR A 57 4.27 1.78 3.01
CA TYR A 57 3.30 0.96 2.31
C TYR A 57 1.90 1.37 2.74
N ARG A 58 0.96 1.44 1.78
CA ARG A 58 -0.46 1.58 2.11
C ARG A 58 -0.93 0.16 2.42
N ASN A 59 -0.32 -0.42 3.46
CA ASN A 59 -0.38 -1.81 3.86
C ASN A 59 -1.71 -2.52 3.56
N LYS A 60 -2.80 -2.00 4.13
CA LYS A 60 -4.14 -2.54 3.98
C LYS A 60 -5.17 -1.42 4.06
N ASP A 61 -5.04 -0.56 5.07
CA ASP A 61 -5.93 0.56 5.30
C ASP A 61 -5.07 1.75 5.74
N ASP A 62 -4.29 2.24 4.78
CA ASP A 62 -3.39 3.39 4.86
C ASP A 62 -2.60 3.49 6.16
N LYS A 63 -2.11 2.37 6.71
CA LYS A 63 -1.18 2.47 7.82
C LYS A 63 0.19 2.73 7.18
N CYS A 64 0.53 4.00 6.96
CA CYS A 64 1.74 4.37 6.24
C CYS A 64 2.97 4.13 7.11
N VAL A 65 3.34 2.85 7.25
CA VAL A 65 4.55 2.36 7.88
C VAL A 65 5.30 1.52 6.84
N SER A 66 6.57 1.19 7.14
CA SER A 66 7.42 0.48 6.19
C SER A 66 7.16 -1.04 6.25
N ALA A 67 7.92 -1.77 5.43
CA ALA A 67 7.80 -3.22 5.27
C ALA A 67 7.98 -3.95 6.61
N GLU A 68 8.65 -3.29 7.55
CA GLU A 68 8.75 -3.70 8.94
C GLU A 68 7.36 -4.10 9.46
N ASP A 69 6.39 -3.16 9.37
CA ASP A 69 5.03 -3.42 9.81
C ASP A 69 4.45 -4.56 9.00
N CYS A 70 4.55 -4.44 7.67
CA CYS A 70 3.98 -5.40 6.73
C CYS A 70 4.32 -6.84 7.13
N GLU A 71 5.60 -7.09 7.38
CA GLU A 71 6.09 -8.40 7.77
C GLU A 71 5.67 -8.75 9.20
N LEU A 72 5.94 -7.87 10.16
CA LEU A 72 5.73 -8.17 11.58
C LEU A 72 4.25 -8.38 11.90
N ASP A 73 3.35 -7.63 11.25
CA ASP A 73 1.92 -7.64 11.50
C ASP A 73 1.24 -8.87 10.91
N ASN A 74 1.73 -10.05 11.29
CA ASN A 74 1.20 -11.34 10.87
C ASN A 74 -0.03 -11.65 11.71
N MET A 75 -1.20 -11.23 11.25
CA MET A 75 -2.46 -11.47 11.96
C MET A 75 -2.70 -12.97 12.12
N ASP A 76 -2.95 -13.67 11.01
CA ASP A 76 -3.14 -15.10 10.96
C ASP A 76 -1.85 -15.76 10.50
N PHE A 77 -1.59 -15.69 9.20
CA PHE A 77 -0.37 -16.23 8.61
C PHE A 77 -0.18 -15.58 7.23
N ILE A 78 0.96 -14.94 7.00
CA ILE A 78 1.31 -14.42 5.70
C ILE A 78 1.60 -15.61 4.77
N TYR A 79 0.53 -16.21 4.23
CA TYR A 79 0.65 -17.26 3.23
C TYR A 79 1.42 -16.73 2.00
N PRO A 80 2.06 -17.62 1.22
CA PRO A 80 2.79 -17.24 0.01
C PRO A 80 2.02 -16.28 -0.90
N GLY A 81 2.75 -15.44 -1.63
CA GLY A 81 2.20 -14.42 -2.50
C GLY A 81 1.47 -15.00 -3.71
N THR A 82 0.30 -15.58 -3.48
CA THR A 82 -0.61 -16.05 -4.52
C THR A 82 -2.01 -16.03 -3.92
N ARG A 83 -2.99 -15.47 -4.63
CA ARG A 83 -4.34 -15.23 -4.11
C ARG A 83 -5.13 -16.53 -4.11
N ASN A 84 -4.71 -17.50 -3.30
CA ASN A 84 -5.34 -18.80 -3.14
C ASN A 84 -6.08 -18.90 -1.80
N PRO A 85 -5.41 -18.89 -0.63
CA PRO A 85 -6.12 -18.86 0.64
C PRO A 85 -6.85 -17.54 0.84
N LYS A 1 0.75 21.61 -3.76
CA LYS A 1 0.09 20.96 -2.61
C LYS A 1 -1.34 21.46 -2.47
N ALA A 2 -2.31 20.66 -2.92
CA ALA A 2 -3.72 20.97 -2.73
C ALA A 2 -4.10 20.82 -1.24
N THR A 3 -5.25 21.36 -0.85
CA THR A 3 -5.74 21.37 0.51
C THR A 3 -6.30 19.99 0.88
N MET A 4 -5.42 18.98 0.92
CA MET A 4 -5.72 17.64 1.41
C MET A 4 -5.13 17.41 2.81
N GLN A 5 -4.54 18.45 3.40
CA GLN A 5 -4.08 18.55 4.78
C GLN A 5 -2.99 17.53 5.12
N CYS A 6 -3.34 16.25 5.23
CA CYS A 6 -2.46 15.13 5.54
C CYS A 6 -1.37 15.45 6.57
N GLY A 7 -0.08 15.29 6.22
CA GLY A 7 1.03 15.43 7.14
C GLY A 7 1.47 14.08 7.71
N GLU A 8 0.60 13.06 7.69
CA GLU A 8 0.84 11.80 8.39
C GLU A 8 1.75 10.86 7.58
N ASN A 9 2.93 11.34 7.19
CA ASN A 9 3.86 10.63 6.32
C ASN A 9 3.20 10.32 4.96
N GLU A 10 2.45 11.29 4.43
CA GLU A 10 1.75 11.21 3.15
C GLU A 10 2.22 12.38 2.30
N LYS A 11 2.11 12.27 0.97
CA LYS A 11 2.35 13.39 0.06
C LYS A 11 1.28 13.43 -1.02
N TYR A 12 1.02 14.64 -1.54
CA TYR A 12 0.03 14.93 -2.57
C TYR A 12 0.51 14.38 -3.92
N ASP A 13 0.53 13.04 -4.04
CA ASP A 13 0.81 12.36 -5.30
C ASP A 13 0.11 11.01 -5.35
N SER A 14 -1.18 10.91 -5.00
CA SER A 14 -1.82 9.61 -5.09
C SER A 14 -1.70 9.03 -6.49
N CYS A 15 -1.37 7.74 -6.57
CA CYS A 15 -1.41 6.93 -7.79
C CYS A 15 -2.88 6.73 -8.11
N GLY A 16 -3.54 7.82 -8.49
CA GLY A 16 -4.98 7.84 -8.61
C GLY A 16 -5.58 7.94 -7.20
N SER A 17 -5.40 6.90 -6.40
CA SER A 17 -5.98 6.78 -5.08
C SER A 17 -5.18 5.74 -4.29
N LYS A 18 -5.66 5.29 -3.13
CA LYS A 18 -5.08 4.15 -2.41
C LYS A 18 -5.48 2.84 -3.11
N GLU A 19 -5.05 2.69 -4.37
CA GLU A 19 -5.29 1.50 -5.17
C GLU A 19 -4.12 0.51 -5.00
N CYS A 20 -3.57 0.02 -6.11
CA CYS A 20 -2.51 -0.98 -6.17
C CYS A 20 -1.12 -0.45 -5.85
N ASP A 21 -0.98 0.83 -5.50
CA ASP A 21 0.30 1.44 -5.20
C ASP A 21 0.74 1.09 -3.78
N LYS A 22 1.80 0.29 -3.64
CA LYS A 22 2.43 -0.11 -2.38
C LYS A 22 1.44 -0.44 -1.25
N LYS A 23 0.36 -1.14 -1.59
CA LYS A 23 -0.59 -1.71 -0.64
C LYS A 23 -0.03 -2.98 -0.03
N CYS A 24 1.15 -2.87 0.60
CA CYS A 24 1.87 -3.98 1.19
C CYS A 24 2.20 -5.06 0.15
N LYS A 25 1.29 -6.00 -0.06
CA LYS A 25 1.41 -7.12 -0.98
C LYS A 25 0.06 -7.80 -1.03
N TYR A 26 -0.13 -8.85 -0.24
CA TYR A 26 -1.44 -9.47 -0.06
C TYR A 26 -2.40 -8.44 0.53
N ASP A 27 -3.61 -8.39 -0.03
CA ASP A 27 -4.69 -7.49 0.37
C ASP A 27 -5.95 -8.31 0.68
N GLY A 28 -7.03 -7.64 1.05
CA GLY A 28 -8.31 -8.28 1.33
C GLY A 28 -8.11 -9.32 2.41
N VAL A 29 -7.77 -8.87 3.62
CA VAL A 29 -7.31 -9.64 4.77
C VAL A 29 -6.00 -10.38 4.49
N GLU A 30 -6.00 -11.29 3.50
CA GLU A 30 -4.82 -11.94 2.94
C GLU A 30 -5.18 -12.69 1.65
N GLU A 31 -6.24 -12.27 0.94
CA GLU A 31 -6.80 -13.02 -0.18
C GLU A 31 -6.00 -12.75 -1.46
N GLU A 32 -4.72 -13.11 -1.43
CA GLU A 32 -3.78 -12.80 -2.51
C GLU A 32 -3.84 -11.30 -2.80
N ASP A 33 -3.70 -10.91 -4.07
CA ASP A 33 -3.76 -9.52 -4.47
C ASP A 33 -3.98 -9.39 -5.98
N ASP A 34 -5.25 -9.27 -6.38
CA ASP A 34 -5.62 -8.98 -7.76
C ASP A 34 -4.97 -7.67 -8.21
N GLU A 35 -5.05 -6.64 -7.36
CA GLU A 35 -4.36 -5.37 -7.57
C GLU A 35 -2.86 -5.56 -7.31
N GLU A 36 -2.20 -6.35 -8.16
CA GLU A 36 -0.78 -6.68 -8.02
C GLU A 36 0.06 -5.40 -7.94
N PRO A 37 0.89 -5.23 -6.89
CA PRO A 37 1.63 -4.02 -6.59
C PRO A 37 2.23 -3.24 -7.77
N ASN A 38 1.70 -2.04 -8.01
CA ASN A 38 2.24 -1.04 -8.93
C ASN A 38 2.42 -1.45 -10.39
N VAL A 39 3.46 -2.25 -10.67
CA VAL A 39 3.94 -2.54 -12.02
C VAL A 39 2.86 -3.15 -12.93
N PRO A 40 2.45 -4.42 -12.75
CA PRO A 40 1.45 -5.05 -13.60
C PRO A 40 0.13 -4.29 -13.60
N CYS A 41 -0.29 -3.80 -12.42
CA CYS A 41 -1.45 -2.94 -12.26
C CYS A 41 -1.42 -1.73 -13.20
N LEU A 42 -0.27 -1.05 -13.26
CA LEU A 42 0.06 -0.01 -14.22
C LEU A 42 -0.60 1.35 -13.94
N VAL A 43 -1.46 1.50 -12.92
CA VAL A 43 -1.98 2.81 -12.52
C VAL A 43 -0.91 3.58 -11.74
N ARG A 44 0.23 3.83 -12.38
CA ARG A 44 1.42 4.45 -11.78
C ARG A 44 1.31 5.98 -11.79
N VAL A 45 0.12 6.53 -12.01
CA VAL A 45 -0.14 7.96 -12.12
C VAL A 45 -0.11 8.62 -10.73
N CYS A 46 1.02 8.55 -10.03
CA CYS A 46 1.18 9.19 -8.73
C CYS A 46 1.21 10.70 -8.92
N HIS A 47 0.07 11.36 -8.66
CA HIS A 47 -0.17 12.76 -9.00
C HIS A 47 -1.11 13.51 -8.05
N GLN A 48 -2.20 12.87 -7.60
CA GLN A 48 -3.29 13.55 -6.91
C GLN A 48 -3.23 13.57 -5.39
N ASP A 49 -4.24 12.95 -4.76
CA ASP A 49 -4.58 12.97 -3.35
C ASP A 49 -3.39 12.76 -2.42
N CYS A 50 -3.44 13.30 -1.18
CA CYS A 50 -2.34 13.14 -0.25
C CYS A 50 -2.42 11.80 0.45
N VAL A 51 -1.48 10.90 0.14
CA VAL A 51 -1.47 9.53 0.64
C VAL A 51 -0.03 9.11 0.90
N CYS A 52 0.16 8.01 1.64
CA CYS A 52 1.45 7.42 2.02
C CYS A 52 2.58 7.71 1.05
N GLU A 53 3.62 8.39 1.53
CA GLU A 53 4.84 8.63 0.78
C GLU A 53 5.32 7.32 0.16
N GLU A 54 5.33 7.26 -1.18
CA GLU A 54 5.62 6.10 -1.99
C GLU A 54 7.09 5.68 -1.88
N GLY A 55 7.41 5.18 -0.70
CA GLY A 55 8.69 4.69 -0.24
C GLY A 55 8.41 3.66 0.83
N PHE A 56 7.48 3.97 1.75
CA PHE A 56 6.96 3.00 2.69
C PHE A 56 5.75 2.32 2.04
N TYR A 57 5.03 1.48 2.78
CA TYR A 57 3.83 0.79 2.29
C TYR A 57 2.61 1.33 3.00
N ARG A 58 1.47 1.40 2.31
CA ARG A 58 0.22 1.84 2.92
C ARG A 58 -0.43 0.66 3.65
N ASN A 59 0.18 0.27 4.76
CA ASN A 59 -0.27 -0.87 5.57
C ASN A 59 -1.55 -0.52 6.31
N LYS A 60 -2.31 -1.53 6.76
CA LYS A 60 -3.51 -1.45 7.61
C LYS A 60 -4.61 -0.51 7.06
N ASP A 61 -4.36 0.80 7.09
CA ASP A 61 -5.15 1.85 6.48
C ASP A 61 -4.23 3.06 6.31
N ASP A 62 -3.55 3.13 5.16
CA ASP A 62 -2.52 4.11 4.84
C ASP A 62 -1.50 4.37 5.96
N LYS A 63 -1.19 3.34 6.75
CA LYS A 63 -0.11 3.39 7.73
C LYS A 63 1.20 3.26 6.98
N CYS A 64 1.66 4.40 6.45
CA CYS A 64 2.98 4.58 5.85
C CYS A 64 4.15 4.14 6.72
N VAL A 65 4.43 2.83 6.74
CA VAL A 65 5.60 2.22 7.37
C VAL A 65 6.16 1.10 6.48
N SER A 66 7.39 0.68 6.77
CA SER A 66 8.22 -0.20 5.96
C SER A 66 7.63 -1.60 5.69
N ALA A 67 8.22 -2.30 4.73
CA ALA A 67 7.93 -3.69 4.39
C ALA A 67 7.89 -4.58 5.64
N GLU A 68 8.84 -4.30 6.54
CA GLU A 68 8.94 -4.83 7.89
C GLU A 68 7.55 -5.03 8.51
N ASP A 69 6.71 -4.00 8.43
CA ASP A 69 5.34 -4.05 8.94
C ASP A 69 4.48 -4.87 7.98
N CYS A 70 4.48 -4.53 6.69
CA CYS A 70 3.67 -5.18 5.66
C CYS A 70 3.62 -6.70 5.83
N GLU A 71 4.78 -7.35 5.89
CA GLU A 71 4.85 -8.79 6.05
C GLU A 71 3.98 -9.26 7.23
N LEU A 72 4.04 -8.51 8.34
CA LEU A 72 3.46 -8.86 9.63
C LEU A 72 2.03 -8.34 9.77
N ASP A 73 1.64 -7.33 8.99
CA ASP A 73 0.30 -6.74 8.97
C ASP A 73 -0.77 -7.85 8.87
N ASN A 74 -0.48 -8.89 8.07
CA ASN A 74 -1.31 -10.09 7.96
C ASN A 74 -1.78 -10.62 9.32
N MET A 75 -0.97 -10.49 10.37
CA MET A 75 -1.32 -10.94 11.71
C MET A 75 -2.59 -10.22 12.21
N ASP A 76 -2.71 -8.92 11.94
CA ASP A 76 -3.91 -8.15 12.25
C ASP A 76 -4.92 -8.20 11.10
N PHE A 77 -4.45 -8.56 9.90
CA PHE A 77 -5.16 -8.82 8.65
C PHE A 77 -5.25 -7.56 7.80
N ILE A 78 -4.82 -7.66 6.54
CA ILE A 78 -4.66 -6.52 5.67
C ILE A 78 -6.03 -6.20 5.05
N TYR A 79 -6.91 -5.61 5.86
CA TYR A 79 -8.30 -5.33 5.50
C TYR A 79 -8.47 -4.65 4.13
N PRO A 80 -7.72 -3.60 3.77
CA PRO A 80 -7.90 -2.91 2.49
C PRO A 80 -7.93 -3.92 1.34
N GLY A 81 -8.88 -3.75 0.43
CA GLY A 81 -9.22 -4.72 -0.59
C GLY A 81 -10.62 -5.26 -0.26
N THR A 82 -10.91 -5.45 1.03
CA THR A 82 -12.24 -5.76 1.52
C THR A 82 -13.12 -4.50 1.40
N ARG A 83 -13.49 -4.13 0.17
CA ARG A 83 -14.25 -2.94 -0.19
C ARG A 83 -13.44 -1.66 0.02
N ASN A 84 -13.00 -1.39 1.26
CA ASN A 84 -12.14 -0.26 1.57
C ASN A 84 -10.90 -0.29 0.67
N PRO A 85 -10.56 0.79 -0.06
CA PRO A 85 -9.47 0.79 -1.01
C PRO A 85 -8.13 0.67 -0.28
N LYS A 1 7.06 14.84 -8.78
CA LYS A 1 5.73 14.25 -8.52
C LYS A 1 5.21 14.68 -7.15
N ALA A 2 5.87 14.23 -6.08
CA ALA A 2 5.41 14.48 -4.73
C ALA A 2 5.72 15.92 -4.31
N THR A 3 4.90 16.87 -4.77
CA THR A 3 4.99 18.29 -4.48
C THR A 3 4.70 18.57 -3.00
N MET A 4 3.41 18.58 -2.62
CA MET A 4 3.02 18.84 -1.24
C MET A 4 3.30 17.62 -0.36
N GLN A 5 4.15 17.78 0.65
CA GLN A 5 4.42 16.77 1.67
C GLN A 5 3.25 16.77 2.67
N CYS A 6 2.03 16.50 2.19
CA CYS A 6 0.76 16.66 2.92
C CYS A 6 0.81 16.41 4.43
N GLY A 7 1.52 15.37 4.88
CA GLY A 7 1.66 15.10 6.31
C GLY A 7 3.06 14.60 6.65
N GLU A 8 4.06 15.00 5.86
CA GLU A 8 5.47 14.60 5.99
C GLU A 8 5.69 13.10 5.79
N ASN A 9 5.15 12.28 6.69
CA ASN A 9 5.08 10.83 6.52
C ASN A 9 4.23 10.47 5.30
N GLU A 10 3.50 11.44 4.72
CA GLU A 10 2.70 11.30 3.52
C GLU A 10 2.94 12.52 2.62
N LYS A 11 2.98 12.31 1.31
CA LYS A 11 3.35 13.27 0.29
C LYS A 11 2.59 13.01 -1.02
N TYR A 12 2.47 14.05 -1.86
CA TYR A 12 1.60 14.02 -3.03
C TYR A 12 1.83 12.81 -3.94
N ASP A 13 0.74 12.24 -4.47
CA ASP A 13 0.73 11.18 -5.46
C ASP A 13 -0.69 11.01 -5.97
N SER A 14 -0.99 11.56 -7.15
CA SER A 14 -2.26 11.24 -7.78
C SER A 14 -2.18 9.81 -8.34
N CYS A 15 -3.33 9.21 -8.64
CA CYS A 15 -3.51 7.91 -9.30
C CYS A 15 -3.55 6.82 -8.24
N GLY A 16 -4.32 7.03 -7.17
CA GLY A 16 -4.27 6.06 -6.10
C GLY A 16 -5.17 6.29 -4.90
N SER A 17 -6.29 5.58 -4.83
CA SER A 17 -7.11 5.50 -3.63
C SER A 17 -6.20 4.99 -2.51
N LYS A 18 -5.62 3.81 -2.78
CA LYS A 18 -4.53 3.22 -2.01
C LYS A 18 -3.49 2.67 -2.98
N GLU A 19 -3.22 3.50 -3.99
CA GLU A 19 -2.20 3.53 -5.02
C GLU A 19 -1.72 2.27 -5.74
N CYS A 20 -1.74 1.08 -5.15
CA CYS A 20 -1.07 -0.11 -5.70
C CYS A 20 0.36 0.22 -6.16
N ASP A 21 0.94 1.29 -5.59
CA ASP A 21 2.25 1.86 -5.85
C ASP A 21 3.22 1.30 -4.82
N LYS A 22 3.38 1.96 -3.68
CA LYS A 22 4.08 1.43 -2.52
C LYS A 22 3.06 0.64 -1.71
N LYS A 23 2.57 -0.44 -2.30
CA LYS A 23 1.55 -1.28 -1.70
C LYS A 23 2.15 -2.32 -0.78
N CYS A 24 1.43 -2.66 0.29
CA CYS A 24 1.81 -3.80 1.11
C CYS A 24 1.61 -5.05 0.28
N LYS A 25 2.70 -5.74 -0.04
CA LYS A 25 2.71 -6.89 -0.94
C LYS A 25 2.07 -8.14 -0.33
N TYR A 26 0.77 -8.07 -0.05
CA TYR A 26 -0.03 -9.23 0.32
C TYR A 26 -0.28 -10.05 -0.94
N ASP A 27 0.79 -10.62 -1.48
CA ASP A 27 0.74 -11.59 -2.54
C ASP A 27 0.72 -12.96 -1.85
N GLY A 28 0.29 -14.02 -2.55
CA GLY A 28 0.23 -15.36 -2.02
C GLY A 28 1.49 -15.76 -1.24
N VAL A 29 1.37 -15.78 0.10
CA VAL A 29 2.41 -16.18 1.05
C VAL A 29 3.65 -15.29 0.94
N GLU A 30 3.50 -14.11 0.32
CA GLU A 30 4.59 -13.24 -0.07
C GLU A 30 5.61 -13.97 -0.96
N GLU A 31 5.21 -15.10 -1.56
CA GLU A 31 6.04 -15.92 -2.44
C GLU A 31 5.65 -15.62 -3.88
N GLU A 32 4.35 -15.53 -4.17
CA GLU A 32 3.85 -15.20 -5.50
C GLU A 32 4.05 -13.71 -5.78
N ASP A 33 5.29 -13.22 -5.73
CA ASP A 33 5.63 -11.80 -5.76
C ASP A 33 5.49 -11.16 -7.15
N ASP A 34 4.30 -11.24 -7.74
CA ASP A 34 3.98 -10.53 -8.97
C ASP A 34 3.91 -9.03 -8.72
N GLU A 35 3.35 -8.61 -7.58
CA GLU A 35 3.33 -7.23 -7.11
C GLU A 35 3.00 -6.23 -8.23
N GLU A 36 1.84 -6.41 -8.87
CA GLU A 36 1.38 -5.58 -9.98
C GLU A 36 1.44 -4.09 -9.58
N PRO A 37 2.25 -3.25 -10.24
CA PRO A 37 2.39 -1.86 -9.85
C PRO A 37 1.27 -0.97 -10.40
N ASN A 38 1.04 0.16 -9.73
CA ASN A 38 0.18 1.31 -10.03
C ASN A 38 -0.40 1.38 -11.46
N VAL A 39 0.45 1.37 -12.48
CA VAL A 39 0.02 1.56 -13.87
C VAL A 39 -0.78 0.34 -14.37
N PRO A 40 -0.18 -0.85 -14.56
CA PRO A 40 -0.94 -2.04 -14.93
C PRO A 40 -1.99 -2.40 -13.88
N CYS A 41 -1.77 -2.07 -12.60
CA CYS A 41 -2.71 -2.34 -11.52
C CYS A 41 -3.91 -1.38 -11.52
N LEU A 42 -4.53 -1.18 -12.69
CA LEU A 42 -5.77 -0.49 -13.04
C LEU A 42 -6.20 0.83 -12.37
N VAL A 43 -5.55 1.32 -11.31
CA VAL A 43 -6.03 2.43 -10.49
C VAL A 43 -5.69 3.78 -11.14
N ARG A 44 -6.06 3.96 -12.41
CA ARG A 44 -5.75 5.16 -13.17
C ARG A 44 -6.70 6.32 -12.82
N VAL A 45 -7.24 6.34 -11.60
CA VAL A 45 -8.23 7.29 -11.13
C VAL A 45 -7.47 8.53 -10.63
N CYS A 46 -6.66 9.12 -11.51
CA CYS A 46 -5.67 10.15 -11.20
C CYS A 46 -6.31 11.48 -10.79
N HIS A 47 -6.79 11.57 -9.55
CA HIS A 47 -7.24 12.84 -8.98
C HIS A 47 -7.08 12.90 -7.46
N GLN A 48 -6.02 12.28 -6.91
CA GLN A 48 -5.78 12.26 -5.47
C GLN A 48 -4.88 13.39 -4.98
N ASP A 49 -4.73 13.43 -3.66
CA ASP A 49 -3.77 14.26 -2.94
C ASP A 49 -2.50 13.42 -2.74
N CYS A 50 -2.27 12.91 -1.53
CA CYS A 50 -1.03 12.26 -1.11
C CYS A 50 -1.21 10.81 -0.68
N VAL A 51 -0.07 10.11 -0.59
CA VAL A 51 0.08 8.75 -0.09
C VAL A 51 1.39 8.71 0.71
N CYS A 52 1.81 7.53 1.17
CA CYS A 52 2.92 7.39 2.11
C CYS A 52 4.27 7.90 1.58
N GLU A 53 5.15 8.30 2.50
CA GLU A 53 6.53 8.63 2.18
C GLU A 53 7.31 7.40 1.69
N GLU A 54 8.35 7.63 0.89
CA GLU A 54 9.26 6.56 0.51
C GLU A 54 9.88 5.94 1.76
N GLY A 55 9.90 4.60 1.81
CA GLY A 55 10.26 3.84 2.99
C GLY A 55 9.01 3.30 3.67
N PHE A 56 7.90 4.04 3.61
CA PHE A 56 6.61 3.59 4.09
C PHE A 56 5.80 3.07 2.89
N TYR A 57 4.84 2.20 3.18
CA TYR A 57 3.97 1.57 2.20
C TYR A 57 2.55 1.69 2.75
N ARG A 58 1.52 1.68 1.90
CA ARG A 58 0.19 2.02 2.39
C ARG A 58 -0.52 0.86 3.10
N ASN A 59 0.23 0.06 3.86
CA ASN A 59 -0.27 -1.01 4.72
C ASN A 59 -1.42 -1.79 4.06
N LYS A 60 -2.32 -2.33 4.89
CA LYS A 60 -3.58 -2.88 4.44
C LYS A 60 -4.50 -1.76 3.94
N ASP A 61 -4.48 -0.61 4.66
CA ASP A 61 -5.38 0.51 4.40
C ASP A 61 -4.73 1.83 4.86
N ASP A 62 -3.74 2.30 4.10
CA ASP A 62 -2.96 3.52 4.28
C ASP A 62 -2.54 3.83 5.73
N LYS A 63 -2.29 2.79 6.53
CA LYS A 63 -1.66 2.93 7.83
C LYS A 63 -0.15 3.03 7.60
N CYS A 64 0.26 4.15 7.00
CA CYS A 64 1.61 4.39 6.46
C CYS A 64 2.75 4.05 7.42
N VAL A 65 3.38 2.90 7.21
CA VAL A 65 4.63 2.46 7.83
C VAL A 65 5.27 1.49 6.83
N SER A 66 6.49 1.03 7.07
CA SER A 66 7.15 0.08 6.19
C SER A 66 6.36 -1.22 6.07
N ALA A 67 6.29 -1.76 4.84
CA ALA A 67 5.52 -2.95 4.50
C ALA A 67 5.75 -4.10 5.47
N GLU A 68 6.98 -4.25 5.98
CA GLU A 68 7.34 -5.20 7.03
C GLU A 68 6.25 -5.31 8.11
N ASP A 69 5.78 -4.17 8.62
CA ASP A 69 4.71 -4.12 9.61
C ASP A 69 3.51 -4.91 9.12
N CYS A 70 3.04 -4.55 7.93
CA CYS A 70 1.83 -5.08 7.32
C CYS A 70 1.98 -6.57 7.04
N GLU A 71 3.11 -6.96 6.41
CA GLU A 71 3.50 -8.34 6.17
C GLU A 71 3.33 -9.16 7.45
N LEU A 72 4.04 -8.77 8.51
CA LEU A 72 3.98 -9.45 9.80
C LEU A 72 2.54 -9.47 10.31
N ASP A 73 1.88 -8.31 10.30
CA ASP A 73 0.55 -8.10 10.88
C ASP A 73 -0.48 -9.12 10.40
N ASN A 74 -0.37 -9.62 9.17
CA ASN A 74 -1.29 -10.67 8.72
C ASN A 74 -1.22 -11.88 9.66
N MET A 75 0.00 -12.31 9.99
CA MET A 75 0.35 -13.46 10.81
C MET A 75 -0.03 -14.78 10.14
N ASP A 76 -1.33 -14.95 9.91
CA ASP A 76 -2.01 -16.15 9.45
C ASP A 76 -1.26 -16.86 8.31
N PHE A 77 -1.12 -16.23 7.14
CA PHE A 77 -0.31 -16.79 6.05
C PHE A 77 -0.02 -15.83 4.88
N ILE A 78 -0.24 -14.52 5.04
CA ILE A 78 -0.10 -13.51 3.99
C ILE A 78 -0.94 -13.89 2.76
N TYR A 79 -2.20 -13.48 2.80
CA TYR A 79 -3.21 -13.88 1.82
C TYR A 79 -2.86 -13.38 0.42
N PRO A 80 -3.29 -14.09 -0.64
CA PRO A 80 -3.21 -13.58 -2.00
C PRO A 80 -4.27 -12.49 -2.14
N GLY A 81 -3.89 -11.25 -1.81
CA GLY A 81 -4.77 -10.10 -1.73
C GLY A 81 -5.46 -9.81 -3.05
N THR A 82 -6.60 -10.47 -3.27
CA THR A 82 -7.49 -10.29 -4.40
C THR A 82 -6.71 -10.53 -5.70
N ARG A 83 -6.56 -11.79 -6.08
CA ARG A 83 -5.69 -12.29 -7.15
C ARG A 83 -4.25 -12.24 -6.64
N ASN A 84 -3.78 -11.03 -6.35
CA ASN A 84 -2.49 -10.62 -5.80
C ASN A 84 -2.36 -9.14 -6.18
N PRO A 85 -1.88 -8.26 -5.28
CA PRO A 85 -1.70 -6.85 -5.56
C PRO A 85 -0.37 -6.63 -6.30
N LYS A 1 -7.46 11.68 -3.87
CA LYS A 1 -8.62 12.05 -3.04
C LYS A 1 -8.18 12.83 -1.80
N ALA A 2 -7.17 12.34 -1.09
CA ALA A 2 -6.50 13.07 -0.02
C ALA A 2 -5.56 14.11 -0.63
N THR A 3 -6.08 14.94 -1.53
CA THR A 3 -5.39 15.88 -2.42
C THR A 3 -4.00 16.27 -1.92
N MET A 4 -3.96 17.12 -0.89
CA MET A 4 -2.77 17.51 -0.17
C MET A 4 -2.96 17.20 1.32
N GLN A 5 -3.82 16.25 1.65
CA GLN A 5 -4.14 15.94 3.05
C GLN A 5 -3.07 14.97 3.57
N CYS A 6 -1.83 15.47 3.65
CA CYS A 6 -0.67 14.72 4.11
C CYS A 6 -0.73 14.59 5.63
N GLY A 7 -1.76 13.90 6.14
CA GLY A 7 -1.97 13.73 7.57
C GLY A 7 -0.88 12.86 8.20
N GLU A 8 -0.35 11.89 7.44
CA GLU A 8 0.67 10.97 7.88
C GLU A 8 1.95 11.15 7.04
N ASN A 9 2.87 10.20 7.17
CA ASN A 9 4.07 10.03 6.37
C ASN A 9 3.71 9.75 4.91
N GLU A 10 3.27 10.82 4.22
CA GLU A 10 2.76 10.81 2.86
C GLU A 10 3.47 11.89 2.03
N LYS A 11 3.37 11.81 0.69
CA LYS A 11 3.93 12.74 -0.28
C LYS A 11 2.91 13.01 -1.39
N TYR A 12 2.90 14.20 -1.98
CA TYR A 12 1.98 14.52 -3.06
C TYR A 12 2.27 13.67 -4.30
N ASP A 13 1.23 13.10 -4.93
CA ASP A 13 1.35 12.41 -6.21
C ASP A 13 0.02 12.47 -6.95
N SER A 14 0.08 12.39 -8.28
CA SER A 14 -1.09 12.44 -9.15
C SER A 14 -1.62 11.02 -9.41
N CYS A 15 -2.02 10.27 -8.37
CA CYS A 15 -2.47 8.89 -8.60
C CYS A 15 -3.49 8.35 -7.60
N GLY A 16 -4.62 9.06 -7.50
CA GLY A 16 -5.84 8.66 -6.80
C GLY A 16 -5.59 8.25 -5.36
N SER A 17 -6.47 7.41 -4.81
CA SER A 17 -6.46 6.97 -3.42
C SER A 17 -5.24 6.07 -3.11
N LYS A 18 -4.02 6.61 -3.23
CA LYS A 18 -2.78 5.87 -3.18
C LYS A 18 -2.83 4.67 -4.13
N GLU A 19 -3.29 4.88 -5.37
CA GLU A 19 -3.59 3.79 -6.26
C GLU A 19 -2.36 2.95 -6.56
N CYS A 20 -2.40 1.71 -6.07
CA CYS A 20 -1.34 0.72 -6.02
C CYS A 20 0.00 1.32 -5.60
N ASP A 21 -0.05 2.41 -4.81
CA ASP A 21 1.11 3.09 -4.28
C ASP A 21 1.48 2.42 -2.97
N LYS A 22 2.60 1.71 -2.98
CA LYS A 22 3.14 0.99 -1.84
C LYS A 22 2.05 0.22 -1.06
N LYS A 23 1.15 -0.48 -1.74
CA LYS A 23 0.16 -1.29 -1.05
C LYS A 23 0.86 -2.50 -0.41
N CYS A 24 0.57 -2.81 0.87
CA CYS A 24 1.10 -4.01 1.49
C CYS A 24 0.58 -5.25 0.77
N LYS A 25 1.37 -6.33 0.72
CA LYS A 25 0.92 -7.61 0.22
C LYS A 25 1.14 -8.67 1.27
N TYR A 26 0.06 -9.38 1.57
CA TYR A 26 0.03 -10.58 2.36
C TYR A 26 -1.21 -11.34 1.88
N ASP A 27 -1.27 -12.62 2.22
CA ASP A 27 -2.44 -13.47 2.02
C ASP A 27 -3.74 -12.74 2.40
N GLY A 28 -3.73 -12.08 3.56
CA GLY A 28 -4.78 -11.18 3.97
C GLY A 28 -6.05 -11.90 4.41
N VAL A 29 -5.92 -13.14 4.89
CA VAL A 29 -7.01 -13.87 5.52
C VAL A 29 -7.18 -13.35 6.95
N GLU A 30 -7.38 -12.04 7.09
CA GLU A 30 -7.48 -11.33 8.34
C GLU A 30 -8.06 -9.95 8.05
N GLU A 31 -8.92 -9.46 8.95
CA GLU A 31 -9.54 -8.14 8.88
C GLU A 31 -10.12 -7.83 7.50
N GLU A 32 -10.72 -8.85 6.87
CA GLU A 32 -11.27 -8.76 5.52
C GLU A 32 -12.30 -7.65 5.41
N ASP A 33 -12.97 -7.34 6.53
CA ASP A 33 -13.88 -6.20 6.69
C ASP A 33 -13.29 -4.90 6.14
N ASP A 34 -11.97 -4.73 6.20
CA ASP A 34 -11.28 -3.54 5.68
C ASP A 34 -11.42 -3.42 4.16
N GLU A 35 -11.57 -4.56 3.47
CA GLU A 35 -11.72 -4.69 2.02
C GLU A 35 -10.48 -4.23 1.24
N GLU A 36 -10.21 -2.92 1.28
CA GLU A 36 -9.06 -2.28 0.64
C GLU A 36 -8.82 -2.79 -0.79
N PRO A 37 -9.71 -2.48 -1.76
CA PRO A 37 -9.54 -2.89 -3.16
C PRO A 37 -8.26 -2.33 -3.81
N ASN A 38 -7.55 -1.45 -3.11
CA ASN A 38 -6.21 -1.01 -3.50
C ASN A 38 -5.20 -2.15 -3.45
N VAL A 39 -5.35 -3.09 -2.50
CA VAL A 39 -4.46 -4.24 -2.37
C VAL A 39 -4.37 -5.02 -3.69
N PRO A 40 -5.47 -5.54 -4.25
CA PRO A 40 -5.47 -6.14 -5.58
C PRO A 40 -5.45 -5.10 -6.71
N CYS A 41 -4.88 -3.91 -6.49
CA CYS A 41 -4.70 -2.85 -7.48
C CYS A 41 -5.93 -2.65 -8.40
N LEU A 42 -7.11 -2.48 -7.79
CA LEU A 42 -8.34 -2.27 -8.55
C LEU A 42 -8.51 -0.81 -8.95
N VAL A 43 -8.43 0.09 -7.96
CA VAL A 43 -8.78 1.51 -8.12
C VAL A 43 -7.89 2.20 -9.17
N ARG A 44 -8.52 2.86 -10.16
CA ARG A 44 -7.87 3.39 -11.35
C ARG A 44 -8.10 4.90 -11.56
N VAL A 45 -8.79 5.58 -10.65
CA VAL A 45 -9.04 7.02 -10.74
C VAL A 45 -7.79 7.81 -10.32
N CYS A 46 -6.71 7.66 -11.09
CA CYS A 46 -5.40 8.22 -10.73
C CYS A 46 -5.39 9.74 -10.86
N HIS A 47 -5.86 10.45 -9.81
CA HIS A 47 -5.77 11.90 -9.69
C HIS A 47 -5.21 12.32 -8.33
N GLN A 48 -4.65 13.53 -8.28
CA GLN A 48 -4.07 14.25 -7.14
C GLN A 48 -4.44 13.70 -5.75
N ASP A 49 -3.44 13.28 -4.98
CA ASP A 49 -3.58 12.71 -3.64
C ASP A 49 -2.23 12.78 -2.92
N CYS A 50 -2.22 12.87 -1.58
CA CYS A 50 -0.99 12.72 -0.81
C CYS A 50 -0.78 11.25 -0.47
N VAL A 51 0.01 10.55 -1.30
CA VAL A 51 0.18 9.09 -1.27
C VAL A 51 1.27 8.68 -0.27
N CYS A 52 1.50 7.38 -0.08
CA CYS A 52 2.39 6.87 0.98
C CYS A 52 3.85 7.18 0.66
N GLU A 53 4.65 7.64 1.64
CA GLU A 53 6.04 8.00 1.37
C GLU A 53 6.87 6.79 0.90
N GLU A 54 7.84 7.06 0.03
CA GLU A 54 8.66 6.07 -0.66
C GLU A 54 9.62 5.40 0.33
N GLY A 55 9.09 4.42 1.06
CA GLY A 55 9.80 3.74 2.12
C GLY A 55 8.82 3.03 3.05
N PHE A 56 7.59 3.57 3.13
CA PHE A 56 6.51 2.98 3.90
C PHE A 56 5.54 2.28 2.95
N TYR A 57 4.71 1.40 3.49
CA TYR A 57 3.67 0.68 2.76
C TYR A 57 2.36 0.79 3.52
N ARG A 58 1.25 0.78 2.79
CA ARG A 58 -0.08 0.73 3.39
C ARG A 58 -0.25 -0.64 4.06
N ASN A 59 0.10 -0.77 5.34
CA ASN A 59 -0.13 -2.03 6.06
C ASN A 59 -1.57 -2.48 5.89
N LYS A 60 -2.52 -1.55 6.03
CA LYS A 60 -3.91 -1.78 5.67
C LYS A 60 -4.63 -0.44 5.47
N ASP A 61 -5.29 0.06 6.52
CA ASP A 61 -6.07 1.29 6.48
C ASP A 61 -5.16 2.52 6.44
N ASP A 62 -4.51 2.74 5.28
CA ASP A 62 -3.52 3.78 5.02
C ASP A 62 -2.48 3.91 6.14
N LYS A 63 -2.20 2.81 6.84
CA LYS A 63 -1.19 2.77 7.88
C LYS A 63 0.16 2.59 7.20
N CYS A 64 0.76 3.72 6.80
CA CYS A 64 2.08 3.78 6.17
C CYS A 64 3.16 3.30 7.12
N VAL A 65 3.55 2.02 7.04
CA VAL A 65 4.71 1.46 7.73
C VAL A 65 5.45 0.52 6.76
N SER A 66 6.78 0.41 6.87
CA SER A 66 7.60 -0.28 5.87
C SER A 66 7.22 -1.75 5.67
N ALA A 67 7.65 -2.32 4.52
CA ALA A 67 7.36 -3.68 4.08
C ALA A 67 7.46 -4.67 5.24
N GLU A 68 8.56 -4.58 5.98
CA GLU A 68 8.83 -5.36 7.18
C GLU A 68 7.60 -5.38 8.10
N ASP A 69 7.13 -4.19 8.48
CA ASP A 69 6.02 -4.00 9.41
C ASP A 69 4.74 -4.52 8.76
N CYS A 70 4.49 -4.08 7.53
CA CYS A 70 3.38 -4.54 6.68
C CYS A 70 3.24 -6.06 6.76
N GLU A 71 4.34 -6.79 6.53
CA GLU A 71 4.37 -8.24 6.60
C GLU A 71 4.12 -8.70 8.03
N LEU A 72 5.02 -8.33 8.95
CA LEU A 72 5.02 -8.81 10.33
C LEU A 72 3.66 -8.61 11.01
N ASP A 73 2.95 -7.52 10.71
CA ASP A 73 1.64 -7.24 11.28
C ASP A 73 0.64 -8.36 11.00
N ASN A 74 0.78 -9.07 9.87
CA ASN A 74 0.02 -10.28 9.64
C ASN A 74 0.69 -11.42 10.41
N MET A 75 0.65 -11.36 11.73
CA MET A 75 1.18 -12.41 12.60
C MET A 75 0.60 -13.77 12.21
N ASP A 76 -0.67 -13.79 11.77
CA ASP A 76 -1.41 -14.98 11.45
C ASP A 76 -0.67 -15.90 10.48
N PHE A 77 -0.22 -15.35 9.33
CA PHE A 77 0.39 -16.17 8.28
C PHE A 77 1.38 -15.40 7.40
N ILE A 78 1.08 -14.16 7.06
CA ILE A 78 1.78 -13.33 6.07
C ILE A 78 1.54 -13.87 4.64
N TYR A 79 2.01 -15.08 4.34
CA TYR A 79 1.93 -15.64 2.98
C TYR A 79 1.20 -17.00 2.90
N PRO A 80 1.62 -18.07 3.59
CA PRO A 80 0.95 -19.37 3.45
C PRO A 80 -0.49 -19.43 3.97
N GLY A 81 -1.13 -18.32 4.36
CA GLY A 81 -2.54 -18.34 4.76
C GLY A 81 -3.40 -18.82 3.59
N THR A 82 -3.13 -18.31 2.40
CA THR A 82 -3.74 -18.77 1.16
C THR A 82 -3.21 -20.14 0.72
N ARG A 83 -2.45 -20.86 1.57
CA ARG A 83 -1.75 -22.10 1.27
C ARG A 83 -0.62 -21.79 0.28
N ASN A 84 -0.97 -21.42 -0.94
CA ASN A 84 0.00 -20.88 -1.88
C ASN A 84 0.48 -19.55 -1.30
N PRO A 85 1.77 -19.24 -1.29
CA PRO A 85 2.27 -17.99 -0.76
C PRO A 85 1.74 -16.78 -1.55
N LYS A 1 -8.23 10.81 -2.60
CA LYS A 1 -8.18 11.95 -3.52
C LYS A 1 -7.81 13.25 -2.77
N ALA A 2 -6.94 13.14 -1.77
CA ALA A 2 -6.65 14.20 -0.82
C ALA A 2 -5.74 15.31 -1.34
N THR A 3 -5.54 15.40 -2.66
CA THR A 3 -4.60 16.33 -3.29
C THR A 3 -3.26 16.35 -2.54
N MET A 4 -2.70 17.54 -2.28
CA MET A 4 -1.45 17.77 -1.59
C MET A 4 -1.71 17.93 -0.08
N GLN A 5 -0.96 18.81 0.60
CA GLN A 5 -1.04 19.07 2.04
C GLN A 5 -0.33 17.96 2.80
N CYS A 6 -0.90 16.75 2.73
CA CYS A 6 -0.29 15.50 3.21
C CYS A 6 0.30 15.61 4.61
N GLY A 7 -0.51 16.08 5.56
CA GLY A 7 -0.14 16.25 6.96
C GLY A 7 -0.20 14.90 7.68
N GLU A 8 0.64 13.97 7.24
CA GLU A 8 0.73 12.59 7.71
C GLU A 8 2.08 12.09 7.17
N ASN A 9 2.43 10.82 7.38
CA ASN A 9 3.63 10.23 6.80
C ASN A 9 3.46 9.99 5.28
N GLU A 10 2.98 11.01 4.54
CA GLU A 10 2.63 10.90 3.15
C GLU A 10 3.23 12.06 2.35
N LYS A 11 3.43 11.82 1.05
CA LYS A 11 3.83 12.77 0.05
C LYS A 11 2.72 12.81 -1.01
N TYR A 12 2.70 13.86 -1.83
CA TYR A 12 1.80 13.93 -2.97
C TYR A 12 2.13 12.84 -3.98
N ASP A 13 1.11 12.30 -4.65
CA ASP A 13 1.25 11.41 -5.79
C ASP A 13 0.01 11.52 -6.69
N SER A 14 0.24 11.60 -8.00
CA SER A 14 -0.83 11.55 -8.98
C SER A 14 -1.28 10.11 -9.22
N CYS A 15 -1.78 9.40 -8.20
CA CYS A 15 -2.43 8.10 -8.47
C CYS A 15 -3.45 7.57 -7.46
N GLY A 16 -4.63 8.19 -7.45
CA GLY A 16 -5.78 7.63 -6.74
C GLY A 16 -5.70 7.69 -5.22
N SER A 17 -6.83 7.43 -4.57
CA SER A 17 -7.01 7.42 -3.12
C SER A 17 -6.19 6.31 -2.46
N LYS A 18 -4.87 6.47 -2.42
CA LYS A 18 -3.92 5.49 -1.90
C LYS A 18 -4.12 4.16 -2.64
N GLU A 19 -4.46 4.25 -3.92
CA GLU A 19 -4.90 3.10 -4.70
C GLU A 19 -3.67 2.29 -5.13
N CYS A 20 -3.10 2.66 -6.27
CA CYS A 20 -2.01 1.94 -6.92
C CYS A 20 -0.67 2.51 -6.46
N ASP A 21 -0.57 2.82 -5.17
CA ASP A 21 0.60 3.44 -4.56
C ASP A 21 1.54 2.33 -4.06
N LYS A 22 2.33 2.60 -3.01
CA LYS A 22 3.07 1.57 -2.32
C LYS A 22 2.10 0.80 -1.42
N LYS A 23 1.14 0.11 -2.04
CA LYS A 23 0.26 -0.85 -1.40
C LYS A 23 1.10 -2.03 -0.91
N CYS A 24 0.92 -2.45 0.35
CA CYS A 24 1.57 -3.68 0.81
C CYS A 24 1.07 -4.88 0.02
N LYS A 25 -0.26 -5.08 0.05
CA LYS A 25 -0.94 -6.17 -0.65
C LYS A 25 -0.27 -7.53 -0.45
N TYR A 26 0.12 -7.82 0.80
CA TYR A 26 0.68 -9.10 1.17
C TYR A 26 -0.20 -10.30 0.80
N ASP A 27 -1.52 -10.14 0.82
CA ASP A 27 -2.45 -11.21 0.51
C ASP A 27 -2.21 -12.37 1.48
N GLY A 28 -1.88 -13.57 0.99
CA GLY A 28 -1.78 -14.77 1.79
C GLY A 28 -3.18 -15.20 2.21
N VAL A 29 -3.72 -14.45 3.18
CA VAL A 29 -5.11 -14.47 3.64
C VAL A 29 -5.58 -13.03 3.80
N GLU A 30 -4.70 -12.13 4.23
CA GLU A 30 -4.97 -10.71 4.43
C GLU A 30 -5.07 -9.98 3.09
N GLU A 31 -6.11 -10.29 2.31
CA GLU A 31 -6.49 -9.54 1.12
C GLU A 31 -7.39 -8.38 1.54
N GLU A 32 -8.23 -8.65 2.55
CA GLU A 32 -9.03 -7.65 3.25
C GLU A 32 -8.13 -6.54 3.77
N ASP A 33 -8.74 -5.43 4.19
CA ASP A 33 -8.05 -4.21 4.58
C ASP A 33 -7.40 -3.52 3.37
N ASP A 34 -6.45 -4.18 2.69
CA ASP A 34 -5.83 -3.63 1.48
C ASP A 34 -6.90 -3.50 0.39
N GLU A 35 -7.58 -4.62 0.11
CA GLU A 35 -8.79 -4.78 -0.70
C GLU A 35 -8.72 -4.38 -2.18
N GLU A 36 -8.44 -3.10 -2.46
CA GLU A 36 -8.57 -2.55 -3.80
C GLU A 36 -7.83 -3.38 -4.85
N PRO A 37 -8.39 -3.52 -6.07
CA PRO A 37 -7.76 -4.21 -7.19
C PRO A 37 -6.64 -3.33 -7.77
N ASN A 38 -5.64 -3.07 -6.93
CA ASN A 38 -4.57 -2.12 -7.15
C ASN A 38 -3.39 -2.76 -7.89
N VAL A 39 -3.17 -4.07 -7.73
CA VAL A 39 -2.19 -4.82 -8.52
C VAL A 39 -2.31 -4.53 -10.02
N PRO A 40 -3.46 -4.82 -10.69
CA PRO A 40 -3.68 -4.43 -12.08
C PRO A 40 -4.08 -2.96 -12.22
N CYS A 41 -4.06 -2.19 -11.13
CA CYS A 41 -4.59 -0.84 -11.01
C CYS A 41 -5.94 -0.70 -11.71
N LEU A 42 -6.85 -1.65 -11.47
CA LEU A 42 -8.10 -1.77 -12.23
C LEU A 42 -8.96 -0.51 -12.09
N VAL A 43 -8.90 0.11 -10.90
CA VAL A 43 -9.46 1.43 -10.63
C VAL A 43 -9.16 2.42 -11.76
N ARG A 44 -7.94 2.42 -12.28
CA ARG A 44 -7.48 3.19 -13.44
C ARG A 44 -7.37 4.70 -13.19
N VAL A 45 -8.33 5.29 -12.45
CA VAL A 45 -8.39 6.72 -12.14
C VAL A 45 -7.25 7.16 -11.21
N CYS A 46 -6.03 7.21 -11.75
CA CYS A 46 -4.85 7.74 -11.05
C CYS A 46 -5.00 9.25 -10.83
N HIS A 47 -5.88 9.67 -9.92
CA HIS A 47 -6.12 11.08 -9.62
C HIS A 47 -5.44 11.49 -8.31
N GLN A 48 -4.75 12.64 -8.34
CA GLN A 48 -4.17 13.43 -7.27
C GLN A 48 -4.52 12.97 -5.84
N ASP A 49 -3.52 12.59 -5.04
CA ASP A 49 -3.74 12.14 -3.67
C ASP A 49 -2.44 12.21 -2.86
N CYS A 50 -2.55 12.03 -1.53
CA CYS A 50 -1.44 11.84 -0.61
C CYS A 50 -1.21 10.36 -0.41
N VAL A 51 0.00 9.85 -0.63
CA VAL A 51 0.35 8.45 -0.45
C VAL A 51 1.64 8.35 0.36
N CYS A 52 1.91 7.19 0.96
CA CYS A 52 3.02 6.99 1.90
C CYS A 52 4.35 7.52 1.40
N GLU A 53 5.17 8.08 2.29
CA GLU A 53 6.52 8.54 1.98
C GLU A 53 7.43 7.37 1.55
N GLU A 54 8.56 7.72 0.95
CA GLU A 54 9.58 6.80 0.46
C GLU A 54 9.88 5.71 1.49
N GLY A 55 9.89 4.44 1.06
CA GLY A 55 10.23 3.32 1.91
C GLY A 55 9.04 2.79 2.72
N PHE A 56 8.04 3.64 2.99
CA PHE A 56 6.85 3.26 3.72
C PHE A 56 5.81 2.72 2.74
N TYR A 57 4.96 1.81 3.20
CA TYR A 57 3.92 1.20 2.38
C TYR A 57 2.60 1.33 3.12
N ARG A 58 1.49 1.55 2.42
CA ARG A 58 0.22 1.44 3.10
C ARG A 58 0.00 -0.05 3.39
N ASN A 59 0.22 -0.42 4.65
CA ASN A 59 0.09 -1.79 5.10
C ASN A 59 -1.36 -2.24 4.94
N LYS A 60 -2.29 -1.29 5.10
CA LYS A 60 -3.72 -1.48 4.96
C LYS A 60 -4.32 -0.32 4.18
N ASP A 61 -4.28 0.87 4.78
CA ASP A 61 -4.99 2.05 4.31
C ASP A 61 -4.11 3.30 4.35
N ASP A 62 -4.10 3.96 5.51
CA ASP A 62 -3.18 5.04 5.87
C ASP A 62 -2.00 4.49 6.65
N LYS A 63 -1.89 3.15 6.74
CA LYS A 63 -0.94 2.53 7.64
C LYS A 63 0.48 2.58 7.05
N CYS A 64 1.05 3.78 7.00
CA CYS A 64 2.31 4.08 6.31
C CYS A 64 3.50 3.72 7.18
N VAL A 65 3.78 2.43 7.27
CA VAL A 65 4.99 1.86 7.86
C VAL A 65 5.58 0.95 6.77
N SER A 66 6.84 0.52 6.82
CA SER A 66 7.34 -0.28 5.71
C SER A 66 6.62 -1.64 5.65
N ALA A 67 6.56 -2.28 4.48
CA ALA A 67 5.92 -3.59 4.33
C ALA A 67 6.59 -4.65 5.22
N GLU A 68 7.82 -4.37 5.69
CA GLU A 68 8.51 -5.14 6.71
C GLU A 68 7.59 -5.35 7.92
N ASP A 69 6.81 -4.33 8.31
CA ASP A 69 5.80 -4.48 9.35
C ASP A 69 4.68 -5.38 8.83
N CYS A 70 4.10 -5.00 7.69
CA CYS A 70 2.96 -5.66 7.06
C CYS A 70 3.06 -7.18 7.15
N GLU A 71 4.17 -7.75 6.67
CA GLU A 71 4.37 -9.20 6.69
C GLU A 71 4.28 -9.79 8.11
N LEU A 72 4.78 -9.08 9.12
CA LEU A 72 4.66 -9.50 10.51
C LEU A 72 3.22 -9.35 10.97
N ASP A 73 2.57 -8.24 10.59
CA ASP A 73 1.16 -7.98 10.87
C ASP A 73 0.25 -8.80 9.96
N ASN A 74 0.50 -10.11 9.90
CA ASN A 74 -0.26 -11.13 9.21
C ASN A 74 -0.30 -12.29 10.19
N MET A 75 -1.38 -13.05 10.19
CA MET A 75 -1.61 -14.14 11.11
C MET A 75 -0.84 -15.34 10.58
N ASP A 76 0.49 -15.22 10.60
CA ASP A 76 1.45 -16.21 10.13
C ASP A 76 1.45 -16.33 8.61
N PHE A 77 0.33 -16.78 8.03
CA PHE A 77 0.11 -17.18 6.65
C PHE A 77 1.21 -16.83 5.63
N ILE A 78 1.20 -15.60 5.09
CA ILE A 78 2.01 -15.14 3.95
C ILE A 78 1.67 -15.92 2.68
N TYR A 79 1.86 -17.24 2.67
CA TYR A 79 1.48 -18.10 1.55
C TYR A 79 -0.02 -17.95 1.25
N PRO A 80 -0.43 -18.02 -0.02
CA PRO A 80 -1.84 -17.96 -0.40
C PRO A 80 -2.60 -19.09 0.28
N GLY A 81 -3.78 -18.79 0.81
CA GLY A 81 -4.63 -19.76 1.51
C GLY A 81 -5.28 -20.77 0.56
N THR A 82 -4.45 -21.52 -0.17
CA THR A 82 -4.76 -22.62 -1.09
C THR A 82 -6.11 -22.45 -1.83
N ARG A 83 -7.18 -22.95 -1.22
CA ARG A 83 -8.55 -22.85 -1.69
C ARG A 83 -8.88 -21.43 -2.17
N ASN A 84 -8.51 -20.42 -1.38
CA ASN A 84 -8.55 -19.00 -1.76
C ASN A 84 -8.02 -18.16 -0.60
N PRO A 85 -7.27 -17.07 -0.85
CA PRO A 85 -6.80 -16.19 0.21
C PRO A 85 -7.99 -15.51 0.90
N LYS A 1 3.86 21.86 4.82
CA LYS A 1 2.93 20.85 4.28
C LYS A 1 3.33 20.46 2.86
N ALA A 2 3.13 19.19 2.48
CA ALA A 2 3.39 18.70 1.14
C ALA A 2 2.27 19.14 0.20
N THR A 3 2.14 20.45 0.01
CA THR A 3 1.13 21.13 -0.80
C THR A 3 -0.28 20.91 -0.26
N MET A 4 -0.94 19.83 -0.66
CA MET A 4 -2.36 19.59 -0.41
C MET A 4 -2.61 19.12 1.02
N GLN A 5 -2.31 19.97 2.01
CA GLN A 5 -2.64 19.80 3.43
C GLN A 5 -1.69 18.81 4.12
N CYS A 6 -1.50 17.65 3.49
CA CYS A 6 -0.73 16.52 3.95
C CYS A 6 0.77 16.81 4.08
N GLY A 7 1.59 15.76 4.23
CA GLY A 7 3.01 15.82 4.53
C GLY A 7 3.33 14.80 5.63
N GLU A 8 2.42 14.68 6.60
CA GLU A 8 2.53 13.74 7.70
C GLU A 8 2.36 12.31 7.16
N ASN A 9 3.46 11.72 6.69
CA ASN A 9 3.53 10.35 6.15
C ASN A 9 2.90 10.29 4.75
N GLU A 10 1.62 10.63 4.65
CA GLU A 10 1.00 10.84 3.35
C GLU A 10 1.56 12.15 2.77
N LYS A 11 2.00 12.12 1.50
CA LYS A 11 2.64 13.23 0.81
C LYS A 11 2.10 13.27 -0.63
N TYR A 12 1.98 14.46 -1.22
CA TYR A 12 1.35 14.65 -2.52
C TYR A 12 1.95 13.76 -3.63
N ASP A 13 1.08 13.16 -4.45
CA ASP A 13 1.48 12.48 -5.68
C ASP A 13 0.31 12.49 -6.66
N SER A 14 0.62 12.45 -7.95
CA SER A 14 -0.39 12.42 -9.00
C SER A 14 -0.99 11.02 -9.15
N CYS A 15 -1.39 10.35 -8.05
CA CYS A 15 -2.03 9.04 -8.14
C CYS A 15 -2.74 8.56 -6.87
N GLY A 16 -3.90 9.14 -6.56
CA GLY A 16 -4.77 8.61 -5.52
C GLY A 16 -4.19 8.81 -4.11
N SER A 17 -4.68 7.99 -3.17
CA SER A 17 -4.28 8.02 -1.76
C SER A 17 -3.52 6.73 -1.44
N LYS A 18 -4.26 5.71 -0.99
CA LYS A 18 -3.74 4.36 -0.80
C LYS A 18 -3.68 3.68 -2.16
N GLU A 19 -2.84 4.24 -3.03
CA GLU A 19 -2.48 3.61 -4.28
C GLU A 19 -2.00 2.19 -3.99
N CYS A 20 -2.66 1.20 -4.59
CA CYS A 20 -2.25 -0.19 -4.41
C CYS A 20 -0.84 -0.44 -4.94
N ASP A 21 -0.29 0.54 -5.67
CA ASP A 21 1.10 0.65 -6.09
C ASP A 21 2.00 0.09 -4.98
N LYS A 22 2.17 0.85 -3.89
CA LYS A 22 2.94 0.41 -2.75
C LYS A 22 2.08 -0.46 -1.83
N LYS A 23 1.57 -1.58 -2.36
CA LYS A 23 0.85 -2.55 -1.55
C LYS A 23 1.77 -3.26 -0.55
N CYS A 24 1.15 -3.85 0.47
CA CYS A 24 1.85 -4.75 1.38
C CYS A 24 2.22 -6.04 0.64
N LYS A 25 3.42 -6.06 0.05
CA LYS A 25 3.97 -7.27 -0.52
C LYS A 25 4.23 -8.31 0.57
N TYR A 26 4.39 -9.57 0.16
CA TYR A 26 4.65 -10.67 1.05
C TYR A 26 5.73 -11.56 0.44
N ASP A 27 6.76 -11.81 1.23
CA ASP A 27 7.83 -12.77 1.01
C ASP A 27 7.72 -13.86 2.08
N GLY A 28 8.46 -14.95 1.92
CA GLY A 28 8.34 -16.16 2.72
C GLY A 28 7.43 -17.10 1.95
N VAL A 29 6.21 -16.63 1.70
CA VAL A 29 5.22 -17.20 0.80
C VAL A 29 4.82 -16.03 -0.10
N GLU A 30 4.16 -16.31 -1.23
CA GLU A 30 3.72 -15.34 -2.22
C GLU A 30 4.88 -14.82 -3.06
N GLU A 31 5.91 -14.26 -2.42
CA GLU A 31 7.06 -13.63 -3.08
C GLU A 31 6.58 -12.52 -4.01
N GLU A 32 5.49 -11.83 -3.64
CA GLU A 32 4.83 -10.87 -4.53
C GLU A 32 5.53 -9.51 -4.49
N ASP A 33 6.87 -9.50 -4.56
CA ASP A 33 7.67 -8.29 -4.39
C ASP A 33 7.73 -7.48 -5.69
N ASP A 34 6.56 -7.23 -6.29
CA ASP A 34 6.45 -6.37 -7.47
C ASP A 34 6.32 -4.90 -7.04
N GLU A 35 5.58 -4.66 -5.95
CA GLU A 35 5.32 -3.34 -5.40
C GLU A 35 4.82 -2.33 -6.44
N GLU A 36 4.10 -2.79 -7.48
CA GLU A 36 3.50 -1.94 -8.48
C GLU A 36 2.46 -2.76 -9.29
N PRO A 37 1.29 -3.09 -8.72
CA PRO A 37 0.19 -3.66 -9.48
C PRO A 37 -0.53 -2.56 -10.25
N ASN A 38 -1.29 -1.71 -9.56
CA ASN A 38 -2.02 -0.53 -10.06
C ASN A 38 -3.16 -0.86 -11.02
N VAL A 39 -2.87 -1.56 -12.12
CA VAL A 39 -3.85 -1.90 -13.14
C VAL A 39 -4.82 -2.98 -12.61
N PRO A 40 -4.40 -4.22 -12.31
CA PRO A 40 -5.29 -5.24 -11.79
C PRO A 40 -5.83 -4.85 -10.42
N CYS A 41 -4.96 -4.39 -9.51
CA CYS A 41 -5.37 -3.86 -8.22
C CYS A 41 -5.88 -2.44 -8.44
N LEU A 42 -7.03 -2.36 -9.12
CA LEU A 42 -7.64 -1.17 -9.67
C LEU A 42 -8.03 -0.03 -8.72
N VAL A 43 -7.06 0.62 -8.06
CA VAL A 43 -7.34 1.88 -7.36
C VAL A 43 -7.39 2.95 -8.45
N ARG A 44 -8.42 2.87 -9.30
CA ARG A 44 -8.53 3.64 -10.52
C ARG A 44 -8.67 5.14 -10.26
N VAL A 45 -8.96 5.51 -9.01
CA VAL A 45 -8.94 6.88 -8.50
C VAL A 45 -7.49 7.41 -8.40
N CYS A 46 -6.71 7.27 -9.47
CA CYS A 46 -5.31 7.68 -9.55
C CYS A 46 -5.26 9.20 -9.79
N HIS A 47 -5.87 9.94 -8.86
CA HIS A 47 -6.03 11.38 -8.97
C HIS A 47 -5.16 12.08 -7.96
N GLN A 48 -4.53 13.18 -8.39
CA GLN A 48 -3.81 14.16 -7.58
C GLN A 48 -4.24 14.20 -6.11
N ASP A 49 -3.49 13.56 -5.21
CA ASP A 49 -3.84 13.43 -3.79
C ASP A 49 -2.62 12.87 -3.07
N CYS A 50 -2.64 12.75 -1.74
CA CYS A 50 -1.47 12.40 -0.97
C CYS A 50 -1.36 10.91 -0.70
N VAL A 51 -0.24 10.31 -1.12
CA VAL A 51 0.07 8.89 -1.04
C VAL A 51 1.12 8.65 0.02
N CYS A 52 1.27 7.41 0.49
CA CYS A 52 2.28 7.05 1.47
C CYS A 52 3.67 7.48 1.01
N GLU A 53 4.51 8.00 1.91
CA GLU A 53 5.93 8.24 1.61
C GLU A 53 6.55 6.92 1.12
N GLU A 54 7.50 6.98 0.19
CA GLU A 54 8.16 5.82 -0.42
C GLU A 54 8.71 4.83 0.61
N GLY A 55 9.17 5.30 1.78
CA GLY A 55 9.64 4.43 2.85
C GLY A 55 8.53 3.57 3.48
N PHE A 56 7.27 3.79 3.10
CA PHE A 56 6.10 3.15 3.67
C PHE A 56 5.27 2.50 2.55
N TYR A 57 4.45 1.52 2.93
CA TYR A 57 3.54 0.78 2.08
C TYR A 57 2.16 0.87 2.70
N ARG A 58 1.12 0.87 1.88
CA ARG A 58 -0.24 0.87 2.38
C ARG A 58 -0.52 -0.52 2.96
N ASN A 59 -0.26 -0.69 4.26
CA ASN A 59 -0.51 -1.96 4.93
C ASN A 59 -1.96 -2.42 4.69
N LYS A 60 -2.90 -1.46 4.72
CA LYS A 60 -4.27 -1.66 4.32
C LYS A 60 -4.97 -0.31 4.14
N ASP A 61 -5.78 0.13 5.10
CA ASP A 61 -6.60 1.33 4.99
C ASP A 61 -5.73 2.59 5.13
N ASP A 62 -4.95 2.90 4.09
CA ASP A 62 -3.91 3.91 4.08
C ASP A 62 -3.05 3.86 5.36
N LYS A 63 -2.86 2.64 5.89
CA LYS A 63 -2.00 2.40 7.02
C LYS A 63 -0.58 2.35 6.46
N CYS A 64 -0.06 3.54 6.18
CA CYS A 64 1.24 3.75 5.55
C CYS A 64 2.36 3.36 6.51
N VAL A 65 2.84 2.12 6.46
CA VAL A 65 3.96 1.65 7.29
C VAL A 65 4.90 0.76 6.46
N SER A 66 6.15 0.62 6.88
CA SER A 66 7.18 -0.02 6.08
C SER A 66 6.93 -1.51 5.83
N ALA A 67 7.62 -2.05 4.83
CA ALA A 67 7.54 -3.45 4.41
C ALA A 67 7.65 -4.38 5.62
N GLU A 68 8.52 -4.04 6.56
CA GLU A 68 8.70 -4.75 7.81
C GLU A 68 7.37 -4.88 8.56
N ASP A 69 6.69 -3.76 8.78
CA ASP A 69 5.43 -3.70 9.51
C ASP A 69 4.38 -4.50 8.75
N CYS A 70 4.30 -4.27 7.44
CA CYS A 70 3.47 -5.05 6.53
C CYS A 70 3.67 -6.56 6.72
N GLU A 71 4.92 -7.04 6.68
CA GLU A 71 5.26 -8.44 6.87
C GLU A 71 4.84 -8.93 8.26
N LEU A 72 5.13 -8.13 9.30
CA LEU A 72 4.68 -8.44 10.66
C LEU A 72 3.14 -8.55 10.70
N ASP A 73 2.41 -7.73 9.94
CA ASP A 73 0.98 -7.90 9.74
C ASP A 73 0.72 -9.08 8.79
N ASN A 74 1.05 -10.27 9.29
CA ASN A 74 0.93 -11.58 8.67
C ASN A 74 1.69 -12.56 9.56
N MET A 75 2.98 -12.26 9.80
CA MET A 75 3.85 -12.95 10.74
C MET A 75 4.30 -14.33 10.24
N ASP A 76 3.33 -15.15 9.81
CA ASP A 76 3.53 -16.53 9.41
C ASP A 76 4.56 -16.68 8.30
N PHE A 77 4.49 -15.82 7.28
CA PHE A 77 5.35 -15.87 6.11
C PHE A 77 6.72 -15.28 6.47
N ILE A 78 7.22 -14.29 5.74
CA ILE A 78 8.48 -13.60 5.99
C ILE A 78 9.67 -14.50 5.65
N TYR A 79 9.86 -15.58 6.43
CA TYR A 79 11.00 -16.47 6.34
C TYR A 79 10.94 -17.21 5.00
N PRO A 80 11.93 -17.04 4.09
CA PRO A 80 11.95 -17.66 2.77
C PRO A 80 11.42 -19.09 2.75
N GLY A 81 10.38 -19.38 1.95
CA GLY A 81 9.82 -20.71 1.84
C GLY A 81 8.86 -21.01 3.00
N THR A 82 9.23 -20.63 4.22
CA THR A 82 8.42 -20.69 5.44
C THR A 82 8.28 -22.13 5.96
N ARG A 83 7.81 -23.06 5.13
CA ARG A 83 7.59 -24.44 5.50
C ARG A 83 8.92 -25.20 5.57
N ASN A 84 9.78 -24.82 6.52
CA ASN A 84 11.06 -25.44 6.84
C ASN A 84 11.87 -25.85 5.60
N PRO A 85 12.50 -24.89 4.91
CA PRO A 85 13.40 -25.17 3.79
C PRO A 85 14.43 -26.26 4.12
N LYS A 1 -5.01 14.97 9.07
CA LYS A 1 -5.92 15.11 7.91
C LYS A 1 -5.65 16.42 7.18
N ALA A 2 -4.95 16.35 6.05
CA ALA A 2 -4.82 17.48 5.13
C ALA A 2 -6.03 17.46 4.20
N THR A 3 -6.23 18.54 3.44
CA THR A 3 -7.24 18.59 2.41
C THR A 3 -7.02 17.44 1.43
N MET A 4 -5.83 17.41 0.82
CA MET A 4 -5.36 16.30 0.00
C MET A 4 -4.94 15.11 0.90
N GLN A 5 -5.76 14.72 1.88
CA GLN A 5 -5.58 13.57 2.74
C GLN A 5 -4.36 13.67 3.67
N CYS A 6 -3.16 13.57 3.08
CA CYS A 6 -1.87 13.41 3.72
C CYS A 6 -1.95 12.72 5.09
N GLY A 7 -1.66 13.44 6.18
CA GLY A 7 -1.78 12.93 7.54
C GLY A 7 -0.68 11.91 7.87
N GLU A 8 -0.74 10.73 7.26
CA GLU A 8 0.09 9.59 7.62
C GLU A 8 1.49 9.73 7.01
N ASN A 9 2.22 10.78 7.39
CA ASN A 9 3.55 11.12 6.89
C ASN A 9 3.67 11.09 5.36
N GLU A 10 2.57 11.32 4.66
CA GLU A 10 2.51 11.25 3.21
C GLU A 10 3.11 12.51 2.57
N LYS A 11 3.31 12.46 1.25
CA LYS A 11 3.67 13.62 0.45
C LYS A 11 2.85 13.65 -0.84
N TYR A 12 2.66 14.85 -1.41
CA TYR A 12 1.74 15.11 -2.50
C TYR A 12 1.98 14.16 -3.68
N ASP A 13 0.93 13.52 -4.18
CA ASP A 13 1.01 12.59 -5.30
C ASP A 13 -0.39 12.20 -5.75
N SER A 14 -0.55 11.84 -7.03
CA SER A 14 -1.80 11.24 -7.47
C SER A 14 -1.88 9.83 -6.93
N CYS A 15 -2.22 9.65 -5.64
CA CYS A 15 -2.54 8.32 -5.16
C CYS A 15 -3.73 7.70 -5.87
N GLY A 16 -4.41 8.44 -6.75
CA GLY A 16 -5.39 7.86 -7.63
C GLY A 16 -4.69 7.18 -8.81
N SER A 17 -3.81 6.26 -8.44
CA SER A 17 -2.96 5.38 -9.22
C SER A 17 -2.05 4.64 -8.23
N LYS A 18 -1.43 5.39 -7.30
CA LYS A 18 -0.60 4.84 -6.24
C LYS A 18 -1.41 4.11 -5.15
N GLU A 19 -2.73 4.29 -5.13
CA GLU A 19 -3.61 3.58 -4.23
C GLU A 19 -3.48 2.09 -4.45
N CYS A 20 -3.46 1.31 -3.38
CA CYS A 20 -3.16 -0.11 -3.40
C CYS A 20 -1.94 -0.50 -4.27
N ASP A 21 -1.06 0.45 -4.63
CA ASP A 21 0.13 0.21 -5.42
C ASP A 21 1.20 -0.32 -4.46
N LYS A 22 1.72 0.56 -3.60
CA LYS A 22 2.61 0.18 -2.51
C LYS A 22 1.79 -0.43 -1.38
N LYS A 23 1.03 -1.47 -1.68
CA LYS A 23 0.21 -2.21 -0.75
C LYS A 23 1.07 -3.27 -0.05
N CYS A 24 0.86 -3.47 1.25
CA CYS A 24 1.45 -4.58 1.98
C CYS A 24 1.02 -5.90 1.33
N LYS A 25 1.98 -6.64 0.77
CA LYS A 25 1.72 -7.90 0.07
C LYS A 25 1.97 -9.08 1.02
N TYR A 26 1.35 -10.23 0.72
CA TYR A 26 1.41 -11.42 1.57
C TYR A 26 1.72 -12.67 0.75
N ASP A 27 2.82 -12.65 -0.01
CA ASP A 27 3.37 -13.84 -0.67
C ASP A 27 4.75 -14.14 -0.08
N GLY A 28 5.61 -14.84 -0.83
CA GLY A 28 6.92 -15.30 -0.38
C GLY A 28 7.78 -14.14 0.11
N VAL A 29 7.77 -13.93 1.43
CA VAL A 29 8.43 -12.83 2.10
C VAL A 29 7.84 -11.52 1.57
N GLU A 30 6.51 -11.45 1.58
CA GLU A 30 5.69 -10.39 0.98
C GLU A 30 5.70 -10.53 -0.54
N GLU A 31 6.89 -10.54 -1.15
CA GLU A 31 7.20 -10.53 -2.57
C GLU A 31 7.11 -9.12 -3.15
N GLU A 32 6.25 -8.27 -2.58
CA GLU A 32 6.06 -6.89 -3.01
C GLU A 32 5.72 -6.84 -4.50
N ASP A 33 4.87 -7.77 -4.93
CA ASP A 33 4.47 -7.95 -6.31
C ASP A 33 3.55 -6.82 -6.76
N ASP A 34 4.14 -5.63 -6.99
CA ASP A 34 3.44 -4.40 -7.35
C ASP A 34 3.20 -4.37 -8.86
N GLU A 35 2.79 -5.52 -9.41
CA GLU A 35 2.48 -5.68 -10.82
C GLU A 35 1.11 -5.07 -11.12
N GLU A 36 1.03 -3.73 -11.03
CA GLU A 36 -0.17 -2.93 -11.25
C GLU A 36 -1.41 -3.49 -10.52
N PRO A 37 -1.33 -3.76 -9.20
CA PRO A 37 -2.47 -4.22 -8.42
C PRO A 37 -3.59 -3.16 -8.38
N ASN A 38 -3.20 -1.89 -8.26
CA ASN A 38 -4.08 -0.72 -8.35
C ASN A 38 -5.26 -0.89 -9.31
N VAL A 39 -5.01 -1.24 -10.58
CA VAL A 39 -6.05 -1.34 -11.59
C VAL A 39 -7.21 -2.25 -11.15
N PRO A 40 -7.02 -3.56 -10.93
CA PRO A 40 -8.06 -4.43 -10.42
C PRO A 40 -8.45 -4.09 -8.97
N CYS A 41 -7.53 -3.55 -8.17
CA CYS A 41 -7.75 -3.22 -6.77
C CYS A 41 -8.61 -1.96 -6.61
N LEU A 42 -9.86 -2.04 -7.08
CA LEU A 42 -10.94 -1.05 -7.01
C LEU A 42 -10.50 0.42 -6.89
N VAL A 43 -9.70 0.87 -7.86
CA VAL A 43 -9.22 2.24 -8.08
C VAL A 43 -9.94 3.35 -7.28
N ARG A 44 -9.58 3.53 -6.00
CA ARG A 44 -10.03 4.68 -5.23
C ARG A 44 -9.23 5.91 -5.69
N VAL A 45 -9.69 6.56 -6.78
CA VAL A 45 -8.94 7.61 -7.47
C VAL A 45 -8.66 8.87 -6.62
N CYS A 46 -7.77 8.77 -5.63
CA CYS A 46 -7.22 9.90 -4.90
C CYS A 46 -6.22 10.63 -5.80
N HIS A 47 -6.71 11.12 -6.93
CA HIS A 47 -5.87 11.73 -7.95
C HIS A 47 -5.48 13.14 -7.47
N GLN A 48 -4.25 13.57 -7.78
CA GLN A 48 -3.63 14.77 -7.25
C GLN A 48 -3.90 14.93 -5.74
N ASP A 49 -3.53 13.89 -4.98
CA ASP A 49 -3.75 13.78 -3.54
C ASP A 49 -2.40 13.68 -2.85
N CYS A 50 -2.17 12.63 -2.04
CA CYS A 50 -0.97 12.52 -1.21
C CYS A 50 -0.77 11.04 -0.89
N VAL A 51 0.47 10.54 -0.95
CA VAL A 51 0.77 9.12 -0.80
C VAL A 51 1.88 8.91 0.23
N CYS A 52 1.88 7.74 0.85
CA CYS A 52 2.93 7.22 1.70
C CYS A 52 4.29 7.36 1.01
N GLU A 53 5.30 7.87 1.73
CA GLU A 53 6.63 8.07 1.16
C GLU A 53 7.20 6.75 0.63
N GLU A 54 8.04 6.83 -0.41
CA GLU A 54 8.74 5.67 -0.94
C GLU A 54 9.49 4.96 0.20
N GLY A 55 9.30 3.66 0.34
CA GLY A 55 9.82 2.87 1.45
C GLY A 55 8.69 2.50 2.41
N PHE A 56 7.76 3.42 2.65
CA PHE A 56 6.54 3.13 3.37
C PHE A 56 5.59 2.43 2.40
N TYR A 57 4.76 1.54 2.94
CA TYR A 57 3.68 0.88 2.24
C TYR A 57 2.38 1.37 2.86
N ARG A 58 1.38 1.60 2.02
CA ARG A 58 0.03 1.83 2.50
C ARG A 58 -0.49 0.45 2.89
N ASN A 59 -0.38 0.09 4.17
CA ASN A 59 -0.81 -1.24 4.63
C ASN A 59 -2.24 -1.53 4.16
N LYS A 60 -3.09 -0.50 4.14
CA LYS A 60 -4.41 -0.55 3.52
C LYS A 60 -4.87 0.88 3.19
N ASP A 61 -5.68 1.49 4.04
CA ASP A 61 -6.22 2.84 3.82
C ASP A 61 -5.16 3.89 4.15
N ASP A 62 -4.14 4.01 3.30
CA ASP A 62 -2.96 4.84 3.52
C ASP A 62 -2.44 4.78 4.96
N LYS A 63 -2.48 3.60 5.55
CA LYS A 63 -1.83 3.32 6.82
C LYS A 63 -0.35 3.12 6.50
N CYS A 64 0.36 4.23 6.39
CA CYS A 64 1.75 4.28 5.92
C CYS A 64 2.68 3.66 6.95
N VAL A 65 3.15 2.45 6.70
CA VAL A 65 4.14 1.76 7.53
C VAL A 65 5.06 0.97 6.59
N SER A 66 6.34 0.80 6.94
CA SER A 66 7.29 0.14 6.07
C SER A 66 6.98 -1.35 5.92
N ALA A 67 7.60 -1.99 4.92
CA ALA A 67 7.52 -3.43 4.72
C ALA A 67 7.83 -4.18 6.02
N GLU A 68 8.74 -3.62 6.82
CA GLU A 68 9.05 -4.05 8.18
C GLU A 68 7.77 -4.36 8.97
N ASP A 69 6.79 -3.45 8.94
CA ASP A 69 5.50 -3.65 9.61
C ASP A 69 4.74 -4.76 8.91
N CYS A 70 4.57 -4.64 7.58
CA CYS A 70 3.84 -5.59 6.76
C CYS A 70 4.23 -7.05 7.06
N GLU A 71 5.54 -7.30 7.17
CA GLU A 71 6.09 -8.60 7.56
C GLU A 71 5.48 -9.11 8.87
N LEU A 72 5.38 -8.24 9.88
CA LEU A 72 4.85 -8.61 11.18
C LEU A 72 3.33 -8.76 11.07
N ASP A 73 2.65 -7.69 10.65
CA ASP A 73 1.20 -7.65 10.48
C ASP A 73 0.79 -8.51 9.28
N ASN A 74 0.88 -9.81 9.49
CA ASN A 74 0.60 -10.86 8.54
C ASN A 74 -0.11 -11.97 9.32
N MET A 75 -0.29 -13.09 8.64
CA MET A 75 -1.00 -14.26 9.13
C MET A 75 -0.20 -15.01 10.20
N ASP A 76 1.09 -15.21 9.95
CA ASP A 76 2.02 -15.90 10.85
C ASP A 76 3.42 -15.49 10.41
N PHE A 77 3.88 -16.07 9.30
CA PHE A 77 5.06 -15.66 8.58
C PHE A 77 4.64 -15.60 7.12
N ILE A 78 5.25 -14.73 6.34
CA ILE A 78 4.79 -14.43 5.00
C ILE A 78 5.21 -15.53 4.02
N TYR A 79 4.53 -16.67 4.08
CA TYR A 79 4.71 -17.75 3.13
C TYR A 79 4.09 -17.36 1.77
N PRO A 80 4.45 -18.06 0.68
CA PRO A 80 3.78 -17.91 -0.60
C PRO A 80 2.26 -18.05 -0.43
N GLY A 81 1.49 -17.25 -1.17
CA GLY A 81 0.04 -17.17 -1.05
C GLY A 81 -0.42 -17.09 0.41
N THR A 82 0.32 -16.33 1.24
CA THR A 82 0.07 -16.13 2.66
C THR A 82 0.32 -17.39 3.49
N ARG A 83 -0.34 -18.50 3.15
CA ARG A 83 -0.13 -19.81 3.77
C ARG A 83 -0.41 -20.92 2.75
N ASN A 84 0.11 -20.79 1.52
CA ASN A 84 -0.04 -21.83 0.51
C ASN A 84 0.58 -23.16 0.97
N PRO A 85 1.89 -23.22 1.31
CA PRO A 85 2.44 -24.43 1.92
C PRO A 85 1.88 -24.62 3.33
N LYS A 1 -7.86 10.99 -0.51
CA LYS A 1 -8.94 11.98 -0.36
C LYS A 1 -8.41 13.37 0.04
N ALA A 2 -7.24 13.44 0.68
CA ALA A 2 -6.70 14.67 1.22
C ALA A 2 -6.05 15.49 0.10
N THR A 3 -6.86 15.91 -0.87
CA THR A 3 -6.44 16.56 -2.09
C THR A 3 -5.52 17.74 -1.79
N MET A 4 -4.25 17.66 -2.22
CA MET A 4 -3.17 18.59 -1.92
C MET A 4 -3.17 19.06 -0.46
N GLN A 5 -3.48 18.14 0.47
CA GLN A 5 -3.44 18.32 1.91
C GLN A 5 -2.55 17.24 2.53
N CYS A 6 -2.58 16.03 1.98
CA CYS A 6 -1.69 14.92 2.34
C CYS A 6 -2.19 14.18 3.57
N GLY A 7 -1.47 13.14 3.99
CA GLY A 7 -1.87 12.27 5.08
C GLY A 7 -0.67 11.75 5.85
N GLU A 8 -0.91 10.66 6.57
CA GLU A 8 -0.01 10.07 7.54
C GLU A 8 1.25 9.54 6.86
N ASN A 9 2.32 10.33 6.88
CA ASN A 9 3.64 9.92 6.42
C ASN A 9 3.60 9.64 4.91
N GLU A 10 3.01 10.58 4.17
CA GLU A 10 2.87 10.54 2.72
C GLU A 10 3.48 11.81 2.11
N LYS A 11 3.66 11.83 0.79
CA LYS A 11 4.22 12.94 0.04
C LYS A 11 3.42 13.09 -1.26
N TYR A 12 3.35 14.33 -1.78
CA TYR A 12 2.48 14.70 -2.88
C TYR A 12 2.65 13.84 -4.12
N ASP A 13 1.51 13.44 -4.70
CA ASP A 13 1.43 12.80 -6.00
C ASP A 13 -0.04 12.86 -6.42
N SER A 14 -0.32 13.26 -7.67
CA SER A 14 -1.69 13.25 -8.16
C SER A 14 -2.12 11.81 -8.45
N CYS A 15 -2.18 10.97 -7.42
CA CYS A 15 -2.33 9.54 -7.59
C CYS A 15 -3.74 9.04 -7.89
N GLY A 16 -4.80 9.73 -7.48
CA GLY A 16 -6.16 9.39 -7.94
C GLY A 16 -6.76 8.16 -7.28
N SER A 17 -6.12 7.03 -7.50
CA SER A 17 -6.61 5.70 -7.18
C SER A 17 -5.84 5.01 -6.06
N LYS A 18 -4.66 5.50 -5.67
CA LYS A 18 -3.72 4.81 -4.78
C LYS A 18 -3.04 3.63 -5.50
N GLU A 19 -3.81 2.90 -6.32
CA GLU A 19 -3.47 1.68 -7.02
C GLU A 19 -2.77 0.66 -6.12
N CYS A 20 -2.58 -0.57 -6.60
CA CYS A 20 -1.73 -1.52 -5.90
C CYS A 20 -0.28 -1.19 -6.23
N ASP A 21 0.11 0.06 -5.93
CA ASP A 21 1.47 0.57 -6.06
C ASP A 21 2.20 0.17 -4.78
N LYS A 22 2.54 1.11 -3.89
CA LYS A 22 3.23 0.78 -2.65
C LYS A 22 2.25 0.33 -1.56
N LYS A 23 1.42 -0.68 -1.89
CA LYS A 23 0.61 -1.36 -0.89
C LYS A 23 1.54 -2.24 -0.03
N CYS A 24 1.05 -2.83 1.06
CA CYS A 24 1.90 -3.69 1.91
C CYS A 24 2.19 -5.07 1.28
N LYS A 25 2.80 -5.09 0.09
CA LYS A 25 3.36 -6.25 -0.59
C LYS A 25 2.33 -7.28 -1.06
N TYR A 26 1.61 -7.89 -0.12
CA TYR A 26 0.65 -8.95 -0.34
C TYR A 26 -0.71 -8.50 0.19
N ASP A 27 -1.17 -7.36 -0.32
CA ASP A 27 -2.49 -6.81 -0.04
C ASP A 27 -3.58 -7.82 -0.40
N GLY A 28 -4.05 -8.59 0.58
CA GLY A 28 -5.03 -9.63 0.34
C GLY A 28 -4.36 -10.82 -0.33
N VAL A 29 -3.15 -11.15 0.14
CA VAL A 29 -2.32 -12.25 -0.35
C VAL A 29 -1.69 -11.86 -1.68
N GLU A 30 -0.43 -12.27 -1.88
CA GLU A 30 0.30 -12.14 -3.14
C GLU A 30 -0.25 -13.04 -4.26
N GLU A 31 -1.56 -13.07 -4.46
CA GLU A 31 -2.20 -13.71 -5.59
C GLU A 31 -1.98 -12.81 -6.81
N GLU A 32 -0.74 -12.73 -7.28
CA GLU A 32 -0.32 -11.82 -8.36
C GLU A 32 -0.59 -10.36 -7.98
N ASP A 33 -0.31 -9.99 -6.72
CA ASP A 33 -0.54 -8.64 -6.22
C ASP A 33 0.48 -7.65 -6.76
N ASP A 34 1.68 -8.13 -7.11
CA ASP A 34 2.78 -7.29 -7.58
C ASP A 34 2.38 -6.51 -8.84
N GLU A 35 1.86 -7.22 -9.84
CA GLU A 35 1.48 -6.64 -11.12
C GLU A 35 0.14 -5.90 -10.99
N GLU A 36 0.16 -4.81 -10.23
CA GLU A 36 -0.94 -3.97 -9.77
C GLU A 36 -2.34 -4.36 -10.30
N PRO A 37 -3.06 -5.27 -9.62
CA PRO A 37 -4.42 -5.64 -9.99
C PRO A 37 -5.44 -4.51 -9.77
N ASN A 38 -5.32 -3.39 -10.51
CA ASN A 38 -6.07 -2.15 -10.31
C ASN A 38 -7.50 -2.23 -10.86
N VAL A 39 -8.20 -3.31 -10.51
CA VAL A 39 -9.62 -3.54 -10.71
C VAL A 39 -10.15 -4.10 -9.38
N PRO A 40 -9.74 -5.30 -8.92
CA PRO A 40 -10.05 -5.74 -7.58
C PRO A 40 -9.38 -4.81 -6.56
N CYS A 41 -8.15 -4.35 -6.82
CA CYS A 41 -7.51 -3.30 -6.04
C CYS A 41 -8.11 -1.97 -6.48
N LEU A 42 -9.42 -1.84 -6.25
CA LEU A 42 -10.25 -0.78 -6.76
C LEU A 42 -9.78 0.56 -6.19
N VAL A 43 -9.76 1.59 -7.06
CA VAL A 43 -9.40 2.98 -6.76
C VAL A 43 -9.69 3.35 -5.29
N ARG A 44 -8.64 3.34 -4.45
CA ARG A 44 -8.74 3.54 -3.02
C ARG A 44 -8.76 5.05 -2.73
N VAL A 45 -9.64 5.75 -3.46
CA VAL A 45 -9.89 7.19 -3.47
C VAL A 45 -8.74 8.04 -2.92
N CYS A 46 -7.63 8.06 -3.67
CA CYS A 46 -6.47 8.89 -3.35
C CYS A 46 -6.77 10.33 -3.74
N HIS A 47 -7.29 10.51 -4.95
CA HIS A 47 -7.43 11.81 -5.59
C HIS A 47 -6.08 12.47 -5.75
N GLN A 48 -6.08 13.73 -6.15
CA GLN A 48 -4.91 14.55 -6.38
C GLN A 48 -4.28 14.89 -5.01
N ASP A 49 -3.72 13.85 -4.38
CA ASP A 49 -3.29 13.84 -2.99
C ASP A 49 -1.82 13.43 -2.83
N CYS A 50 -1.56 12.25 -2.26
CA CYS A 50 -0.23 11.84 -1.85
C CYS A 50 -0.13 10.32 -1.89
N VAL A 51 1.11 9.81 -1.84
CA VAL A 51 1.41 8.39 -1.66
C VAL A 51 2.46 8.28 -0.56
N CYS A 52 2.64 7.07 0.00
CA CYS A 52 3.53 6.85 1.12
C CYS A 52 4.95 7.34 0.82
N GLU A 53 5.68 7.79 1.85
CA GLU A 53 7.10 8.07 1.71
C GLU A 53 7.86 6.77 1.37
N GLU A 54 9.00 6.91 0.70
CA GLU A 54 9.84 5.79 0.33
C GLU A 54 10.16 4.93 1.56
N GLY A 55 9.96 3.61 1.46
CA GLY A 55 10.18 2.67 2.55
C GLY A 55 8.90 2.40 3.35
N PHE A 56 7.88 3.24 3.23
CA PHE A 56 6.59 3.07 3.88
C PHE A 56 5.61 2.52 2.85
N TYR A 57 4.66 1.70 3.30
CA TYR A 57 3.74 0.96 2.46
C TYR A 57 2.35 0.97 3.09
N ARG A 58 1.31 0.92 2.27
CA ARG A 58 -0.05 0.99 2.78
C ARG A 58 -0.44 -0.33 3.45
N ASN A 59 -0.47 -0.34 4.78
CA ASN A 59 -1.04 -1.45 5.53
C ASN A 59 -2.57 -1.45 5.41
N LYS A 60 -3.17 -0.27 5.17
CA LYS A 60 -4.56 -0.10 4.82
C LYS A 60 -4.66 0.81 3.59
N ASP A 61 -4.29 2.07 3.79
CA ASP A 61 -4.46 3.13 2.80
C ASP A 61 -3.63 4.34 3.23
N ASP A 62 -4.22 5.19 4.06
CA ASP A 62 -3.50 6.29 4.70
C ASP A 62 -2.45 5.72 5.65
N LYS A 63 -2.72 4.52 6.19
CA LYS A 63 -1.83 3.82 7.10
C LYS A 63 -0.56 3.36 6.37
N CYS A 64 0.32 4.32 6.06
CA CYS A 64 1.61 4.14 5.44
C CYS A 64 2.62 3.79 6.52
N VAL A 65 3.02 2.51 6.60
CA VAL A 65 3.91 2.00 7.63
C VAL A 65 4.96 1.12 6.97
N SER A 66 6.12 0.96 7.62
CA SER A 66 7.28 0.31 7.04
C SER A 66 6.99 -1.12 6.58
N ALA A 67 7.81 -1.63 5.66
CA ALA A 67 7.82 -3.04 5.27
C ALA A 67 7.75 -3.95 6.50
N GLU A 68 8.49 -3.57 7.54
CA GLU A 68 8.50 -4.21 8.84
C GLU A 68 7.09 -4.51 9.36
N ASP A 69 6.17 -3.54 9.25
CA ASP A 69 4.79 -3.72 9.69
C ASP A 69 4.09 -4.73 8.78
N CYS A 70 4.29 -4.61 7.46
CA CYS A 70 3.74 -5.58 6.51
C CYS A 70 4.14 -6.99 6.94
N GLU A 71 5.43 -7.18 7.21
CA GLU A 71 6.02 -8.44 7.68
C GLU A 71 5.53 -8.86 9.06
N LEU A 72 4.89 -7.97 9.82
CA LEU A 72 4.41 -8.26 11.15
C LEU A 72 2.96 -8.74 11.02
N ASP A 73 2.16 -8.04 10.21
CA ASP A 73 0.84 -8.50 9.83
C ASP A 73 0.91 -9.88 9.18
N ASN A 74 1.86 -10.04 8.26
CA ASN A 74 2.23 -11.24 7.48
C ASN A 74 1.24 -12.39 7.47
N MET A 75 1.07 -13.08 8.60
CA MET A 75 0.19 -14.24 8.76
C MET A 75 -1.23 -13.92 8.26
N ASP A 76 -1.71 -12.70 8.50
CA ASP A 76 -3.02 -12.22 8.05
C ASP A 76 -3.03 -11.91 6.54
N PHE A 77 -1.86 -11.71 5.94
CA PHE A 77 -1.68 -11.35 4.53
C PHE A 77 -2.53 -10.14 4.15
N ILE A 78 -2.52 -9.13 5.02
CA ILE A 78 -3.12 -7.82 4.79
C ILE A 78 -4.54 -8.03 4.24
N TYR A 79 -5.36 -8.73 5.04
CA TYR A 79 -6.78 -9.00 4.93
C TYR A 79 -7.33 -9.02 3.47
N PRO A 80 -7.69 -10.19 2.92
CA PRO A 80 -8.31 -10.29 1.60
C PRO A 80 -9.76 -9.78 1.62
N GLY A 81 -9.91 -8.47 1.86
CA GLY A 81 -11.13 -7.70 1.88
C GLY A 81 -11.01 -6.56 0.86
N THR A 82 -9.82 -5.98 0.73
CA THR A 82 -9.49 -5.04 -0.34
C THR A 82 -9.52 -5.82 -1.65
N ARG A 83 -8.44 -6.53 -1.95
CA ARG A 83 -8.39 -7.49 -3.04
C ARG A 83 -9.07 -8.77 -2.56
N ASN A 84 -10.38 -8.70 -2.33
CA ASN A 84 -11.15 -9.88 -2.00
C ASN A 84 -11.23 -10.79 -3.23
N PRO A 85 -10.70 -12.02 -3.19
CA PRO A 85 -10.67 -12.89 -4.38
C PRO A 85 -12.07 -13.40 -4.71
N LYS A 1 3.74 14.82 7.24
CA LYS A 1 3.18 14.49 5.93
C LYS A 1 3.20 15.72 5.01
N ALA A 2 2.96 15.53 3.71
CA ALA A 2 2.78 16.70 2.83
C ALA A 2 1.52 17.46 3.26
N THR A 3 1.67 18.76 3.54
CA THR A 3 0.58 19.61 3.98
C THR A 3 -0.31 19.96 2.78
N MET A 4 -1.03 18.97 2.27
CA MET A 4 -1.99 19.07 1.18
C MET A 4 -3.11 18.09 1.48
N GLN A 5 -3.93 17.74 0.48
CA GLN A 5 -4.87 16.65 0.59
C GLN A 5 -4.05 15.38 0.72
N CYS A 6 -3.87 14.90 1.97
CA CYS A 6 -2.93 13.84 2.31
C CYS A 6 -3.46 13.12 3.54
N GLY A 7 -3.27 11.80 3.64
CA GLY A 7 -3.82 11.00 4.73
C GLY A 7 -2.87 10.96 5.91
N GLU A 8 -2.17 9.83 6.09
CA GLU A 8 -1.29 9.61 7.24
C GLU A 8 0.14 10.02 6.87
N ASN A 9 1.14 9.16 7.13
CA ASN A 9 2.54 9.36 6.82
C ASN A 9 2.75 9.29 5.30
N GLU A 10 2.26 10.31 4.60
CA GLU A 10 2.15 10.35 3.16
C GLU A 10 2.76 11.62 2.58
N LYS A 11 2.98 11.59 1.27
CA LYS A 11 3.48 12.72 0.50
C LYS A 11 2.75 12.82 -0.84
N TYR A 12 2.67 14.05 -1.35
CA TYR A 12 1.86 14.39 -2.51
C TYR A 12 2.33 13.65 -3.75
N ASP A 13 1.39 13.14 -4.53
CA ASP A 13 1.66 12.44 -5.78
C ASP A 13 0.34 12.37 -6.54
N SER A 14 0.26 13.02 -7.70
CA SER A 14 -0.95 13.02 -8.51
C SER A 14 -1.23 11.63 -9.10
N CYS A 15 -1.65 10.67 -8.29
CA CYS A 15 -2.15 9.40 -8.77
C CYS A 15 -3.02 8.66 -7.75
N GLY A 16 -3.91 9.38 -7.06
CA GLY A 16 -4.92 8.70 -6.23
C GLY A 16 -4.52 8.53 -4.78
N SER A 17 -5.34 9.09 -3.89
CA SER A 17 -5.27 8.98 -2.45
C SER A 17 -4.97 7.54 -2.02
N LYS A 18 -3.76 7.30 -1.54
CA LYS A 18 -3.25 5.99 -1.17
C LYS A 18 -3.70 4.91 -2.16
N GLU A 19 -3.47 5.18 -3.46
CA GLU A 19 -3.71 4.20 -4.51
C GLU A 19 -2.97 2.89 -4.22
N CYS A 20 -3.24 1.85 -5.01
CA CYS A 20 -2.66 0.53 -4.76
C CYS A 20 -1.20 0.39 -5.19
N ASP A 21 -0.45 1.50 -5.12
CA ASP A 21 0.99 1.59 -5.25
C ASP A 21 1.54 1.49 -3.84
N LYS A 22 2.75 0.94 -3.67
CA LYS A 22 3.29 0.60 -2.35
C LYS A 22 2.20 -0.04 -1.47
N LYS A 23 1.41 -0.93 -2.07
CA LYS A 23 0.40 -1.65 -1.32
C LYS A 23 1.11 -2.62 -0.39
N CYS A 24 0.53 -2.90 0.78
CA CYS A 24 1.16 -3.79 1.73
C CYS A 24 0.85 -5.24 1.37
N LYS A 25 1.89 -6.06 1.11
CA LYS A 25 1.73 -7.39 0.56
C LYS A 25 1.51 -8.44 1.65
N TYR A 26 2.41 -8.56 2.62
CA TYR A 26 2.41 -9.64 3.61
C TYR A 26 1.96 -10.98 3.03
N ASP A 27 2.67 -11.40 1.98
CA ASP A 27 2.47 -12.61 1.21
C ASP A 27 0.99 -12.88 0.85
N GLY A 28 0.26 -13.58 1.70
CA GLY A 28 -1.11 -13.98 1.48
C GLY A 28 -2.11 -12.87 1.81
N VAL A 29 -1.65 -11.73 2.34
CA VAL A 29 -2.51 -10.65 2.80
C VAL A 29 -3.42 -11.24 3.91
N GLU A 30 -4.68 -11.55 3.56
CA GLU A 30 -5.61 -12.30 4.37
C GLU A 30 -5.83 -13.65 3.68
N GLU A 31 -6.39 -13.63 2.47
CA GLU A 31 -6.73 -14.81 1.68
C GLU A 31 -6.45 -14.57 0.20
N GLU A 32 -5.25 -14.06 -0.13
CA GLU A 32 -4.81 -13.87 -1.51
C GLU A 32 -4.56 -15.24 -2.15
N ASP A 33 -5.65 -15.92 -2.50
CA ASP A 33 -5.68 -17.28 -3.01
C ASP A 33 -5.40 -17.28 -4.52
N ASP A 34 -6.05 -16.37 -5.25
CA ASP A 34 -5.88 -16.16 -6.68
C ASP A 34 -6.44 -14.79 -7.03
N GLU A 35 -5.95 -13.77 -6.33
CA GLU A 35 -6.39 -12.39 -6.46
C GLU A 35 -5.14 -11.50 -6.54
N GLU A 36 -4.65 -11.25 -7.76
CA GLU A 36 -3.47 -10.41 -7.98
C GLU A 36 -3.57 -9.15 -7.11
N PRO A 37 -2.57 -8.84 -6.28
CA PRO A 37 -2.64 -7.81 -5.24
C PRO A 37 -2.72 -6.38 -5.82
N ASN A 38 -3.88 -6.06 -6.37
CA ASN A 38 -4.24 -4.83 -7.09
C ASN A 38 -5.66 -4.98 -7.65
N VAL A 39 -6.07 -6.20 -8.03
CA VAL A 39 -7.43 -6.47 -8.48
C VAL A 39 -8.47 -6.13 -7.41
N PRO A 40 -8.49 -6.78 -6.22
CA PRO A 40 -9.43 -6.42 -5.17
C PRO A 40 -9.10 -5.03 -4.61
N CYS A 41 -7.81 -4.72 -4.48
CA CYS A 41 -7.30 -3.41 -4.07
C CYS A 41 -7.42 -2.44 -5.25
N LEU A 42 -8.63 -2.24 -5.76
CA LEU A 42 -8.91 -1.52 -7.00
C LEU A 42 -8.70 -0.01 -6.93
N VAL A 43 -7.98 0.48 -5.92
CA VAL A 43 -7.78 1.92 -5.75
C VAL A 43 -6.71 2.39 -6.74
N ARG A 44 -7.11 2.56 -7.99
CA ARG A 44 -6.33 3.21 -9.04
C ARG A 44 -7.11 4.39 -9.61
N VAL A 45 -7.88 5.07 -8.74
CA VAL A 45 -8.55 6.31 -9.07
C VAL A 45 -7.50 7.43 -9.14
N CYS A 46 -6.61 7.35 -10.13
CA CYS A 46 -5.52 8.31 -10.24
C CYS A 46 -6.08 9.69 -10.54
N HIS A 47 -5.71 10.65 -9.70
CA HIS A 47 -6.01 12.06 -9.87
C HIS A 47 -4.96 12.83 -9.06
N GLN A 48 -5.38 13.51 -7.99
CA GLN A 48 -4.49 14.26 -7.11
C GLN A 48 -4.04 13.40 -5.91
N ASP A 49 -4.27 13.93 -4.70
CA ASP A 49 -3.85 13.50 -3.36
C ASP A 49 -2.42 12.92 -3.24
N CYS A 50 -2.21 11.99 -2.31
CA CYS A 50 -0.90 11.50 -1.87
C CYS A 50 -0.77 9.98 -1.92
N VAL A 51 0.48 9.52 -1.76
CA VAL A 51 0.85 8.12 -1.55
C VAL A 51 1.92 8.07 -0.44
N CYS A 52 2.38 6.87 -0.05
CA CYS A 52 3.41 6.69 0.97
C CYS A 52 4.78 7.12 0.45
N GLU A 53 5.78 7.19 1.34
CA GLU A 53 7.17 7.40 0.96
C GLU A 53 7.72 6.17 0.21
N GLU A 54 8.79 6.38 -0.55
CA GLU A 54 9.43 5.41 -1.43
C GLU A 54 9.43 3.96 -0.91
N GLY A 55 9.95 3.73 0.30
CA GLY A 55 10.09 2.41 0.89
C GLY A 55 9.10 2.17 2.03
N PHE A 56 7.96 2.86 2.00
CA PHE A 56 6.91 2.74 3.00
C PHE A 56 5.66 2.26 2.29
N TYR A 57 4.92 1.35 2.93
CA TYR A 57 3.81 0.61 2.34
C TYR A 57 2.54 0.97 3.09
N ARG A 58 1.44 1.20 2.37
CA ARG A 58 0.18 1.62 2.98
C ARG A 58 -0.49 0.44 3.68
N ASN A 59 0.04 0.01 4.83
CA ASN A 59 -0.53 -1.12 5.55
C ASN A 59 -1.95 -0.77 5.99
N LYS A 60 -2.88 -1.70 5.76
CA LYS A 60 -4.31 -1.57 6.03
C LYS A 60 -4.82 -0.12 5.89
N ASP A 61 -5.11 0.54 7.01
CA ASP A 61 -5.80 1.82 7.06
C ASP A 61 -4.82 2.97 6.82
N ASP A 62 -4.25 3.02 5.61
CA ASP A 62 -3.19 3.94 5.22
C ASP A 62 -2.12 4.10 6.31
N LYS A 63 -1.76 3.01 6.98
CA LYS A 63 -0.62 3.01 7.87
C LYS A 63 0.61 2.90 6.97
N CYS A 64 1.08 4.04 6.47
CA CYS A 64 2.27 4.11 5.64
C CYS A 64 3.48 3.78 6.53
N VAL A 65 3.90 2.53 6.51
CA VAL A 65 4.93 1.98 7.38
C VAL A 65 5.95 1.21 6.54
N SER A 66 7.21 1.22 6.96
CA SER A 66 8.25 0.43 6.33
C SER A 66 7.88 -1.06 6.32
N ALA A 67 8.42 -1.80 5.33
CA ALA A 67 8.20 -3.23 5.12
C ALA A 67 8.18 -4.00 6.45
N GLU A 68 9.13 -3.64 7.31
CA GLU A 68 9.26 -4.04 8.72
C GLU A 68 7.91 -4.36 9.37
N ASP A 69 6.98 -3.41 9.38
CA ASP A 69 5.66 -3.63 9.98
C ASP A 69 4.80 -4.36 8.98
N CYS A 70 4.66 -3.77 7.79
CA CYS A 70 3.73 -4.18 6.76
C CYS A 70 3.75 -5.70 6.56
N GLU A 71 4.93 -6.28 6.32
CA GLU A 71 5.04 -7.68 5.95
C GLU A 71 4.57 -8.62 7.05
N LEU A 72 4.48 -8.14 8.30
CA LEU A 72 3.83 -8.87 9.37
C LEU A 72 2.35 -8.51 9.35
N ASP A 73 2.05 -7.23 9.58
CA ASP A 73 0.72 -6.68 9.80
C ASP A 73 -0.06 -7.39 10.91
N ASN A 74 -0.51 -8.60 10.63
CA ASN A 74 -1.35 -9.39 11.51
C ASN A 74 -0.97 -10.86 11.33
N MET A 75 -0.26 -11.40 12.32
CA MET A 75 0.24 -12.77 12.34
C MET A 75 -0.89 -13.82 12.26
N ASP A 76 -2.15 -13.44 12.47
CA ASP A 76 -3.28 -14.32 12.20
C ASP A 76 -3.32 -14.75 10.73
N PHE A 77 -2.78 -13.89 9.84
CA PHE A 77 -2.72 -14.13 8.40
C PHE A 77 -1.27 -14.33 7.95
N ILE A 78 -0.77 -13.46 7.05
CA ILE A 78 0.54 -13.59 6.40
C ILE A 78 0.54 -14.79 5.45
N TYR A 79 0.43 -16.02 5.98
CA TYR A 79 0.41 -17.27 5.23
C TYR A 79 1.45 -17.31 4.10
N PRO A 80 2.72 -17.61 4.43
CA PRO A 80 3.78 -17.75 3.45
C PRO A 80 3.35 -18.59 2.24
N GLY A 81 3.73 -18.18 1.03
CA GLY A 81 3.30 -18.81 -0.20
C GLY A 81 1.78 -18.99 -0.24
N THR A 82 1.03 -17.93 0.12
CA THR A 82 -0.42 -17.80 0.14
C THR A 82 -1.12 -18.69 1.18
N ARG A 83 -0.78 -19.98 1.26
CA ARG A 83 -1.48 -20.97 2.07
C ARG A 83 -0.50 -21.88 2.85
N ASN A 84 0.74 -21.44 3.03
CA ASN A 84 1.77 -22.19 3.75
C ASN A 84 1.89 -23.64 3.24
N PRO A 85 2.17 -23.84 1.95
CA PRO A 85 2.35 -25.17 1.38
C PRO A 85 3.60 -25.83 1.96
#